data_5WOE
#
_entry.id   5WOE
#
_entity_poly.entity_id   1
_entity_poly.type   'polypeptide(L)'
_entity_poly.pdbx_seq_one_letter_code
;GSNLGMWKASITSGEVTEENGEQLPCYFVMVSLQEVGGVETKNWTVPRRLSEFQNLHRKLSECVPSLKKVQLPSLSKLPF
KSIDQKFMEKSKNQLNKFLQNLLSDERLCQSEALYAFLSPSPDYL
;
_entity_poly.pdbx_strand_id   A
#
# COMPACT_ATOMS: atom_id res chain seq x y z
N GLY A 1 11.00 16.93 13.20
CA GLY A 1 10.95 15.50 12.98
C GLY A 1 9.61 15.04 12.44
N SER A 2 9.40 13.72 12.44
CA SER A 2 8.15 13.15 11.96
C SER A 2 7.16 12.95 13.09
N ASN A 3 6.02 13.62 13.01
CA ASN A 3 4.99 13.51 14.04
C ASN A 3 4.01 12.39 13.71
N LEU A 4 4.48 11.15 13.85
CA LEU A 4 3.65 9.98 13.58
C LEU A 4 3.21 9.31 14.87
N GLY A 5 2.52 8.18 14.74
CA GLY A 5 2.05 7.46 15.91
C GLY A 5 0.98 6.45 15.58
N MET A 6 -0.21 6.95 15.19
CA MET A 6 -1.31 6.07 14.84
C MET A 6 -1.86 6.41 13.46
N TRP A 7 -1.63 5.51 12.50
CA TRP A 7 -2.10 5.71 11.13
C TRP A 7 -2.96 4.55 10.68
N LYS A 8 -4.08 4.87 10.02
CA LYS A 8 -4.99 3.85 9.53
C LYS A 8 -5.07 3.88 8.00
N ALA A 9 -4.79 2.74 7.37
CA ALA A 9 -4.83 2.64 5.92
C ALA A 9 -5.65 1.43 5.47
N SER A 10 -6.37 1.58 4.37
CA SER A 10 -7.20 0.50 3.84
C SER A 10 -7.62 0.80 2.40
N ILE A 11 -7.98 -0.26 1.67
CA ILE A 11 -8.41 -0.12 0.29
C ILE A 11 -9.93 -0.04 0.18
N THR A 12 -10.41 0.82 -0.71
CA THR A 12 -11.85 0.98 -0.90
C THR A 12 -12.27 0.52 -2.30
N SER A 13 -11.49 0.90 -3.31
CA SER A 13 -11.78 0.53 -4.68
C SER A 13 -10.49 0.22 -5.44
N GLY A 14 -10.64 -0.37 -6.62
CA GLY A 14 -9.49 -0.71 -7.43
C GLY A 14 -9.76 -0.57 -8.92
N GLU A 15 -8.74 -0.15 -9.67
CA GLU A 15 -8.88 0.03 -11.11
C GLU A 15 -7.54 -0.16 -11.80
N VAL A 16 -7.58 -0.35 -13.12
CA VAL A 16 -6.37 -0.54 -13.90
C VAL A 16 -6.10 0.67 -14.79
N THR A 17 -4.89 1.22 -14.67
CA THR A 17 -4.50 2.38 -15.47
C THR A 17 -3.74 1.97 -16.72
N GLU A 18 -3.35 2.96 -17.52
CA GLU A 18 -2.61 2.69 -18.75
C GLU A 18 -1.43 3.63 -18.90
N GLU A 19 -0.30 3.10 -19.34
CA GLU A 19 0.91 3.91 -19.51
C GLU A 19 1.87 3.23 -20.48
N ASN A 20 2.45 4.01 -21.38
CA ASN A 20 3.39 3.48 -22.37
C ASN A 20 2.79 2.29 -23.10
N GLY A 21 1.47 2.28 -23.24
CA GLY A 21 0.80 1.19 -23.93
C GLY A 21 0.74 -0.07 -23.08
N GLU A 22 0.72 0.09 -21.77
CA GLU A 22 0.67 -1.05 -20.87
C GLU A 22 -0.33 -0.80 -19.74
N GLN A 23 -0.99 -1.86 -19.30
CA GLN A 23 -1.98 -1.76 -18.23
C GLN A 23 -1.41 -2.27 -16.91
N LEU A 24 -1.52 -1.46 -15.87
CA LEU A 24 -1.01 -1.83 -14.55
C LEU A 24 -2.11 -1.75 -13.50
N PRO A 25 -2.06 -2.67 -12.53
CA PRO A 25 -3.05 -2.73 -11.44
C PRO A 25 -2.93 -1.54 -10.48
N CYS A 26 -4.07 -0.93 -10.16
CA CYS A 26 -4.09 0.21 -9.25
C CYS A 26 -5.14 0.02 -8.16
N TYR A 27 -4.72 0.23 -6.91
CA TYR A 27 -5.63 0.07 -5.78
C TYR A 27 -5.62 1.33 -4.90
N PHE A 28 -6.79 1.95 -4.77
CA PHE A 28 -6.91 3.16 -3.97
C PHE A 28 -6.69 2.85 -2.49
N VAL A 29 -5.95 3.73 -1.81
CA VAL A 29 -5.66 3.55 -0.39
C VAL A 29 -6.08 4.78 0.41
N MET A 30 -6.97 4.57 1.37
CA MET A 30 -7.46 5.66 2.21
C MET A 30 -6.68 5.72 3.53
N VAL A 31 -5.89 6.77 3.69
CA VAL A 31 -5.09 6.95 4.89
C VAL A 31 -5.72 7.98 5.82
N SER A 32 -5.73 7.68 7.11
CA SER A 32 -6.31 8.57 8.11
C SER A 32 -5.39 8.72 9.32
N LEU A 33 -5.09 9.97 9.68
CA LEU A 33 -4.22 10.24 10.82
C LEU A 33 -4.97 11.00 11.91
N GLN A 34 -5.14 10.36 13.06
CA GLN A 34 -5.83 10.99 14.18
C GLN A 34 -4.85 11.69 15.11
N GLU A 35 -4.66 12.99 14.90
CA GLU A 35 -3.75 13.77 15.72
C GLU A 35 -4.40 14.15 17.04
N VAL A 36 -3.69 14.96 17.84
CA VAL A 36 -4.20 15.39 19.12
C VAL A 36 -5.60 15.97 19.00
N GLY A 37 -6.38 15.87 20.07
CA GLY A 37 -7.73 16.39 20.06
C GLY A 37 -7.81 17.81 19.54
N GLY A 38 -6.76 18.59 19.79
CA GLY A 38 -6.72 19.96 19.33
C GLY A 38 -6.87 20.08 17.83
N VAL A 39 -6.35 19.10 17.10
CA VAL A 39 -6.43 19.09 15.66
C VAL A 39 -7.43 18.06 15.16
N GLU A 40 -8.07 18.36 14.03
CA GLU A 40 -9.07 17.47 13.45
C GLU A 40 -8.39 16.34 12.66
N THR A 41 -8.92 15.13 12.82
CA THR A 41 -8.37 13.97 12.13
C THR A 41 -8.44 14.13 10.61
N LYS A 42 -7.34 13.85 9.94
CA LYS A 42 -7.28 13.97 8.49
C LYS A 42 -7.52 12.62 7.81
N ASN A 43 -8.07 12.65 6.60
CA ASN A 43 -8.35 11.44 5.86
C ASN A 43 -8.37 11.70 4.36
N TRP A 44 -7.56 10.95 3.62
CA TRP A 44 -7.47 11.11 2.18
C TRP A 44 -7.28 9.76 1.48
N THR A 45 -7.49 9.73 0.18
CA THR A 45 -7.35 8.50 -0.59
C THR A 45 -6.40 8.70 -1.77
N VAL A 46 -5.48 7.75 -1.96
CA VAL A 46 -4.51 7.83 -3.05
C VAL A 46 -4.31 6.46 -3.69
N PRO A 47 -4.22 6.46 -5.03
CA PRO A 47 -4.04 5.22 -5.81
C PRO A 47 -2.65 4.62 -5.61
N ARG A 48 -2.61 3.31 -5.38
CA ARG A 48 -1.33 2.62 -5.17
C ARG A 48 -1.17 1.47 -6.17
N ARG A 49 -0.04 1.45 -6.87
CA ARG A 49 0.23 0.42 -7.85
C ARG A 49 0.81 -0.82 -7.18
N LEU A 50 0.58 -1.99 -7.79
CA LEU A 50 1.08 -3.24 -7.25
C LEU A 50 2.58 -3.15 -6.98
N SER A 51 3.33 -2.65 -7.95
CA SER A 51 4.78 -2.52 -7.82
C SER A 51 5.13 -1.78 -6.53
N GLU A 52 4.44 -0.67 -6.29
CA GLU A 52 4.68 0.13 -5.09
C GLU A 52 4.53 -0.70 -3.82
N PHE A 53 3.45 -1.46 -3.75
CA PHE A 53 3.18 -2.31 -2.60
C PHE A 53 4.39 -3.20 -2.29
N GLN A 54 4.91 -3.85 -3.32
CA GLN A 54 6.06 -4.73 -3.15
C GLN A 54 7.28 -3.94 -2.67
N ASN A 55 7.52 -2.79 -3.28
CA ASN A 55 8.64 -1.95 -2.92
C ASN A 55 8.66 -1.68 -1.42
N LEU A 56 7.49 -1.49 -0.84
CA LEU A 56 7.37 -1.22 0.59
C LEU A 56 7.69 -2.48 1.40
N HIS A 57 7.14 -3.62 0.98
CA HIS A 57 7.38 -4.88 1.66
C HIS A 57 8.88 -5.16 1.79
N ARG A 58 9.62 -4.83 0.75
CA ARG A 58 11.07 -5.04 0.75
C ARG A 58 11.76 -4.13 1.76
N LYS A 59 11.35 -2.86 1.78
CA LYS A 59 11.93 -1.89 2.70
C LYS A 59 11.56 -2.22 4.14
N LEU A 60 10.34 -2.72 4.34
CA LEU A 60 9.87 -3.08 5.67
C LEU A 60 10.49 -4.39 6.15
N SER A 61 10.58 -5.36 5.23
CA SER A 61 11.17 -6.66 5.56
C SER A 61 12.54 -6.50 6.20
N GLU A 62 13.28 -5.48 5.75
CA GLU A 62 14.61 -5.22 6.28
C GLU A 62 14.54 -4.86 7.77
N CYS A 63 13.50 -4.14 8.14
CA CYS A 63 13.31 -3.73 9.54
C CYS A 63 12.69 -4.85 10.36
N VAL A 64 11.82 -5.63 9.73
CA VAL A 64 11.16 -6.74 10.40
C VAL A 64 11.15 -7.99 9.53
N PRO A 65 11.78 -9.07 10.04
CA PRO A 65 11.86 -10.35 9.33
C PRO A 65 10.51 -11.04 9.22
N SER A 66 9.70 -10.91 10.27
CA SER A 66 8.38 -11.53 10.31
C SER A 66 7.58 -11.18 9.06
N LEU A 67 7.75 -9.95 8.58
CA LEU A 67 7.05 -9.48 7.39
C LEU A 67 7.40 -10.33 6.18
N LYS A 68 8.62 -10.84 6.16
CA LYS A 68 9.08 -11.67 5.05
C LYS A 68 8.13 -12.85 4.83
N LYS A 69 7.44 -13.24 5.89
CA LYS A 69 6.49 -14.36 5.81
C LYS A 69 5.30 -13.99 4.93
N VAL A 70 5.00 -12.71 4.84
CA VAL A 70 3.88 -12.23 4.04
C VAL A 70 4.24 -12.23 2.55
N GLN A 71 3.34 -12.75 1.73
CA GLN A 71 3.57 -12.81 0.29
C GLN A 71 2.56 -11.93 -0.45
N LEU A 72 3.06 -11.09 -1.34
CA LEU A 72 2.21 -10.19 -2.12
C LEU A 72 2.07 -10.68 -3.55
N PRO A 73 0.97 -10.29 -4.21
CA PRO A 73 0.69 -10.67 -5.59
C PRO A 73 1.65 -10.00 -6.58
N SER A 74 1.62 -10.48 -7.83
CA SER A 74 2.49 -9.93 -8.86
C SER A 74 1.91 -10.19 -10.25
N LEU A 75 2.55 -9.63 -11.27
CA LEU A 75 2.10 -9.80 -12.65
C LEU A 75 3.25 -9.64 -13.63
N SER A 76 2.96 -9.78 -14.91
CA SER A 76 3.97 -9.65 -15.95
C SER A 76 3.63 -8.51 -16.91
N LYS A 77 4.64 -8.03 -17.63
CA LYS A 77 4.45 -6.94 -18.57
C LYS A 77 4.18 -7.48 -19.98
N LEU A 78 3.44 -8.57 -20.06
CA LEU A 78 3.11 -9.19 -21.34
C LEU A 78 1.83 -8.60 -21.92
N PRO A 79 1.70 -8.66 -23.26
CA PRO A 79 0.53 -8.13 -23.96
C PRO A 79 -0.72 -8.96 -23.71
N PHE A 80 -0.53 -10.26 -23.53
CA PHE A 80 -1.65 -11.17 -23.28
C PHE A 80 -1.96 -11.25 -21.78
N LYS A 81 -0.91 -11.20 -20.96
CA LYS A 81 -1.06 -11.26 -19.52
C LYS A 81 -1.57 -9.94 -18.97
N SER A 82 -2.82 -9.61 -19.27
CA SER A 82 -3.43 -8.37 -18.82
C SER A 82 -4.09 -8.56 -17.45
N ILE A 83 -4.44 -7.46 -16.81
CA ILE A 83 -5.09 -7.50 -15.50
C ILE A 83 -6.61 -7.65 -15.64
N ASP A 84 -7.15 -8.70 -15.03
CA ASP A 84 -8.58 -8.95 -15.09
C ASP A 84 -9.21 -8.80 -13.70
N GLN A 85 -10.53 -8.83 -13.65
CA GLN A 85 -11.26 -8.70 -12.39
C GLN A 85 -10.85 -9.79 -11.41
N LYS A 86 -10.65 -11.00 -11.93
CA LYS A 86 -10.26 -12.13 -11.10
C LYS A 86 -9.03 -11.80 -10.26
N PHE A 87 -8.02 -11.23 -10.90
CA PHE A 87 -6.79 -10.85 -10.21
C PHE A 87 -7.00 -9.59 -9.37
N MET A 88 -7.79 -8.66 -9.89
CA MET A 88 -8.07 -7.42 -9.19
C MET A 88 -8.61 -7.69 -7.79
N GLU A 89 -9.39 -8.75 -7.66
CA GLU A 89 -9.97 -9.12 -6.37
C GLU A 89 -9.01 -10.01 -5.58
N LYS A 90 -8.54 -11.07 -6.22
CA LYS A 90 -7.62 -12.00 -5.58
C LYS A 90 -6.42 -11.26 -4.97
N SER A 91 -5.95 -10.24 -5.68
CA SER A 91 -4.82 -9.45 -5.21
C SER A 91 -5.26 -8.43 -4.17
N LYS A 92 -6.40 -7.79 -4.43
CA LYS A 92 -6.93 -6.80 -3.51
C LYS A 92 -7.03 -7.35 -2.09
N ASN A 93 -7.47 -8.60 -1.98
CA ASN A 93 -7.60 -9.25 -0.68
C ASN A 93 -6.25 -9.39 0.00
N GLN A 94 -5.21 -9.60 -0.81
CA GLN A 94 -3.86 -9.76 -0.27
C GLN A 94 -3.27 -8.41 0.12
N LEU A 95 -3.62 -7.38 -0.62
CA LEU A 95 -3.13 -6.03 -0.34
C LEU A 95 -3.85 -5.41 0.85
N ASN A 96 -5.18 -5.55 0.87
CA ASN A 96 -5.99 -5.03 1.96
C ASN A 96 -5.47 -5.51 3.31
N LYS A 97 -5.23 -6.80 3.42
CA LYS A 97 -4.72 -7.40 4.65
C LYS A 97 -3.25 -7.08 4.84
N PHE A 98 -2.51 -7.00 3.74
CA PHE A 98 -1.09 -6.70 3.79
C PHE A 98 -0.83 -5.45 4.61
N LEU A 99 -1.59 -4.40 4.34
CA LEU A 99 -1.44 -3.13 5.05
C LEU A 99 -1.67 -3.32 6.55
N GLN A 100 -2.69 -4.09 6.88
CA GLN A 100 -3.02 -4.35 8.28
C GLN A 100 -1.81 -4.88 9.04
N ASN A 101 -1.08 -5.79 8.40
CA ASN A 101 0.11 -6.38 9.01
C ASN A 101 1.15 -5.30 9.33
N LEU A 102 1.18 -4.25 8.52
CA LEU A 102 2.13 -3.16 8.71
C LEU A 102 1.74 -2.32 9.92
N LEU A 103 0.45 -1.99 10.01
CA LEU A 103 -0.05 -1.18 11.11
C LEU A 103 -0.20 -2.02 12.37
N SER A 104 -0.11 -3.33 12.22
CA SER A 104 -0.25 -4.26 13.34
C SER A 104 1.08 -4.41 14.07
N ASP A 105 2.17 -4.14 13.38
CA ASP A 105 3.51 -4.24 13.96
C ASP A 105 3.98 -2.88 14.47
N GLU A 106 4.28 -2.81 15.76
CA GLU A 106 4.75 -1.57 16.37
C GLU A 106 6.02 -1.08 15.69
N ARG A 107 6.87 -2.03 15.28
CA ARG A 107 8.12 -1.69 14.62
C ARG A 107 7.88 -0.96 13.31
N LEU A 108 6.96 -1.49 12.51
CA LEU A 108 6.62 -0.88 11.22
C LEU A 108 5.80 0.39 11.42
N CYS A 109 4.98 0.41 12.47
CA CYS A 109 4.14 1.56 12.77
C CYS A 109 4.96 2.84 12.77
N GLN A 110 6.16 2.78 13.35
CA GLN A 110 7.04 3.94 13.42
C GLN A 110 7.97 3.99 12.22
N SER A 111 8.08 2.86 11.51
CA SER A 111 8.95 2.77 10.34
C SER A 111 8.54 3.80 9.29
N GLU A 112 9.45 4.71 8.98
CA GLU A 112 9.18 5.74 7.98
C GLU A 112 8.65 5.13 6.69
N ALA A 113 9.11 3.92 6.37
CA ALA A 113 8.68 3.23 5.17
C ALA A 113 7.16 3.21 5.06
N LEU A 114 6.49 3.16 6.21
CA LEU A 114 5.03 3.14 6.24
C LEU A 114 4.46 4.52 5.95
N TYR A 115 4.80 5.49 6.79
CA TYR A 115 4.32 6.86 6.63
C TYR A 115 4.55 7.35 5.20
N ALA A 116 5.66 6.92 4.61
CA ALA A 116 6.00 7.30 3.24
C ALA A 116 5.05 6.67 2.24
N PHE A 117 4.73 5.40 2.45
CA PHE A 117 3.83 4.67 1.56
C PHE A 117 2.39 5.15 1.74
N LEU A 118 2.03 5.49 2.98
CA LEU A 118 0.68 5.96 3.28
C LEU A 118 0.46 7.36 2.73
N SER A 119 1.54 8.12 2.60
CA SER A 119 1.47 9.48 2.07
C SER A 119 1.23 9.48 0.57
N PRO A 120 0.63 10.56 0.07
CA PRO A 120 0.32 10.72 -1.36
C PRO A 120 1.58 10.90 -2.21
N SER A 121 2.33 9.82 -2.39
CA SER A 121 3.56 9.87 -3.17
C SER A 121 3.51 8.86 -4.32
N PRO A 122 3.20 9.36 -5.52
CA PRO A 122 3.11 8.52 -6.72
C PRO A 122 4.48 8.02 -7.18
N ASP A 123 5.53 8.76 -6.81
CA ASP A 123 6.88 8.38 -7.18
C ASP A 123 7.55 7.58 -6.07
N TYR A 124 6.75 7.08 -5.14
CA TYR A 124 7.26 6.30 -4.02
C TYR A 124 8.08 5.12 -4.52
N LEU A 125 9.07 4.71 -3.72
CA LEU A 125 9.91 3.58 -4.07
C LEU A 125 10.21 2.72 -2.85
N GLY A 1 9.63 17.62 12.06
CA GLY A 1 8.58 17.53 13.05
C GLY A 1 7.63 16.36 12.79
N SER A 2 8.13 15.15 12.99
CA SER A 2 7.34 13.95 12.77
C SER A 2 6.46 13.64 13.98
N ASN A 3 5.15 13.78 13.80
CA ASN A 3 4.20 13.51 14.88
C ASN A 3 3.32 12.32 14.55
N LEU A 4 3.95 11.20 14.20
CA LEU A 4 3.22 9.98 13.85
C LEU A 4 2.76 9.25 15.11
N GLY A 5 2.27 8.03 14.93
CA GLY A 5 1.81 7.25 16.07
C GLY A 5 0.77 6.21 15.67
N MET A 6 -0.40 6.68 15.27
CA MET A 6 -1.49 5.78 14.87
C MET A 6 -2.00 6.16 13.48
N TRP A 7 -1.73 5.31 12.50
CA TRP A 7 -2.17 5.55 11.13
C TRP A 7 -3.00 4.38 10.62
N LYS A 8 -4.16 4.70 10.02
CA LYS A 8 -5.05 3.67 9.49
C LYS A 8 -5.08 3.73 7.96
N ALA A 9 -4.74 2.61 7.33
CA ALA A 9 -4.73 2.53 5.87
C ALA A 9 -5.52 1.32 5.38
N SER A 10 -6.32 1.51 4.34
CA SER A 10 -7.12 0.43 3.79
C SER A 10 -7.54 0.75 2.36
N ILE A 11 -7.96 -0.28 1.63
CA ILE A 11 -8.39 -0.11 0.25
C ILE A 11 -9.91 -0.01 0.15
N THR A 12 -10.39 0.86 -0.74
CA THR A 12 -11.81 1.06 -0.93
C THR A 12 -12.26 0.56 -2.31
N SER A 13 -11.49 0.91 -3.32
CA SER A 13 -11.81 0.51 -4.69
C SER A 13 -10.54 0.15 -5.45
N GLY A 14 -10.72 -0.31 -6.70
CA GLY A 14 -9.58 -0.68 -7.52
C GLY A 14 -9.83 -0.48 -8.99
N GLU A 15 -8.79 -0.09 -9.73
CA GLU A 15 -8.91 0.13 -11.16
C GLU A 15 -7.57 -0.08 -11.86
N VAL A 16 -7.63 -0.28 -13.18
CA VAL A 16 -6.42 -0.50 -13.97
C VAL A 16 -6.12 0.70 -14.86
N THR A 17 -4.92 1.24 -14.74
CA THR A 17 -4.51 2.39 -15.53
C THR A 17 -3.75 1.95 -16.78
N GLU A 18 -3.37 2.92 -17.61
CA GLU A 18 -2.63 2.62 -18.83
C GLU A 18 -1.46 3.58 -19.00
N GLU A 19 -0.32 3.04 -19.42
CA GLU A 19 0.89 3.86 -19.62
C GLU A 19 1.86 3.16 -20.56
N ASN A 20 2.46 3.93 -21.45
CA ASN A 20 3.42 3.38 -22.42
C ASN A 20 2.83 2.20 -23.16
N GLY A 21 1.50 2.21 -23.32
CA GLY A 21 0.83 1.13 -24.02
C GLY A 21 0.75 -0.14 -23.19
N GLU A 22 0.73 0.03 -21.86
CA GLU A 22 0.65 -1.11 -20.95
C GLU A 22 -0.35 -0.84 -19.84
N GLN A 23 -1.04 -1.89 -19.40
CA GLN A 23 -2.02 -1.77 -18.33
C GLN A 23 -1.46 -2.30 -17.01
N LEU A 24 -1.55 -1.47 -15.96
CA LEU A 24 -1.05 -1.86 -14.64
C LEU A 24 -2.16 -1.77 -13.60
N PRO A 25 -2.12 -2.69 -12.62
CA PRO A 25 -3.11 -2.73 -11.54
C PRO A 25 -2.98 -1.56 -10.58
N CYS A 26 -4.10 -0.95 -10.24
CA CYS A 26 -4.11 0.20 -9.34
C CYS A 26 -5.17 0.03 -8.26
N TYR A 27 -4.78 0.24 -7.00
CA TYR A 27 -5.69 0.10 -5.88
C TYR A 27 -5.68 1.35 -5.01
N PHE A 28 -6.85 1.97 -4.85
CA PHE A 28 -6.97 3.18 -4.06
C PHE A 28 -6.75 2.87 -2.57
N VAL A 29 -5.94 3.69 -1.91
CA VAL A 29 -5.66 3.51 -0.50
C VAL A 29 -6.06 4.74 0.31
N MET A 30 -6.94 4.54 1.28
CA MET A 30 -7.39 5.64 2.13
C MET A 30 -6.65 5.66 3.45
N VAL A 31 -6.02 6.80 3.76
CA VAL A 31 -5.27 6.95 5.00
C VAL A 31 -5.99 7.88 5.97
N SER A 32 -5.87 7.57 7.26
CA SER A 32 -6.51 8.38 8.29
C SER A 32 -5.60 8.52 9.50
N LEU A 33 -5.28 9.77 9.83
CA LEU A 33 -4.41 10.06 10.98
C LEU A 33 -5.16 10.86 12.04
N GLN A 34 -5.35 10.25 13.20
CA GLN A 34 -6.04 10.90 14.30
C GLN A 34 -5.05 11.49 15.30
N GLU A 35 -4.75 12.77 15.13
CA GLU A 35 -3.80 13.45 16.02
C GLU A 35 -4.50 13.92 17.29
N VAL A 36 -3.76 14.63 18.14
CA VAL A 36 -4.31 15.13 19.40
C VAL A 36 -5.62 15.88 19.17
N GLY A 37 -6.46 15.90 20.20
CA GLY A 37 -7.74 16.59 20.10
C GLY A 37 -7.60 17.99 19.51
N GLY A 38 -6.48 18.63 19.80
CA GLY A 38 -6.25 19.98 19.30
C GLY A 38 -6.31 20.06 17.79
N VAL A 39 -5.89 18.98 17.13
CA VAL A 39 -5.91 18.94 15.67
C VAL A 39 -7.02 18.03 15.16
N GLU A 40 -7.53 18.34 13.97
CA GLU A 40 -8.60 17.56 13.38
C GLU A 40 -8.05 16.37 12.59
N THR A 41 -8.70 15.22 12.74
CA THR A 41 -8.26 14.00 12.05
C THR A 41 -8.31 14.19 10.54
N LYS A 42 -7.21 13.83 9.88
CA LYS A 42 -7.12 13.95 8.43
C LYS A 42 -7.50 12.63 7.75
N ASN A 43 -8.11 12.74 6.58
CA ASN A 43 -8.52 11.55 5.82
C ASN A 43 -8.46 11.82 4.33
N TRP A 44 -7.74 10.97 3.60
CA TRP A 44 -7.61 11.11 2.16
C TRP A 44 -7.36 9.76 1.50
N THR A 45 -7.49 9.72 0.18
CA THR A 45 -7.28 8.48 -0.57
C THR A 45 -6.37 8.72 -1.78
N VAL A 46 -5.53 7.74 -2.08
CA VAL A 46 -4.62 7.84 -3.20
C VAL A 46 -4.39 6.48 -3.86
N PRO A 47 -4.36 6.45 -5.19
CA PRO A 47 -4.15 5.23 -5.96
C PRO A 47 -2.73 4.68 -5.82
N ARG A 48 -2.61 3.37 -5.69
CA ARG A 48 -1.31 2.73 -5.54
C ARG A 48 -1.15 1.59 -6.54
N ARG A 49 0.09 1.35 -6.98
CA ARG A 49 0.38 0.29 -7.92
C ARG A 49 0.95 -0.93 -7.22
N LEU A 50 0.66 -2.11 -7.77
CA LEU A 50 1.14 -3.36 -7.19
C LEU A 50 2.65 -3.31 -6.97
N SER A 51 3.36 -2.71 -7.91
CA SER A 51 4.80 -2.59 -7.82
C SER A 51 5.21 -1.82 -6.57
N GLU A 52 4.48 -0.74 -6.28
CA GLU A 52 4.75 0.09 -5.11
C GLU A 52 4.62 -0.72 -3.82
N PHE A 53 3.51 -1.46 -3.71
CA PHE A 53 3.27 -2.27 -2.53
C PHE A 53 4.46 -3.17 -2.22
N GLN A 54 4.95 -3.86 -3.24
CA GLN A 54 6.10 -4.76 -3.07
C GLN A 54 7.33 -3.99 -2.60
N ASN A 55 7.57 -2.83 -3.21
CA ASN A 55 8.72 -2.01 -2.85
C ASN A 55 8.75 -1.74 -1.35
N LEU A 56 7.59 -1.36 -0.81
CA LEU A 56 7.48 -1.08 0.62
C LEU A 56 7.69 -2.35 1.44
N HIS A 57 7.23 -3.48 0.92
CA HIS A 57 7.37 -4.76 1.60
C HIS A 57 8.84 -5.10 1.82
N ARG A 58 9.65 -4.87 0.78
CA ARG A 58 11.08 -5.16 0.86
C ARG A 58 11.76 -4.25 1.86
N LYS A 59 11.53 -2.94 1.74
CA LYS A 59 12.13 -1.97 2.64
C LYS A 59 11.77 -2.27 4.09
N LEU A 60 10.56 -2.77 4.30
CA LEU A 60 10.09 -3.10 5.65
C LEU A 60 10.66 -4.45 6.09
N SER A 61 10.71 -5.40 5.17
CA SER A 61 11.23 -6.73 5.47
C SER A 61 12.59 -6.65 6.16
N GLU A 62 13.47 -5.80 5.62
CA GLU A 62 14.80 -5.62 6.19
C GLU A 62 14.72 -5.16 7.63
N CYS A 63 13.69 -4.39 7.95
CA CYS A 63 13.50 -3.88 9.30
C CYS A 63 12.84 -4.93 10.19
N VAL A 64 11.95 -5.72 9.61
CA VAL A 64 11.24 -6.76 10.34
C VAL A 64 11.19 -8.07 9.55
N PRO A 65 11.74 -9.14 10.14
CA PRO A 65 11.77 -10.45 9.51
C PRO A 65 10.38 -11.09 9.41
N SER A 66 9.57 -10.89 10.43
CA SER A 66 8.22 -11.43 10.46
C SER A 66 7.46 -11.08 9.19
N LEU A 67 7.65 -9.84 8.73
CA LEU A 67 6.98 -9.37 7.52
C LEU A 67 7.33 -10.25 6.33
N LYS A 68 8.55 -10.78 6.33
CA LYS A 68 9.01 -11.64 5.24
C LYS A 68 8.04 -12.80 5.01
N LYS A 69 7.30 -13.17 6.06
CA LYS A 69 6.34 -14.25 5.97
C LYS A 69 5.17 -13.87 5.05
N VAL A 70 4.91 -12.56 4.94
CA VAL A 70 3.83 -12.08 4.09
C VAL A 70 4.22 -12.15 2.61
N GLN A 71 3.27 -12.58 1.78
CA GLN A 71 3.51 -12.71 0.35
C GLN A 71 2.51 -11.86 -0.44
N LEU A 72 3.02 -10.97 -1.28
CA LEU A 72 2.17 -10.12 -2.10
C LEU A 72 2.03 -10.67 -3.51
N PRO A 73 0.94 -10.30 -4.19
CA PRO A 73 0.67 -10.74 -5.56
C PRO A 73 1.62 -10.11 -6.57
N SER A 74 1.61 -10.63 -7.80
CA SER A 74 2.47 -10.12 -8.85
C SER A 74 1.87 -10.39 -10.23
N LEU A 75 2.54 -9.91 -11.26
CA LEU A 75 2.08 -10.10 -12.63
C LEU A 75 3.23 -10.05 -13.62
N SER A 76 2.92 -10.23 -14.90
CA SER A 76 3.94 -10.21 -15.94
C SER A 76 3.70 -9.06 -16.91
N LYS A 77 4.72 -8.76 -17.72
CA LYS A 77 4.62 -7.68 -18.69
C LYS A 77 4.23 -8.22 -20.07
N LEU A 78 3.44 -9.28 -20.07
CA LEU A 78 2.99 -9.90 -21.32
C LEU A 78 1.68 -9.26 -21.80
N PRO A 79 1.46 -9.31 -23.12
CA PRO A 79 0.25 -8.74 -23.73
C PRO A 79 -1.01 -9.53 -23.39
N PHE A 80 -0.93 -10.85 -23.54
CA PHE A 80 -2.06 -11.72 -23.24
C PHE A 80 -2.35 -11.75 -21.74
N LYS A 81 -1.29 -11.74 -20.94
CA LYS A 81 -1.42 -11.76 -19.50
C LYS A 81 -1.83 -10.38 -18.96
N SER A 82 -3.03 -9.95 -19.30
CA SER A 82 -3.54 -8.65 -18.87
C SER A 82 -4.25 -8.77 -17.52
N ILE A 83 -4.42 -7.64 -16.85
CA ILE A 83 -5.08 -7.61 -15.56
C ILE A 83 -6.58 -7.84 -15.69
N ASP A 84 -7.06 -8.96 -15.18
CA ASP A 84 -8.48 -9.30 -15.24
C ASP A 84 -9.19 -8.93 -13.94
N GLN A 85 -10.48 -9.23 -13.86
CA GLN A 85 -11.26 -8.92 -12.68
C GLN A 85 -10.91 -9.85 -11.52
N LYS A 86 -10.82 -11.15 -11.82
CA LYS A 86 -10.49 -12.14 -10.81
C LYS A 86 -9.20 -11.75 -10.08
N PHE A 87 -8.25 -11.18 -10.81
CA PHE A 87 -6.98 -10.78 -10.22
C PHE A 87 -7.16 -9.52 -9.37
N MET A 88 -7.93 -8.56 -9.89
CA MET A 88 -8.17 -7.32 -9.17
C MET A 88 -8.66 -7.59 -7.76
N GLU A 89 -9.50 -8.62 -7.61
CA GLU A 89 -10.04 -8.99 -6.31
C GLU A 89 -9.10 -9.93 -5.57
N LYS A 90 -8.62 -10.95 -6.28
CA LYS A 90 -7.71 -11.92 -5.69
C LYS A 90 -6.53 -11.23 -5.02
N SER A 91 -5.98 -10.22 -5.69
CA SER A 91 -4.84 -9.48 -5.17
C SER A 91 -5.30 -8.47 -4.11
N LYS A 92 -6.43 -7.83 -4.37
CA LYS A 92 -6.98 -6.84 -3.44
C LYS A 92 -7.07 -7.42 -2.03
N ASN A 93 -7.43 -8.68 -1.94
CA ASN A 93 -7.56 -9.35 -0.64
C ASN A 93 -6.21 -9.46 0.05
N GLN A 94 -5.16 -9.64 -0.74
CA GLN A 94 -3.80 -9.76 -0.22
C GLN A 94 -3.25 -8.39 0.17
N LEU A 95 -3.62 -7.37 -0.59
CA LEU A 95 -3.16 -6.02 -0.33
C LEU A 95 -3.89 -5.41 0.85
N ASN A 96 -5.21 -5.52 0.85
CA ASN A 96 -6.04 -4.99 1.92
C ASN A 96 -5.53 -5.46 3.29
N LYS A 97 -5.20 -6.75 3.38
CA LYS A 97 -4.70 -7.34 4.61
C LYS A 97 -3.23 -7.02 4.80
N PHE A 98 -2.49 -6.93 3.69
CA PHE A 98 -1.07 -6.63 3.73
C PHE A 98 -0.80 -5.39 4.57
N LEU A 99 -1.56 -4.32 4.30
CA LEU A 99 -1.41 -3.07 5.03
C LEU A 99 -1.64 -3.27 6.53
N GLN A 100 -2.64 -4.07 6.86
CA GLN A 100 -2.96 -4.35 8.25
C GLN A 100 -1.74 -4.88 9.00
N ASN A 101 -1.02 -5.79 8.36
CA ASN A 101 0.17 -6.38 8.97
C ASN A 101 1.20 -5.31 9.30
N LEU A 102 1.22 -4.25 8.50
CA LEU A 102 2.16 -3.15 8.70
C LEU A 102 1.78 -2.34 9.94
N LEU A 103 0.50 -1.99 10.05
CA LEU A 103 0.02 -1.21 11.19
C LEU A 103 -0.13 -2.10 12.42
N SER A 104 -0.06 -3.41 12.22
CA SER A 104 -0.18 -4.36 13.32
C SER A 104 1.14 -4.52 14.05
N ASP A 105 2.24 -4.21 13.37
CA ASP A 105 3.57 -4.32 13.94
C ASP A 105 4.05 -2.96 14.46
N GLU A 106 4.38 -2.90 15.74
CA GLU A 106 4.86 -1.66 16.34
C GLU A 106 6.13 -1.17 15.66
N ARG A 107 6.96 -2.12 15.25
CA ARG A 107 8.22 -1.78 14.58
C ARG A 107 7.96 -1.01 13.29
N LEU A 108 7.03 -1.51 12.48
CA LEU A 108 6.69 -0.86 11.22
C LEU A 108 5.87 0.41 11.46
N CYS A 109 5.06 0.39 12.51
CA CYS A 109 4.22 1.53 12.85
C CYS A 109 5.04 2.81 12.88
N GLN A 110 6.24 2.73 13.46
CA GLN A 110 7.11 3.89 13.57
C GLN A 110 8.03 3.98 12.35
N SER A 111 8.13 2.89 11.59
CA SER A 111 8.98 2.85 10.41
C SER A 111 8.53 3.90 9.40
N GLU A 112 9.40 4.89 9.16
CA GLU A 112 9.10 5.95 8.22
C GLU A 112 8.64 5.38 6.88
N ALA A 113 9.15 4.21 6.53
CA ALA A 113 8.79 3.55 5.28
C ALA A 113 7.28 3.50 5.09
N LEU A 114 6.56 3.39 6.21
CA LEU A 114 5.10 3.33 6.17
C LEU A 114 4.50 4.74 6.04
N TYR A 115 4.92 5.63 6.94
CA TYR A 115 4.42 7.00 6.92
C TYR A 115 4.54 7.61 5.53
N ALA A 116 5.57 7.20 4.81
CA ALA A 116 5.80 7.70 3.45
C ALA A 116 4.91 6.99 2.45
N PHE A 117 4.81 5.67 2.58
CA PHE A 117 3.98 4.86 1.68
C PHE A 117 2.50 5.24 1.81
N LEU A 118 2.09 5.57 3.03
CA LEU A 118 0.70 5.94 3.29
C LEU A 118 0.41 7.34 2.74
N SER A 119 1.44 8.17 2.67
CA SER A 119 1.29 9.53 2.17
C SER A 119 1.01 9.53 0.67
N PRO A 120 0.42 10.64 0.18
CA PRO A 120 0.09 10.79 -1.23
C PRO A 120 1.33 10.94 -2.11
N SER A 121 2.02 9.83 -2.33
CA SER A 121 3.23 9.83 -3.16
C SER A 121 3.11 8.84 -4.30
N PRO A 122 2.75 9.36 -5.49
CA PRO A 122 2.59 8.54 -6.69
C PRO A 122 3.92 8.01 -7.22
N ASP A 123 5.00 8.72 -6.89
CA ASP A 123 6.33 8.32 -7.34
C ASP A 123 7.06 7.54 -6.24
N TYR A 124 6.29 7.09 -5.24
CA TYR A 124 6.86 6.34 -4.13
C TYR A 124 7.68 5.15 -4.63
N LEU A 125 8.74 4.82 -3.92
CA LEU A 125 9.60 3.70 -4.29
C LEU A 125 9.68 2.67 -3.17
N GLY A 1 11.43 16.95 13.05
CA GLY A 1 10.99 15.56 13.01
C GLY A 1 9.50 15.43 12.74
N SER A 2 9.07 14.21 12.40
CA SER A 2 7.67 13.96 12.11
C SER A 2 6.90 13.67 13.40
N ASN A 3 5.57 13.74 13.31
CA ASN A 3 4.72 13.49 14.46
C ASN A 3 3.74 12.34 14.18
N LEU A 4 4.30 11.17 13.90
CA LEU A 4 3.48 10.00 13.62
C LEU A 4 2.96 9.36 14.90
N GLY A 5 2.32 8.21 14.77
CA GLY A 5 1.79 7.52 15.92
C GLY A 5 0.72 6.49 15.56
N MET A 6 -0.43 6.98 15.12
CA MET A 6 -1.53 6.11 14.73
C MET A 6 -2.01 6.42 13.31
N TRP A 7 -1.74 5.52 12.39
CA TRP A 7 -2.15 5.70 11.00
C TRP A 7 -2.97 4.51 10.51
N LYS A 8 -4.14 4.79 9.95
CA LYS A 8 -5.02 3.75 9.44
C LYS A 8 -5.04 3.75 7.92
N ALA A 9 -4.67 2.62 7.32
CA ALA A 9 -4.65 2.50 5.86
C ALA A 9 -5.47 1.31 5.40
N SER A 10 -6.21 1.49 4.32
CA SER A 10 -7.05 0.42 3.78
C SER A 10 -7.49 0.74 2.36
N ILE A 11 -7.90 -0.28 1.61
CA ILE A 11 -8.35 -0.11 0.23
C ILE A 11 -9.87 -0.04 0.16
N THR A 12 -10.37 0.85 -0.70
CA THR A 12 -11.81 1.02 -0.87
C THR A 12 -12.26 0.56 -2.24
N SER A 13 -11.48 0.90 -3.27
CA SER A 13 -11.79 0.52 -4.63
C SER A 13 -10.52 0.16 -5.40
N GLY A 14 -10.70 -0.26 -6.66
CA GLY A 14 -9.57 -0.64 -7.47
C GLY A 14 -9.84 -0.44 -8.96
N GLU A 15 -8.81 -0.06 -9.71
CA GLU A 15 -8.94 0.16 -11.14
C GLU A 15 -7.61 -0.04 -11.85
N VAL A 16 -7.67 -0.24 -13.16
CA VAL A 16 -6.46 -0.45 -13.96
C VAL A 16 -6.17 0.76 -14.85
N THR A 17 -4.96 1.30 -14.72
CA THR A 17 -4.56 2.46 -15.50
C THR A 17 -3.80 2.03 -16.76
N GLU A 18 -3.42 3.01 -17.57
CA GLU A 18 -2.69 2.74 -18.81
C GLU A 18 -1.50 3.69 -18.97
N GLU A 19 -0.37 3.15 -19.40
CA GLU A 19 0.83 3.94 -19.59
C GLU A 19 1.80 3.26 -20.55
N ASN A 20 2.38 4.04 -21.45
CA ASN A 20 3.33 3.51 -22.43
C ASN A 20 2.72 2.33 -23.19
N GLY A 21 1.40 2.35 -23.33
CA GLY A 21 0.71 1.27 -24.03
C GLY A 21 0.62 0.00 -23.21
N GLU A 22 0.62 0.15 -21.89
CA GLU A 22 0.55 -1.00 -21.00
C GLU A 22 -0.44 -0.74 -19.85
N GLN A 23 -1.12 -1.79 -19.43
CA GLN A 23 -2.10 -1.68 -18.34
C GLN A 23 -1.54 -2.22 -17.04
N LEU A 24 -1.61 -1.42 -15.98
CA LEU A 24 -1.11 -1.82 -14.68
C LEU A 24 -2.20 -1.73 -13.62
N PRO A 25 -2.16 -2.66 -12.65
CA PRO A 25 -3.14 -2.71 -11.56
C PRO A 25 -3.00 -1.54 -10.60
N CYS A 26 -4.12 -0.92 -10.26
CA CYS A 26 -4.13 0.22 -9.34
C CYS A 26 -5.18 0.04 -8.25
N TYR A 27 -4.78 0.25 -7.00
CA TYR A 27 -5.69 0.12 -5.88
C TYR A 27 -5.68 1.37 -5.00
N PHE A 28 -6.85 1.98 -4.84
CA PHE A 28 -6.97 3.19 -4.03
C PHE A 28 -6.73 2.88 -2.55
N VAL A 29 -5.95 3.72 -1.90
CA VAL A 29 -5.64 3.54 -0.48
C VAL A 29 -6.04 4.77 0.32
N MET A 30 -6.87 4.56 1.33
CA MET A 30 -7.33 5.65 2.19
C MET A 30 -6.56 5.68 3.50
N VAL A 31 -5.91 6.81 3.79
CA VAL A 31 -5.14 6.95 5.00
C VAL A 31 -5.90 7.77 6.05
N SER A 32 -5.65 7.48 7.32
CA SER A 32 -6.32 8.18 8.41
C SER A 32 -5.36 8.45 9.55
N LEU A 33 -5.13 9.73 9.85
CA LEU A 33 -4.23 10.12 10.92
C LEU A 33 -4.97 10.93 11.99
N GLN A 34 -5.09 10.34 13.17
CA GLN A 34 -5.77 11.00 14.28
C GLN A 34 -4.77 11.71 15.19
N GLU A 35 -4.57 13.00 14.94
CA GLU A 35 -3.64 13.80 15.73
C GLU A 35 -4.28 14.23 17.06
N VAL A 36 -3.55 15.03 17.82
CA VAL A 36 -4.05 15.51 19.11
C VAL A 36 -5.44 16.12 18.97
N GLY A 37 -6.22 16.06 20.05
CA GLY A 37 -7.56 16.60 20.03
C GLY A 37 -7.61 18.01 19.45
N GLY A 38 -6.55 18.77 19.66
CA GLY A 38 -6.51 20.13 19.15
C GLY A 38 -6.72 20.19 17.65
N VAL A 39 -6.26 19.17 16.94
CA VAL A 39 -6.41 19.11 15.50
C VAL A 39 -7.40 18.02 15.09
N GLU A 40 -8.12 18.26 14.00
CA GLU A 40 -9.09 17.30 13.50
C GLU A 40 -8.40 16.18 12.71
N THR A 41 -8.91 14.96 12.85
CA THR A 41 -8.34 13.81 12.15
C THR A 41 -8.38 14.01 10.65
N LYS A 42 -7.27 13.74 9.99
CA LYS A 42 -7.18 13.88 8.54
C LYS A 42 -7.46 12.55 7.84
N ASN A 43 -8.08 12.63 6.67
CA ASN A 43 -8.41 11.44 5.90
C ASN A 43 -8.38 11.72 4.40
N TRP A 44 -7.61 10.94 3.67
CA TRP A 44 -7.48 11.12 2.23
C TRP A 44 -7.25 9.78 1.53
N THR A 45 -7.47 9.74 0.23
CA THR A 45 -7.29 8.54 -0.55
C THR A 45 -6.32 8.76 -1.71
N VAL A 46 -5.51 7.76 -2.00
CA VAL A 46 -4.54 7.84 -3.09
C VAL A 46 -4.33 6.49 -3.76
N PRO A 47 -4.30 6.49 -5.10
CA PRO A 47 -4.10 5.26 -5.88
C PRO A 47 -2.68 4.71 -5.75
N ARG A 48 -2.57 3.39 -5.67
CA ARG A 48 -1.27 2.74 -5.55
C ARG A 48 -1.15 1.59 -6.55
N ARG A 49 0.09 1.32 -6.96
CA ARG A 49 0.36 0.25 -7.92
C ARG A 49 0.90 -0.98 -7.21
N LEU A 50 0.59 -2.16 -7.75
CA LEU A 50 1.06 -3.42 -7.18
C LEU A 50 2.56 -3.39 -6.95
N SER A 51 3.29 -2.87 -7.93
CA SER A 51 4.75 -2.78 -7.81
C SER A 51 5.16 -2.01 -6.57
N GLU A 52 4.38 -0.99 -6.24
CA GLU A 52 4.67 -0.17 -5.07
C GLU A 52 4.57 -0.99 -3.79
N PHE A 53 3.45 -1.69 -3.63
CA PHE A 53 3.23 -2.52 -2.45
C PHE A 53 4.41 -3.46 -2.21
N GLN A 54 4.86 -4.11 -3.27
CA GLN A 54 5.99 -5.05 -3.18
C GLN A 54 7.24 -4.32 -2.71
N ASN A 55 7.45 -3.10 -3.22
CA ASN A 55 8.62 -2.32 -2.86
C ASN A 55 8.64 -2.05 -1.35
N LEU A 56 7.56 -1.48 -0.83
CA LEU A 56 7.46 -1.17 0.59
C LEU A 56 7.76 -2.41 1.43
N HIS A 57 7.24 -3.54 1.00
CA HIS A 57 7.45 -4.81 1.72
C HIS A 57 8.94 -5.04 1.97
N ARG A 58 9.75 -4.77 0.96
CA ARG A 58 11.20 -4.95 1.07
C ARG A 58 11.79 -3.99 2.10
N LYS A 59 11.53 -2.70 1.92
CA LYS A 59 12.04 -1.69 2.83
C LYS A 59 11.62 -1.99 4.27
N LEU A 60 10.42 -2.53 4.44
CA LEU A 60 9.91 -2.86 5.76
C LEU A 60 10.55 -4.16 6.28
N SER A 61 10.73 -5.12 5.39
CA SER A 61 11.33 -6.40 5.76
C SER A 61 12.64 -6.18 6.51
N GLU A 62 13.45 -5.25 6.02
CA GLU A 62 14.74 -4.95 6.66
C GLU A 62 14.54 -4.62 8.13
N CYS A 63 13.42 -4.00 8.46
CA CYS A 63 13.12 -3.62 9.83
C CYS A 63 12.45 -4.78 10.58
N VAL A 64 11.63 -5.54 9.86
CA VAL A 64 10.93 -6.68 10.44
C VAL A 64 11.03 -7.91 9.55
N PRO A 65 11.73 -8.94 10.06
CA PRO A 65 11.91 -10.20 9.33
C PRO A 65 10.62 -11.00 9.21
N SER A 66 9.80 -10.96 10.25
CA SER A 66 8.54 -11.68 10.27
C SER A 66 7.71 -11.35 9.02
N LEU A 67 7.80 -10.10 8.58
CA LEU A 67 7.06 -9.66 7.40
C LEU A 67 7.41 -10.51 6.18
N LYS A 68 8.64 -11.03 6.16
CA LYS A 68 9.09 -11.87 5.06
C LYS A 68 8.12 -13.02 4.83
N LYS A 69 7.42 -13.43 5.88
CA LYS A 69 6.46 -14.52 5.79
C LYS A 69 5.28 -14.14 4.90
N VAL A 70 5.00 -12.85 4.82
CA VAL A 70 3.90 -12.35 4.00
C VAL A 70 4.29 -12.29 2.53
N GLN A 71 3.44 -12.84 1.67
CA GLN A 71 3.69 -12.84 0.23
C GLN A 71 2.66 -11.99 -0.51
N LEU A 72 3.14 -11.15 -1.42
CA LEU A 72 2.27 -10.29 -2.20
C LEU A 72 2.12 -10.80 -3.63
N PRO A 73 1.01 -10.44 -4.28
CA PRO A 73 0.72 -10.86 -5.66
C PRO A 73 1.64 -10.18 -6.67
N SER A 74 1.63 -10.67 -7.90
CA SER A 74 2.46 -10.10 -8.95
C SER A 74 1.88 -10.41 -10.33
N LEU A 75 2.52 -9.89 -11.37
CA LEU A 75 2.07 -10.11 -12.73
C LEU A 75 3.24 -10.08 -13.71
N SER A 76 2.94 -10.27 -14.99
CA SER A 76 3.97 -10.27 -16.02
C SER A 76 3.83 -9.05 -16.92
N LYS A 77 4.63 -9.01 -17.99
CA LYS A 77 4.59 -7.91 -18.94
C LYS A 77 4.23 -8.39 -20.33
N LEU A 78 3.38 -9.42 -20.39
CA LEU A 78 2.95 -9.98 -21.67
C LEU A 78 1.69 -9.28 -22.17
N PRO A 79 1.51 -9.29 -23.50
CA PRO A 79 0.35 -8.66 -24.14
C PRO A 79 -0.95 -9.42 -23.86
N PHE A 80 -0.84 -10.73 -23.72
CA PHE A 80 -2.01 -11.57 -23.46
C PHE A 80 -2.33 -11.59 -21.96
N LYS A 81 -1.28 -11.56 -21.14
CA LYS A 81 -1.45 -11.58 -19.69
C LYS A 81 -1.93 -10.22 -19.19
N SER A 82 -3.19 -9.91 -19.45
CA SER A 82 -3.77 -8.65 -19.03
C SER A 82 -4.37 -8.77 -17.62
N ILE A 83 -4.67 -7.63 -17.02
CA ILE A 83 -5.25 -7.61 -15.68
C ILE A 83 -6.77 -7.76 -15.73
N ASP A 84 -7.25 -8.89 -15.21
CA ASP A 84 -8.68 -9.17 -15.19
C ASP A 84 -9.26 -8.94 -13.80
N GLN A 85 -10.58 -8.71 -13.74
CA GLN A 85 -11.25 -8.48 -12.47
C GLN A 85 -10.93 -9.59 -11.47
N LYS A 86 -10.81 -10.81 -11.97
CA LYS A 86 -10.51 -11.96 -11.12
C LYS A 86 -9.22 -11.73 -10.33
N PHE A 87 -8.23 -11.12 -10.98
CA PHE A 87 -6.95 -10.84 -10.34
C PHE A 87 -7.07 -9.65 -9.40
N MET A 88 -7.69 -8.58 -9.89
CA MET A 88 -7.86 -7.36 -9.09
C MET A 88 -8.50 -7.70 -7.74
N GLU A 89 -9.41 -8.67 -7.75
CA GLU A 89 -10.09 -9.09 -6.52
C GLU A 89 -9.16 -9.92 -5.63
N LYS A 90 -8.68 -11.03 -6.18
CA LYS A 90 -7.78 -11.91 -5.45
C LYS A 90 -6.63 -11.13 -4.84
N SER A 91 -5.99 -10.30 -5.64
CA SER A 91 -4.87 -9.50 -5.18
C SER A 91 -5.30 -8.50 -4.12
N LYS A 92 -6.41 -7.81 -4.40
CA LYS A 92 -6.94 -6.82 -3.45
C LYS A 92 -7.09 -7.42 -2.06
N ASN A 93 -7.51 -8.67 -2.00
CA ASN A 93 -7.69 -9.37 -0.73
C ASN A 93 -6.36 -9.52 0.00
N GLN A 94 -5.28 -9.72 -0.77
CA GLN A 94 -3.95 -9.89 -0.20
C GLN A 94 -3.36 -8.54 0.19
N LEU A 95 -3.65 -7.52 -0.61
CA LEU A 95 -3.15 -6.18 -0.35
C LEU A 95 -3.86 -5.54 0.83
N ASN A 96 -5.19 -5.62 0.82
CA ASN A 96 -5.99 -5.05 1.90
C ASN A 96 -5.50 -5.53 3.26
N LYS A 97 -5.31 -6.84 3.39
CA LYS A 97 -4.85 -7.43 4.63
C LYS A 97 -3.35 -7.16 4.84
N PHE A 98 -2.60 -7.12 3.74
CA PHE A 98 -1.18 -6.87 3.79
C PHE A 98 -0.87 -5.60 4.59
N LEU A 99 -1.56 -4.51 4.23
CA LEU A 99 -1.36 -3.24 4.90
C LEU A 99 -1.59 -3.37 6.40
N GLN A 100 -2.61 -4.15 6.78
CA GLN A 100 -2.94 -4.36 8.18
C GLN A 100 -1.73 -4.90 8.94
N ASN A 101 -1.06 -5.88 8.35
CA ASN A 101 0.11 -6.49 8.97
C ASN A 101 1.18 -5.45 9.27
N LEU A 102 1.24 -4.42 8.43
CA LEU A 102 2.22 -3.35 8.60
C LEU A 102 1.81 -2.42 9.74
N LEU A 103 0.55 -2.02 9.75
CA LEU A 103 0.04 -1.13 10.80
C LEU A 103 -0.20 -1.91 12.09
N SER A 104 -0.01 -3.22 12.05
CA SER A 104 -0.20 -4.07 13.22
C SER A 104 1.10 -4.22 13.99
N ASP A 105 2.21 -4.04 13.30
CA ASP A 105 3.54 -4.16 13.92
C ASP A 105 4.06 -2.80 14.38
N GLU A 106 4.28 -2.66 15.68
CA GLU A 106 4.77 -1.41 16.24
C GLU A 106 6.05 -0.97 15.54
N ARG A 107 6.89 -1.94 15.19
CA ARG A 107 8.15 -1.65 14.52
C ARG A 107 7.91 -0.88 13.23
N LEU A 108 6.97 -1.35 12.43
CA LEU A 108 6.65 -0.71 11.15
C LEU A 108 5.80 0.54 11.38
N CYS A 109 4.95 0.50 12.41
CA CYS A 109 4.10 1.64 12.73
C CYS A 109 4.90 2.93 12.82
N GLN A 110 6.13 2.82 13.32
CA GLN A 110 6.99 3.98 13.45
C GLN A 110 7.98 4.08 12.28
N SER A 111 8.11 2.98 11.55
CA SER A 111 9.01 2.93 10.40
C SER A 111 8.60 3.96 9.35
N GLU A 112 9.52 4.88 9.04
CA GLU A 112 9.25 5.92 8.05
C GLU A 112 8.73 5.31 6.75
N ALA A 113 9.22 4.11 6.43
CA ALA A 113 8.80 3.42 5.21
C ALA A 113 7.28 3.38 5.10
N LEU A 114 6.61 3.27 6.25
CA LEU A 114 5.15 3.21 6.28
C LEU A 114 4.55 4.60 6.04
N TYR A 115 4.87 5.54 6.92
CA TYR A 115 4.37 6.90 6.81
C TYR A 115 4.59 7.44 5.40
N ALA A 116 5.69 7.06 4.79
CA ALA A 116 6.02 7.50 3.44
C ALA A 116 5.14 6.82 2.40
N PHE A 117 4.92 5.52 2.59
CA PHE A 117 4.09 4.75 1.66
C PHE A 117 2.62 5.16 1.77
N LEU A 118 2.20 5.49 2.99
CA LEU A 118 0.82 5.89 3.24
C LEU A 118 0.56 7.28 2.66
N SER A 119 1.61 8.09 2.57
CA SER A 119 1.48 9.44 2.05
C SER A 119 1.22 9.42 0.54
N PRO A 120 0.67 10.52 0.02
CA PRO A 120 0.37 10.66 -1.40
C PRO A 120 1.63 10.77 -2.26
N SER A 121 2.30 9.64 -2.47
CA SER A 121 3.52 9.62 -3.27
C SER A 121 3.39 8.64 -4.43
N PRO A 122 3.07 9.18 -5.62
CA PRO A 122 2.90 8.38 -6.83
C PRO A 122 4.23 7.83 -7.34
N ASP A 123 5.31 8.55 -7.08
CA ASP A 123 6.63 8.13 -7.51
C ASP A 123 7.33 7.32 -6.41
N TYR A 124 6.55 6.85 -5.45
CA TYR A 124 7.09 6.06 -4.35
C TYR A 124 7.89 4.87 -4.87
N LEU A 125 8.97 4.53 -4.17
CA LEU A 125 9.81 3.42 -4.56
C LEU A 125 9.80 2.32 -3.50
N GLY A 1 12.48 15.53 12.25
CA GLY A 1 11.94 14.42 13.01
C GLY A 1 10.52 14.05 12.56
N SER A 2 10.17 12.78 12.75
CA SER A 2 8.85 12.31 12.37
C SER A 2 7.89 12.35 13.55
N ASN A 3 6.69 12.89 13.32
CA ASN A 3 5.68 12.99 14.36
C ASN A 3 4.52 12.03 14.09
N LEU A 4 4.81 10.74 14.07
CA LEU A 4 3.80 9.73 13.81
C LEU A 4 3.39 9.04 15.11
N GLY A 5 2.60 7.97 14.99
CA GLY A 5 2.15 7.25 16.17
C GLY A 5 1.09 6.22 15.84
N MET A 6 -0.10 6.69 15.47
CA MET A 6 -1.20 5.80 15.13
C MET A 6 -1.77 6.14 13.76
N TRP A 7 -1.55 5.25 12.80
CA TRP A 7 -2.03 5.45 11.44
C TRP A 7 -2.84 4.25 10.96
N LYS A 8 -3.89 4.51 10.19
CA LYS A 8 -4.73 3.45 9.67
C LYS A 8 -4.87 3.56 8.15
N ALA A 9 -4.57 2.46 7.46
CA ALA A 9 -4.66 2.43 6.00
C ALA A 9 -5.49 1.24 5.52
N SER A 10 -6.18 1.41 4.42
CA SER A 10 -7.01 0.35 3.86
C SER A 10 -7.41 0.67 2.42
N ILE A 11 -7.88 -0.35 1.71
CA ILE A 11 -8.31 -0.17 0.32
C ILE A 11 -9.83 -0.07 0.22
N THR A 12 -10.29 0.84 -0.65
CA THR A 12 -11.72 1.05 -0.84
C THR A 12 -12.15 0.59 -2.23
N SER A 13 -11.39 0.97 -3.25
CA SER A 13 -11.70 0.60 -4.62
C SER A 13 -10.43 0.26 -5.39
N GLY A 14 -10.59 -0.16 -6.65
CA GLY A 14 -9.45 -0.50 -7.48
C GLY A 14 -9.74 -0.35 -8.95
N GLU A 15 -8.73 0.06 -9.71
CA GLU A 15 -8.88 0.25 -11.15
C GLU A 15 -7.56 0.02 -11.88
N VAL A 16 -7.64 -0.17 -13.19
CA VAL A 16 -6.44 -0.40 -14.00
C VAL A 16 -6.15 0.79 -14.89
N THR A 17 -4.90 1.25 -14.85
CA THR A 17 -4.48 2.39 -15.66
C THR A 17 -3.76 1.94 -16.92
N GLU A 18 -3.36 2.90 -17.75
CA GLU A 18 -2.66 2.60 -18.99
C GLU A 18 -1.45 3.50 -19.16
N GLU A 19 -0.33 2.93 -19.61
CA GLU A 19 0.90 3.69 -19.82
C GLU A 19 1.82 2.96 -20.78
N ASN A 20 2.39 3.71 -21.73
CA ASN A 20 3.29 3.13 -22.72
C ASN A 20 2.66 1.94 -23.41
N GLY A 21 1.33 1.95 -23.52
CA GLY A 21 0.62 0.86 -24.16
C GLY A 21 0.57 -0.38 -23.29
N GLU A 22 0.57 -0.18 -21.98
CA GLU A 22 0.52 -1.29 -21.04
C GLU A 22 -0.47 -1.01 -19.92
N GLN A 23 -1.13 -2.06 -19.42
CA GLN A 23 -2.10 -1.92 -18.34
C GLN A 23 -1.51 -2.38 -17.02
N LEU A 24 -1.61 -1.52 -16.01
CA LEU A 24 -1.09 -1.84 -14.68
C LEU A 24 -2.18 -1.75 -13.62
N PRO A 25 -2.15 -2.67 -12.65
CA PRO A 25 -3.14 -2.72 -11.57
C PRO A 25 -2.98 -1.55 -10.59
N CYS A 26 -4.09 -0.89 -10.29
CA CYS A 26 -4.07 0.25 -9.37
C CYS A 26 -5.11 0.08 -8.27
N TYR A 27 -4.68 0.27 -7.02
CA TYR A 27 -5.57 0.13 -5.89
C TYR A 27 -5.54 1.37 -5.00
N PHE A 28 -6.70 1.95 -4.77
CA PHE A 28 -6.81 3.15 -3.95
C PHE A 28 -6.61 2.82 -2.47
N VAL A 29 -5.86 3.66 -1.77
CA VAL A 29 -5.60 3.45 -0.35
C VAL A 29 -6.00 4.68 0.47
N MET A 30 -6.88 4.47 1.44
CA MET A 30 -7.35 5.56 2.29
C MET A 30 -6.59 5.57 3.61
N VAL A 31 -6.03 6.73 3.96
CA VAL A 31 -5.29 6.87 5.20
C VAL A 31 -5.99 7.82 6.16
N SER A 32 -5.91 7.52 7.45
CA SER A 32 -6.54 8.33 8.48
C SER A 32 -5.63 8.48 9.70
N LEU A 33 -5.28 9.71 10.02
CA LEU A 33 -4.41 9.99 11.16
C LEU A 33 -5.15 10.80 12.23
N GLN A 34 -5.33 10.20 13.40
CA GLN A 34 -6.02 10.88 14.50
C GLN A 34 -5.03 11.52 15.45
N GLU A 35 -4.76 12.80 15.24
CA GLU A 35 -3.82 13.53 16.09
C GLU A 35 -4.49 13.96 17.39
N VAL A 36 -3.75 14.72 18.20
CA VAL A 36 -4.28 15.22 19.47
C VAL A 36 -5.63 15.89 19.29
N GLY A 37 -6.45 15.86 20.34
CA GLY A 37 -7.76 16.47 20.27
C GLY A 37 -7.72 17.88 19.72
N GLY A 38 -6.62 18.58 19.99
CA GLY A 38 -6.48 19.94 19.51
C GLY A 38 -6.62 20.05 18.00
N VAL A 39 -6.19 19.01 17.30
CA VAL A 39 -6.27 18.98 15.85
C VAL A 39 -7.32 17.99 15.36
N GLU A 40 -7.94 18.30 14.22
CA GLU A 40 -8.97 17.44 13.66
C GLU A 40 -8.35 16.27 12.89
N THR A 41 -8.93 15.09 13.04
CA THR A 41 -8.42 13.90 12.35
C THR A 41 -8.45 14.10 10.84
N LYS A 42 -7.37 13.72 10.19
CA LYS A 42 -7.26 13.84 8.74
C LYS A 42 -7.66 12.53 8.06
N ASN A 43 -8.14 12.64 6.83
CA ASN A 43 -8.56 11.46 6.07
C ASN A 43 -8.49 11.74 4.57
N TRP A 44 -7.76 10.89 3.85
CA TRP A 44 -7.62 11.04 2.40
C TRP A 44 -7.36 9.69 1.74
N THR A 45 -7.38 9.67 0.40
CA THR A 45 -7.17 8.45 -0.35
C THR A 45 -6.23 8.70 -1.53
N VAL A 46 -5.39 7.71 -1.82
CA VAL A 46 -4.44 7.82 -2.93
C VAL A 46 -4.23 6.46 -3.60
N PRO A 47 -4.11 6.48 -4.93
CA PRO A 47 -3.89 5.26 -5.72
C PRO A 47 -2.51 4.67 -5.51
N ARG A 48 -2.42 3.34 -5.53
CA ARG A 48 -1.16 2.65 -5.34
C ARG A 48 -1.04 1.45 -6.26
N ARG A 49 0.06 1.38 -7.01
CA ARG A 49 0.28 0.28 -7.94
C ARG A 49 0.81 -0.95 -7.21
N LEU A 50 0.46 -2.12 -7.72
CA LEU A 50 0.91 -3.39 -7.12
C LEU A 50 2.42 -3.39 -6.93
N SER A 51 3.15 -2.98 -7.96
CA SER A 51 4.60 -2.94 -7.90
C SER A 51 5.08 -2.19 -6.67
N GLU A 52 4.46 -1.02 -6.42
CA GLU A 52 4.83 -0.20 -5.27
C GLU A 52 4.69 -0.99 -3.98
N PHE A 53 3.55 -1.64 -3.79
CA PHE A 53 3.31 -2.43 -2.59
C PHE A 53 4.45 -3.42 -2.34
N GLN A 54 4.86 -4.10 -3.40
CA GLN A 54 5.95 -5.07 -3.29
C GLN A 54 7.24 -4.41 -2.81
N ASN A 55 7.48 -3.20 -3.29
CA ASN A 55 8.68 -2.46 -2.92
C ASN A 55 8.68 -2.15 -1.42
N LEU A 56 7.63 -1.48 -0.96
CA LEU A 56 7.51 -1.13 0.45
C LEU A 56 7.69 -2.36 1.34
N HIS A 57 7.19 -3.49 0.87
CA HIS A 57 7.30 -4.74 1.62
C HIS A 57 8.75 -5.04 1.96
N ARG A 58 9.65 -4.79 1.02
CA ARG A 58 11.07 -5.04 1.21
C ARG A 58 11.65 -4.06 2.23
N LYS A 59 11.41 -2.77 2.02
CA LYS A 59 11.89 -1.74 2.92
C LYS A 59 11.49 -2.02 4.36
N LEU A 60 10.28 -2.56 4.53
CA LEU A 60 9.77 -2.89 5.86
C LEU A 60 10.33 -4.22 6.34
N SER A 61 10.42 -5.19 5.44
CA SER A 61 10.93 -6.51 5.77
C SER A 61 12.29 -6.41 6.47
N GLU A 62 13.09 -5.44 6.03
CA GLU A 62 14.42 -5.23 6.61
C GLU A 62 14.32 -4.91 8.09
N CYS A 63 13.27 -4.18 8.46
CA CYS A 63 13.06 -3.80 9.86
C CYS A 63 12.47 -4.96 10.66
N VAL A 64 11.62 -5.75 10.01
CA VAL A 64 11.00 -6.89 10.65
C VAL A 64 11.04 -8.12 9.76
N PRO A 65 11.64 -9.21 10.27
CA PRO A 65 11.76 -10.47 9.53
C PRO A 65 10.42 -11.17 9.37
N SER A 66 9.59 -11.11 10.41
CA SER A 66 8.27 -11.75 10.38
C SER A 66 7.50 -11.32 9.14
N LEU A 67 7.66 -10.06 8.75
CA LEU A 67 6.97 -9.52 7.58
C LEU A 67 7.37 -10.28 6.32
N LYS A 68 8.62 -10.73 6.27
CA LYS A 68 9.13 -11.47 5.12
C LYS A 68 8.25 -12.67 4.82
N LYS A 69 7.55 -13.16 5.83
CA LYS A 69 6.67 -14.31 5.68
C LYS A 69 5.48 -13.97 4.79
N VAL A 70 5.13 -12.69 4.76
CA VAL A 70 4.00 -12.23 3.94
C VAL A 70 4.33 -12.32 2.46
N GLN A 71 3.34 -12.70 1.67
CA GLN A 71 3.52 -12.83 0.21
C GLN A 71 2.52 -11.97 -0.54
N LEU A 72 3.03 -11.08 -1.39
CA LEU A 72 2.17 -10.20 -2.18
C LEU A 72 2.01 -10.72 -3.60
N PRO A 73 0.91 -10.33 -4.26
CA PRO A 73 0.61 -10.74 -5.63
C PRO A 73 1.57 -10.11 -6.64
N SER A 74 1.53 -10.61 -7.87
CA SER A 74 2.39 -10.09 -8.93
C SER A 74 1.84 -10.45 -10.30
N LEU A 75 2.52 -10.00 -11.36
CA LEU A 75 2.10 -10.27 -12.72
C LEU A 75 3.30 -10.55 -13.61
N SER A 76 3.04 -10.71 -14.91
CA SER A 76 4.11 -10.99 -15.88
C SER A 76 4.57 -9.70 -16.55
N LYS A 77 5.39 -9.84 -17.58
CA LYS A 77 5.91 -8.70 -18.32
C LYS A 77 5.64 -8.84 -19.81
N LEU A 78 4.51 -9.43 -20.16
CA LEU A 78 4.13 -9.63 -21.56
C LEU A 78 3.37 -8.42 -22.09
N PRO A 79 3.45 -8.21 -23.41
CA PRO A 79 2.77 -7.10 -24.08
C PRO A 79 1.26 -7.28 -24.11
N PHE A 80 0.81 -8.52 -24.29
CA PHE A 80 -0.62 -8.83 -24.33
C PHE A 80 -1.12 -9.28 -22.97
N LYS A 81 -0.35 -8.95 -21.93
CA LYS A 81 -0.72 -9.32 -20.57
C LYS A 81 -1.56 -8.23 -19.91
N SER A 82 -2.87 -8.30 -20.11
CA SER A 82 -3.79 -7.32 -19.53
C SER A 82 -4.22 -7.74 -18.14
N ILE A 83 -4.85 -6.81 -17.42
CA ILE A 83 -5.33 -7.09 -16.07
C ILE A 83 -6.67 -7.83 -16.09
N ASP A 84 -6.77 -8.87 -15.29
CA ASP A 84 -7.99 -9.66 -15.22
C ASP A 84 -8.81 -9.28 -13.99
N GLN A 85 -10.12 -9.18 -14.16
CA GLN A 85 -11.02 -8.82 -13.06
C GLN A 85 -10.77 -9.71 -11.85
N LYS A 86 -10.61 -11.00 -12.09
CA LYS A 86 -10.36 -11.96 -11.01
C LYS A 86 -9.07 -11.62 -10.27
N PHE A 87 -8.09 -11.11 -10.99
CA PHE A 87 -6.81 -10.74 -10.40
C PHE A 87 -6.97 -9.54 -9.47
N MET A 88 -7.69 -8.53 -9.94
CA MET A 88 -7.92 -7.32 -9.15
C MET A 88 -8.57 -7.67 -7.81
N GLU A 89 -9.43 -8.67 -7.81
CA GLU A 89 -10.12 -9.09 -6.60
C GLU A 89 -9.19 -9.91 -5.70
N LYS A 90 -8.70 -11.03 -6.23
CA LYS A 90 -7.80 -11.89 -5.49
C LYS A 90 -6.63 -11.10 -4.91
N SER A 91 -6.07 -10.21 -5.72
CA SER A 91 -4.94 -9.39 -5.29
C SER A 91 -5.38 -8.37 -4.24
N LYS A 92 -6.51 -7.73 -4.48
CA LYS A 92 -7.05 -6.73 -3.56
C LYS A 92 -7.12 -7.30 -2.14
N ASN A 93 -7.60 -8.53 -2.03
CA ASN A 93 -7.73 -9.19 -0.74
C ASN A 93 -6.37 -9.33 -0.06
N GLN A 94 -5.34 -9.54 -0.86
CA GLN A 94 -3.98 -9.70 -0.34
C GLN A 94 -3.41 -8.35 0.08
N LEU A 95 -3.77 -7.30 -0.65
CA LEU A 95 -3.28 -5.95 -0.35
C LEU A 95 -4.01 -5.38 0.87
N ASN A 96 -5.33 -5.52 0.89
CA ASN A 96 -6.13 -5.01 1.98
C ASN A 96 -5.59 -5.51 3.33
N LYS A 97 -5.34 -6.81 3.41
CA LYS A 97 -4.82 -7.40 4.64
C LYS A 97 -3.34 -7.10 4.80
N PHE A 98 -2.63 -6.99 3.68
CA PHE A 98 -1.21 -6.70 3.70
C PHE A 98 -0.92 -5.45 4.52
N LEU A 99 -1.62 -4.37 4.20
CA LEU A 99 -1.46 -3.10 4.90
C LEU A 99 -1.64 -3.28 6.41
N GLN A 100 -2.64 -4.07 6.79
CA GLN A 100 -2.91 -4.32 8.20
C GLN A 100 -1.67 -4.83 8.91
N ASN A 101 -0.99 -5.80 8.30
CA ASN A 101 0.21 -6.38 8.89
C ASN A 101 1.26 -5.31 9.13
N LEU A 102 1.24 -4.27 8.30
CA LEU A 102 2.19 -3.17 8.42
C LEU A 102 1.87 -2.30 9.63
N LEU A 103 0.60 -1.92 9.76
CA LEU A 103 0.16 -1.10 10.87
C LEU A 103 -0.01 -1.93 12.14
N SER A 104 0.15 -3.24 12.01
CA SER A 104 0.02 -4.14 13.15
C SER A 104 1.36 -4.29 13.88
N ASP A 105 2.45 -4.02 13.17
CA ASP A 105 3.77 -4.12 13.76
C ASP A 105 4.23 -2.78 14.31
N GLU A 106 4.40 -2.71 15.62
CA GLU A 106 4.82 -1.48 16.29
C GLU A 106 6.12 -0.96 15.66
N ARG A 107 7.00 -1.88 15.27
CA ARG A 107 8.27 -1.52 14.67
C ARG A 107 8.07 -0.80 13.34
N LEU A 108 7.19 -1.35 12.51
CA LEU A 108 6.90 -0.76 11.20
C LEU A 108 6.06 0.51 11.36
N CYS A 109 5.20 0.52 12.37
CA CYS A 109 4.34 1.67 12.62
C CYS A 109 5.16 2.96 12.65
N GLN A 110 6.32 2.91 13.31
CA GLN A 110 7.19 4.07 13.41
C GLN A 110 8.10 4.18 12.19
N SER A 111 8.21 3.08 11.45
CA SER A 111 9.06 3.06 10.26
C SER A 111 8.59 4.08 9.23
N GLU A 112 9.44 5.06 8.95
CA GLU A 112 9.11 6.10 7.99
C GLU A 112 8.65 5.49 6.66
N ALA A 113 9.19 4.33 6.33
CA ALA A 113 8.83 3.64 5.09
C ALA A 113 7.31 3.52 4.96
N LEU A 114 6.62 3.40 6.09
CA LEU A 114 5.17 3.29 6.09
C LEU A 114 4.52 4.65 5.88
N TYR A 115 4.82 5.59 6.78
CA TYR A 115 4.26 6.92 6.69
C TYR A 115 4.43 7.51 5.29
N ALA A 116 5.53 7.14 4.64
CA ALA A 116 5.83 7.62 3.29
C ALA A 116 4.89 6.98 2.27
N PHE A 117 4.75 5.66 2.33
CA PHE A 117 3.89 4.94 1.42
C PHE A 117 2.42 5.30 1.64
N LEU A 118 2.07 5.52 2.91
CA LEU A 118 0.70 5.88 3.26
C LEU A 118 0.37 7.29 2.81
N SER A 119 1.39 8.14 2.72
CA SER A 119 1.21 9.53 2.30
C SER A 119 1.06 9.62 0.79
N PRO A 120 0.46 10.72 0.33
CA PRO A 120 0.24 10.96 -1.10
C PRO A 120 1.54 11.24 -1.84
N SER A 121 2.34 10.20 -2.05
CA SER A 121 3.61 10.33 -2.75
C SER A 121 3.68 9.39 -3.95
N PRO A 122 3.40 9.95 -5.14
CA PRO A 122 3.41 9.18 -6.39
C PRO A 122 4.82 8.77 -6.80
N ASP A 123 5.81 9.52 -6.33
CA ASP A 123 7.20 9.23 -6.65
C ASP A 123 7.65 7.93 -6.00
N TYR A 124 7.00 7.56 -4.90
CA TYR A 124 7.33 6.33 -4.19
C TYR A 124 7.29 5.13 -5.13
N LEU A 125 8.16 4.15 -4.86
CA LEU A 125 8.23 2.95 -5.69
C LEU A 125 8.28 1.70 -4.81
N GLY A 1 8.72 19.19 13.65
CA GLY A 1 8.11 19.21 12.34
C GLY A 1 6.84 18.39 12.27
N SER A 2 7.00 17.07 12.18
CA SER A 2 5.85 16.17 12.10
C SER A 2 5.86 15.19 13.27
N ASN A 3 4.86 14.32 13.30
CA ASN A 3 4.74 13.33 14.37
C ASN A 3 3.85 12.17 13.94
N LEU A 4 4.37 10.95 14.07
CA LEU A 4 3.63 9.76 13.69
C LEU A 4 3.29 8.91 14.92
N GLY A 5 2.70 7.74 14.69
CA GLY A 5 2.34 6.86 15.79
C GLY A 5 1.11 6.03 15.47
N MET A 6 0.04 6.69 15.07
CA MET A 6 -1.21 6.01 14.74
C MET A 6 -1.69 6.37 13.34
N TRP A 7 -1.61 5.43 12.42
CA TRP A 7 -2.03 5.65 11.05
C TRP A 7 -2.92 4.51 10.55
N LYS A 8 -4.11 4.86 10.09
CA LYS A 8 -5.06 3.87 9.59
C LYS A 8 -5.13 3.90 8.07
N ALA A 9 -4.83 2.78 7.44
CA ALA A 9 -4.86 2.68 5.99
C ALA A 9 -5.62 1.44 5.53
N SER A 10 -6.35 1.57 4.43
CA SER A 10 -7.14 0.46 3.90
C SER A 10 -7.58 0.75 2.47
N ILE A 11 -7.97 -0.29 1.75
CA ILE A 11 -8.42 -0.16 0.37
C ILE A 11 -9.94 -0.14 0.29
N THR A 12 -10.47 0.71 -0.59
CA THR A 12 -11.91 0.82 -0.77
C THR A 12 -12.33 0.36 -2.16
N SER A 13 -11.58 0.78 -3.17
CA SER A 13 -11.88 0.42 -4.54
C SER A 13 -10.59 0.11 -5.32
N GLY A 14 -10.75 -0.31 -6.57
CA GLY A 14 -9.59 -0.62 -7.40
C GLY A 14 -9.86 -0.45 -8.87
N GLU A 15 -8.86 0.00 -9.61
CA GLU A 15 -9.00 0.22 -11.04
C GLU A 15 -7.66 0.03 -11.76
N VAL A 16 -7.72 -0.17 -13.07
CA VAL A 16 -6.52 -0.37 -13.87
C VAL A 16 -6.20 0.87 -14.71
N THR A 17 -4.96 1.31 -14.66
CA THR A 17 -4.52 2.48 -15.40
C THR A 17 -3.74 2.08 -16.66
N GLU A 18 -3.28 3.08 -17.40
CA GLU A 18 -2.51 2.83 -18.62
C GLU A 18 -1.28 3.73 -18.68
N GLU A 19 -0.15 3.15 -19.08
CA GLU A 19 1.09 3.91 -19.19
C GLU A 19 2.08 3.19 -20.12
N ASN A 20 2.48 3.90 -21.17
CA ASN A 20 3.42 3.33 -22.14
C ASN A 20 2.80 2.17 -22.89
N GLY A 21 1.48 2.21 -23.05
CA GLY A 21 0.78 1.15 -23.75
C GLY A 21 0.68 -0.12 -22.93
N GLU A 22 0.66 0.03 -21.62
CA GLU A 22 0.57 -1.11 -20.71
C GLU A 22 -0.44 -0.86 -19.61
N GLN A 23 -1.12 -1.93 -19.18
CA GLN A 23 -2.13 -1.83 -18.13
C GLN A 23 -1.57 -2.34 -16.80
N LEU A 24 -1.68 -1.52 -15.76
CA LEU A 24 -1.20 -1.89 -14.44
C LEU A 24 -2.32 -1.79 -13.40
N PRO A 25 -2.34 -2.76 -12.47
CA PRO A 25 -3.35 -2.80 -11.41
C PRO A 25 -3.17 -1.69 -10.39
N CYS A 26 -4.22 -0.92 -10.18
CA CYS A 26 -4.19 0.19 -9.23
C CYS A 26 -5.22 0.00 -8.12
N TYR A 27 -4.80 0.21 -6.88
CA TYR A 27 -5.70 0.06 -5.74
C TYR A 27 -5.70 1.32 -4.87
N PHE A 28 -6.87 1.90 -4.69
CA PHE A 28 -7.00 3.11 -3.88
C PHE A 28 -6.73 2.82 -2.41
N VAL A 29 -6.01 3.73 -1.76
CA VAL A 29 -5.68 3.57 -0.35
C VAL A 29 -6.14 4.78 0.47
N MET A 30 -7.05 4.54 1.40
CA MET A 30 -7.58 5.60 2.24
C MET A 30 -6.79 5.69 3.55
N VAL A 31 -5.94 6.70 3.64
CA VAL A 31 -5.12 6.91 4.84
C VAL A 31 -5.78 7.91 5.79
N SER A 32 -5.72 7.63 7.08
CA SER A 32 -6.31 8.51 8.09
C SER A 32 -5.34 8.71 9.26
N LEU A 33 -4.94 9.94 9.48
CA LEU A 33 -4.03 10.27 10.58
C LEU A 33 -4.77 10.91 11.74
N GLN A 34 -4.71 10.26 12.90
CA GLN A 34 -5.39 10.77 14.09
C GLN A 34 -4.39 11.46 15.02
N GLU A 35 -4.37 12.78 15.00
CA GLU A 35 -3.47 13.55 15.83
C GLU A 35 -4.11 13.88 17.17
N VAL A 36 -3.42 14.67 17.99
CA VAL A 36 -3.93 15.05 19.30
C VAL A 36 -5.34 15.61 19.19
N GLY A 37 -6.11 15.48 20.26
CA GLY A 37 -7.48 15.96 20.27
C GLY A 37 -7.58 17.39 19.77
N GLY A 38 -6.54 18.18 20.02
CA GLY A 38 -6.55 19.57 19.57
C GLY A 38 -6.78 19.70 18.07
N VAL A 39 -6.30 18.72 17.32
CA VAL A 39 -6.46 18.73 15.87
C VAL A 39 -7.44 17.65 15.41
N GLU A 40 -8.15 17.92 14.32
CA GLU A 40 -9.12 16.97 13.78
C GLU A 40 -8.43 15.92 12.93
N THR A 41 -8.90 14.68 13.02
CA THR A 41 -8.33 13.58 12.25
C THR A 41 -8.52 13.80 10.76
N LYS A 42 -7.45 13.64 10.00
CA LYS A 42 -7.49 13.82 8.55
C LYS A 42 -7.71 12.49 7.84
N ASN A 43 -8.30 12.54 6.66
CA ASN A 43 -8.57 11.33 5.88
C ASN A 43 -8.53 11.63 4.38
N TRP A 44 -7.70 10.88 3.66
CA TRP A 44 -7.57 11.05 2.22
C TRP A 44 -7.36 9.72 1.52
N THR A 45 -7.58 9.70 0.21
CA THR A 45 -7.41 8.48 -0.58
C THR A 45 -6.39 8.68 -1.69
N VAL A 46 -5.50 7.70 -1.86
CA VAL A 46 -4.48 7.77 -2.89
C VAL A 46 -4.29 6.41 -3.57
N PRO A 47 -4.28 6.42 -4.90
CA PRO A 47 -4.11 5.20 -5.71
C PRO A 47 -2.69 4.64 -5.59
N ARG A 48 -2.60 3.35 -5.25
CA ARG A 48 -1.30 2.70 -5.12
C ARG A 48 -1.17 1.55 -6.11
N ARG A 49 -0.02 1.45 -6.75
CA ARG A 49 0.24 0.40 -7.73
C ARG A 49 0.79 -0.84 -7.05
N LEU A 50 0.80 -1.95 -7.79
CA LEU A 50 1.30 -3.21 -7.26
C LEU A 50 2.82 -3.22 -7.20
N SER A 51 3.46 -2.71 -8.25
CA SER A 51 4.91 -2.65 -8.31
C SER A 51 5.48 -1.99 -7.06
N GLU A 52 5.03 -0.77 -6.79
CA GLU A 52 5.50 -0.03 -5.62
C GLU A 52 5.15 -0.77 -4.33
N PHE A 53 3.97 -1.38 -4.30
CA PHE A 53 3.52 -2.13 -3.13
C PHE A 53 4.56 -3.17 -2.72
N GLN A 54 5.18 -3.80 -3.70
CA GLN A 54 6.19 -4.83 -3.43
C GLN A 54 7.44 -4.21 -2.83
N ASN A 55 7.81 -3.03 -3.32
CA ASN A 55 9.00 -2.32 -2.82
C ASN A 55 8.86 -2.05 -1.32
N LEU A 56 7.74 -1.46 -0.93
CA LEU A 56 7.50 -1.13 0.47
C LEU A 56 7.71 -2.36 1.36
N HIS A 57 7.31 -3.52 0.85
CA HIS A 57 7.46 -4.77 1.60
C HIS A 57 8.92 -5.01 1.97
N ARG A 58 9.78 -5.12 0.97
CA ARG A 58 11.20 -5.34 1.20
C ARG A 58 11.76 -4.32 2.17
N LYS A 59 11.50 -3.05 1.90
CA LYS A 59 11.99 -1.97 2.75
C LYS A 59 11.60 -2.21 4.21
N LEU A 60 10.41 -2.78 4.41
CA LEU A 60 9.92 -3.06 5.76
C LEU A 60 10.54 -4.35 6.31
N SER A 61 10.77 -5.32 5.42
CA SER A 61 11.36 -6.59 5.82
C SER A 61 12.64 -6.36 6.61
N GLU A 62 13.48 -5.45 6.14
CA GLU A 62 14.75 -5.15 6.80
C GLU A 62 14.50 -4.78 8.27
N CYS A 63 13.37 -4.13 8.53
CA CYS A 63 13.02 -3.71 9.88
C CYS A 63 12.33 -4.84 10.64
N VAL A 64 11.55 -5.63 9.92
CA VAL A 64 10.84 -6.75 10.53
C VAL A 64 10.95 -8.01 9.67
N PRO A 65 11.56 -9.06 10.23
CA PRO A 65 11.75 -10.33 9.54
C PRO A 65 10.43 -11.08 9.35
N SER A 66 9.57 -11.05 10.36
CA SER A 66 8.29 -11.72 10.30
C SER A 66 7.53 -11.34 9.03
N LEU A 67 7.67 -10.08 8.62
CA LEU A 67 7.00 -9.59 7.43
C LEU A 67 7.34 -10.45 6.22
N LYS A 68 8.54 -11.02 6.22
CA LYS A 68 8.98 -11.87 5.13
C LYS A 68 7.97 -12.99 4.86
N LYS A 69 7.22 -13.36 5.90
CA LYS A 69 6.22 -14.41 5.77
C LYS A 69 5.08 -13.98 4.87
N VAL A 70 4.86 -12.67 4.78
CA VAL A 70 3.79 -12.13 3.94
C VAL A 70 4.18 -12.18 2.47
N GLN A 71 3.25 -12.65 1.64
CA GLN A 71 3.49 -12.74 0.20
C GLN A 71 2.53 -11.86 -0.58
N LEU A 72 3.08 -11.01 -1.44
CA LEU A 72 2.27 -10.11 -2.25
C LEU A 72 2.10 -10.65 -3.67
N PRO A 73 1.01 -10.24 -4.33
CA PRO A 73 0.72 -10.66 -5.70
C PRO A 73 1.68 -10.06 -6.72
N SER A 74 1.63 -10.57 -7.95
CA SER A 74 2.51 -10.09 -9.01
C SER A 74 1.93 -10.43 -10.37
N LEU A 75 2.55 -9.89 -11.42
CA LEU A 75 2.11 -10.14 -12.79
C LEU A 75 3.28 -10.07 -13.77
N SER A 76 3.05 -10.56 -14.98
CA SER A 76 4.10 -10.56 -16.01
C SER A 76 4.47 -9.13 -16.40
N LYS A 77 3.51 -8.22 -16.28
CA LYS A 77 3.72 -6.82 -16.61
C LYS A 77 4.00 -6.65 -18.10
N LEU A 78 3.34 -7.47 -18.91
CA LEU A 78 3.51 -7.42 -20.36
C LEU A 78 2.52 -6.43 -20.98
N PRO A 79 2.86 -5.92 -22.18
CA PRO A 79 2.02 -4.98 -22.91
C PRO A 79 0.74 -5.62 -23.44
N PHE A 80 0.83 -6.90 -23.77
CA PHE A 80 -0.33 -7.64 -24.29
C PHE A 80 -1.16 -8.20 -23.15
N LYS A 81 -0.49 -8.63 -22.09
CA LYS A 81 -1.18 -9.20 -20.93
C LYS A 81 -1.95 -8.13 -20.18
N SER A 82 -3.27 -8.15 -20.31
CA SER A 82 -4.13 -7.17 -19.65
C SER A 82 -4.53 -7.66 -18.26
N ILE A 83 -5.08 -6.76 -17.46
CA ILE A 83 -5.51 -7.09 -16.11
C ILE A 83 -6.81 -7.89 -16.12
N ASP A 84 -6.93 -8.83 -15.19
CA ASP A 84 -8.12 -9.66 -15.10
C ASP A 84 -8.94 -9.30 -13.86
N GLN A 85 -10.27 -9.24 -14.03
CA GLN A 85 -11.16 -8.90 -12.93
C GLN A 85 -10.87 -9.76 -11.70
N LYS A 86 -10.70 -11.06 -11.93
CA LYS A 86 -10.41 -11.99 -10.84
C LYS A 86 -9.14 -11.59 -10.10
N PHE A 87 -8.17 -11.06 -10.85
CA PHE A 87 -6.90 -10.64 -10.27
C PHE A 87 -7.08 -9.39 -9.41
N MET A 88 -7.83 -8.42 -9.95
CA MET A 88 -8.08 -7.18 -9.24
C MET A 88 -8.64 -7.45 -7.85
N GLU A 89 -9.46 -8.49 -7.74
CA GLU A 89 -10.06 -8.85 -6.45
C GLU A 89 -9.12 -9.72 -5.63
N LYS A 90 -8.66 -10.82 -6.23
CA LYS A 90 -7.75 -11.73 -5.55
C LYS A 90 -6.56 -10.98 -4.96
N SER A 91 -5.91 -10.16 -5.78
CA SER A 91 -4.77 -9.39 -5.33
C SER A 91 -5.17 -8.37 -4.26
N LYS A 92 -6.33 -7.74 -4.46
CA LYS A 92 -6.83 -6.75 -3.52
C LYS A 92 -6.93 -7.34 -2.12
N ASN A 93 -7.35 -8.60 -2.03
CA ASN A 93 -7.49 -9.27 -0.75
C ASN A 93 -6.14 -9.43 -0.07
N GLN A 94 -5.10 -9.62 -0.87
CA GLN A 94 -3.75 -9.78 -0.35
C GLN A 94 -3.16 -8.44 0.08
N LEU A 95 -3.52 -7.38 -0.65
CA LEU A 95 -3.04 -6.04 -0.35
C LEU A 95 -3.76 -5.45 0.86
N ASN A 96 -5.08 -5.60 0.88
CA ASN A 96 -5.89 -5.09 1.97
C ASN A 96 -5.37 -5.60 3.32
N LYS A 97 -5.15 -6.91 3.40
CA LYS A 97 -4.64 -7.52 4.62
C LYS A 97 -3.16 -7.20 4.83
N PHE A 98 -2.43 -7.08 3.73
CA PHE A 98 -1.01 -6.77 3.80
C PHE A 98 -0.75 -5.53 4.65
N LEU A 99 -1.49 -4.47 4.36
CA LEU A 99 -1.35 -3.21 5.09
C LEU A 99 -1.58 -3.43 6.58
N GLN A 100 -2.61 -4.20 6.92
CA GLN A 100 -2.93 -4.48 8.31
C GLN A 100 -1.71 -5.03 9.05
N ASN A 101 -0.97 -5.90 8.39
CA ASN A 101 0.22 -6.51 8.99
C ASN A 101 1.27 -5.43 9.30
N LEU A 102 1.27 -4.37 8.49
CA LEU A 102 2.22 -3.28 8.68
C LEU A 102 1.82 -2.40 9.87
N LEU A 103 0.55 -2.06 9.94
CA LEU A 103 0.03 -1.24 11.02
C LEU A 103 -0.13 -2.05 12.30
N SER A 104 -0.05 -3.38 12.17
CA SER A 104 -0.18 -4.27 13.32
C SER A 104 1.13 -4.37 14.08
N ASP A 105 2.23 -4.08 13.40
CA ASP A 105 3.55 -4.15 14.03
C ASP A 105 4.03 -2.75 14.40
N GLU A 106 4.35 -2.57 15.69
CA GLU A 106 4.82 -1.28 16.18
C GLU A 106 6.09 -0.86 15.46
N ARG A 107 6.94 -1.83 15.14
CA ARG A 107 8.19 -1.56 14.45
C ARG A 107 7.94 -0.85 13.12
N LEU A 108 6.99 -1.37 12.35
CA LEU A 108 6.65 -0.78 11.06
C LEU A 108 5.82 0.48 11.24
N CYS A 109 5.01 0.51 12.28
CA CYS A 109 4.16 1.66 12.56
C CYS A 109 4.97 2.94 12.54
N GLN A 110 6.15 2.91 13.13
CA GLN A 110 7.03 4.07 13.18
C GLN A 110 7.95 4.11 11.97
N SER A 111 8.07 2.97 11.28
CA SER A 111 8.94 2.88 10.11
C SER A 111 8.52 3.89 9.04
N GLU A 112 9.43 4.79 8.70
CA GLU A 112 9.16 5.82 7.70
C GLU A 112 8.62 5.18 6.41
N ALA A 113 9.08 3.96 6.12
CA ALA A 113 8.64 3.26 4.93
C ALA A 113 7.13 3.24 4.81
N LEU A 114 6.45 3.13 5.95
CA LEU A 114 5.00 3.10 5.98
C LEU A 114 4.42 4.51 5.83
N TYR A 115 4.82 5.41 6.73
CA TYR A 115 4.35 6.78 6.70
C TYR A 115 4.52 7.38 5.31
N ALA A 116 5.59 6.97 4.62
CA ALA A 116 5.86 7.47 3.27
C ALA A 116 4.92 6.84 2.25
N PHE A 117 4.71 5.54 2.36
CA PHE A 117 3.83 4.82 1.45
C PHE A 117 2.39 5.25 1.63
N LEU A 118 2.01 5.56 2.87
CA LEU A 118 0.65 6.00 3.17
C LEU A 118 0.41 7.41 2.65
N SER A 119 1.48 8.19 2.55
CA SER A 119 1.38 9.56 2.08
C SER A 119 1.16 9.60 0.57
N PRO A 120 0.57 10.70 0.08
CA PRO A 120 0.30 10.89 -1.35
C PRO A 120 1.57 11.09 -2.17
N SER A 121 2.30 10.00 -2.39
CA SER A 121 3.55 10.06 -3.14
C SER A 121 3.50 9.10 -4.34
N PRO A 122 3.18 9.65 -5.52
CA PRO A 122 3.09 8.86 -6.75
C PRO A 122 4.46 8.38 -7.23
N ASP A 123 5.50 9.08 -6.81
CA ASP A 123 6.86 8.72 -7.20
C ASP A 123 7.49 7.79 -6.17
N TYR A 124 6.66 7.22 -5.30
CA TYR A 124 7.14 6.32 -4.27
C TYR A 124 7.97 5.18 -4.86
N LEU A 125 8.99 4.76 -4.13
CA LEU A 125 9.86 3.68 -4.59
C LEU A 125 9.96 2.57 -3.55
N GLY A 1 9.45 17.75 10.50
CA GLY A 1 9.45 16.45 11.13
C GLY A 1 8.39 15.52 10.57
N SER A 2 8.00 14.53 11.37
CA SER A 2 6.98 13.57 10.95
C SER A 2 5.82 13.54 11.95
N ASN A 3 6.15 13.36 13.22
CA ASN A 3 5.14 13.31 14.27
C ASN A 3 4.10 12.23 13.98
N LEU A 4 4.53 10.98 14.03
CA LEU A 4 3.63 9.85 13.77
C LEU A 4 3.12 9.25 15.08
N GLY A 5 2.48 8.10 14.97
CA GLY A 5 1.95 7.44 16.14
C GLY A 5 0.87 6.42 15.81
N MET A 6 -0.30 6.92 15.38
CA MET A 6 -1.41 6.04 15.03
C MET A 6 -1.91 6.36 13.62
N TRP A 7 -1.68 5.43 12.70
CA TRP A 7 -2.11 5.60 11.31
C TRP A 7 -2.94 4.42 10.85
N LYS A 8 -3.99 4.70 10.08
CA LYS A 8 -4.87 3.66 9.57
C LYS A 8 -4.94 3.70 8.05
N ALA A 9 -4.68 2.57 7.41
CA ALA A 9 -4.71 2.47 5.95
C ALA A 9 -5.55 1.29 5.50
N SER A 10 -6.25 1.45 4.38
CA SER A 10 -7.09 0.39 3.85
C SER A 10 -7.50 0.70 2.41
N ILE A 11 -7.93 -0.34 1.69
CA ILE A 11 -8.35 -0.18 0.30
C ILE A 11 -9.86 -0.05 0.20
N THR A 12 -10.31 0.82 -0.70
CA THR A 12 -11.75 1.03 -0.90
C THR A 12 -12.19 0.53 -2.27
N SER A 13 -11.41 0.86 -3.30
CA SER A 13 -11.73 0.43 -4.66
C SER A 13 -10.46 0.09 -5.43
N GLY A 14 -10.62 -0.37 -6.66
CA GLY A 14 -9.49 -0.73 -7.49
C GLY A 14 -9.76 -0.55 -8.97
N GLU A 15 -8.75 -0.15 -9.71
CA GLU A 15 -8.89 0.07 -11.15
C GLU A 15 -7.55 -0.13 -11.86
N VAL A 16 -7.60 -0.25 -13.19
CA VAL A 16 -6.40 -0.44 -13.98
C VAL A 16 -6.12 0.79 -14.85
N THR A 17 -4.91 1.32 -14.75
CA THR A 17 -4.51 2.49 -15.52
C THR A 17 -3.79 2.08 -16.80
N GLU A 18 -3.39 3.08 -17.59
CA GLU A 18 -2.68 2.82 -18.84
C GLU A 18 -1.47 3.73 -18.98
N GLU A 19 -0.36 3.17 -19.47
CA GLU A 19 0.87 3.94 -19.65
C GLU A 19 1.78 3.26 -20.66
N ASN A 20 2.35 4.05 -21.56
CA ASN A 20 3.25 3.52 -22.58
C ASN A 20 2.60 2.38 -23.34
N GLY A 21 1.28 2.42 -23.45
CA GLY A 21 0.55 1.38 -24.15
C GLY A 21 0.46 0.09 -23.35
N GLU A 22 0.49 0.21 -22.03
CA GLU A 22 0.42 -0.95 -21.15
C GLU A 22 -0.55 -0.70 -19.99
N GLN A 23 -1.24 -1.75 -19.56
CA GLN A 23 -2.18 -1.65 -18.46
C GLN A 23 -1.59 -2.21 -17.18
N LEU A 24 -1.65 -1.42 -16.11
CA LEU A 24 -1.12 -1.84 -14.82
C LEU A 24 -2.20 -1.76 -13.74
N PRO A 25 -2.12 -2.69 -12.77
CA PRO A 25 -3.08 -2.74 -11.65
C PRO A 25 -2.92 -1.57 -10.70
N CYS A 26 -4.05 -0.98 -10.31
CA CYS A 26 -4.05 0.15 -9.39
C CYS A 26 -5.07 -0.05 -8.27
N TYR A 27 -4.62 0.17 -7.03
CA TYR A 27 -5.49 0.01 -5.88
C TYR A 27 -5.48 1.27 -5.01
N PHE A 28 -6.66 1.85 -4.82
CA PHE A 28 -6.78 3.06 -4.01
C PHE A 28 -6.57 2.75 -2.53
N VAL A 29 -5.81 3.62 -1.86
CA VAL A 29 -5.53 3.44 -0.44
C VAL A 29 -5.94 4.66 0.37
N MET A 30 -6.84 4.46 1.33
CA MET A 30 -7.32 5.55 2.18
C MET A 30 -6.55 5.59 3.50
N VAL A 31 -5.90 6.71 3.76
CA VAL A 31 -5.14 6.88 5.00
C VAL A 31 -5.78 7.91 5.91
N SER A 32 -5.76 7.64 7.21
CA SER A 32 -6.36 8.54 8.20
C SER A 32 -5.44 8.69 9.41
N LEU A 33 -5.13 9.93 9.77
CA LEU A 33 -4.27 10.22 10.91
C LEU A 33 -5.02 11.00 11.98
N GLN A 34 -5.20 10.37 13.14
CA GLN A 34 -5.91 11.01 14.25
C GLN A 34 -4.93 11.71 15.18
N GLU A 35 -4.73 13.01 14.96
CA GLU A 35 -3.83 13.79 15.79
C GLU A 35 -4.49 14.22 17.09
N VAL A 36 -3.79 15.01 17.88
CA VAL A 36 -4.31 15.49 19.16
C VAL A 36 -5.70 16.09 18.98
N GLY A 37 -6.50 16.04 20.04
CA GLY A 37 -7.85 16.59 19.99
C GLY A 37 -7.87 17.99 19.43
N GLY A 38 -6.82 18.76 19.70
CA GLY A 38 -6.75 20.12 19.21
C GLY A 38 -6.91 20.21 17.70
N VAL A 39 -6.42 19.20 17.00
CA VAL A 39 -6.51 19.17 15.54
C VAL A 39 -7.50 18.10 15.08
N GLU A 40 -8.18 18.37 13.97
CA GLU A 40 -9.16 17.44 13.42
C GLU A 40 -8.46 16.32 12.67
N THR A 41 -9.01 15.11 12.77
CA THR A 41 -8.44 13.94 12.11
C THR A 41 -8.48 14.10 10.60
N LYS A 42 -7.36 13.81 9.94
CA LYS A 42 -7.27 13.92 8.49
C LYS A 42 -7.56 12.58 7.83
N ASN A 43 -8.07 12.63 6.60
CA ASN A 43 -8.38 11.42 5.85
C ASN A 43 -8.35 11.68 4.34
N TRP A 44 -7.56 10.89 3.63
CA TRP A 44 -7.44 11.04 2.19
C TRP A 44 -7.23 9.67 1.51
N THR A 45 -7.35 9.65 0.20
CA THR A 45 -7.18 8.41 -0.56
C THR A 45 -6.24 8.62 -1.74
N VAL A 46 -5.32 7.68 -1.94
CA VAL A 46 -4.37 7.76 -3.03
C VAL A 46 -4.17 6.40 -3.70
N PRO A 47 -4.08 6.40 -5.04
CA PRO A 47 -3.90 5.17 -5.81
C PRO A 47 -2.51 4.58 -5.63
N ARG A 48 -2.44 3.24 -5.62
CA ARG A 48 -1.17 2.55 -5.45
C ARG A 48 -1.08 1.34 -6.36
N ARG A 49 0.00 1.26 -7.14
CA ARG A 49 0.20 0.16 -8.07
C ARG A 49 0.69 -1.09 -7.34
N LEU A 50 0.57 -2.24 -7.99
CA LEU A 50 1.01 -3.50 -7.39
C LEU A 50 2.49 -3.46 -7.04
N SER A 51 3.29 -2.90 -7.94
CA SER A 51 4.72 -2.79 -7.72
C SER A 51 5.03 -2.01 -6.45
N GLU A 52 4.31 -0.90 -6.26
CA GLU A 52 4.51 -0.06 -5.08
C GLU A 52 4.44 -0.90 -3.80
N PHE A 53 3.34 -1.65 -3.65
CA PHE A 53 3.15 -2.49 -2.48
C PHE A 53 4.37 -3.37 -2.23
N GLN A 54 4.85 -4.01 -3.30
CA GLN A 54 6.00 -4.89 -3.20
C GLN A 54 7.25 -4.11 -2.80
N ASN A 55 7.41 -2.92 -3.38
CA ASN A 55 8.57 -2.08 -3.09
C ASN A 55 8.65 -1.77 -1.60
N LEU A 56 7.50 -1.47 -1.00
CA LEU A 56 7.43 -1.15 0.42
C LEU A 56 7.75 -2.38 1.28
N HIS A 57 7.17 -3.52 0.89
CA HIS A 57 7.39 -4.76 1.61
C HIS A 57 8.89 -5.06 1.74
N ARG A 58 9.63 -4.80 0.68
CA ARG A 58 11.07 -5.04 0.67
C ARG A 58 11.77 -4.12 1.67
N LYS A 59 11.31 -2.87 1.75
CA LYS A 59 11.90 -1.89 2.66
C LYS A 59 11.53 -2.21 4.10
N LEU A 60 10.31 -2.69 4.30
CA LEU A 60 9.83 -3.04 5.63
C LEU A 60 10.45 -4.34 6.12
N SER A 61 10.62 -5.29 5.21
CA SER A 61 11.22 -6.58 5.54
C SER A 61 12.53 -6.40 6.28
N GLU A 62 13.37 -5.52 5.76
CA GLU A 62 14.68 -5.26 6.38
C GLU A 62 14.51 -4.80 7.83
N CYS A 63 13.43 -4.08 8.09
CA CYS A 63 13.15 -3.59 9.44
C CYS A 63 12.51 -4.67 10.30
N VAL A 64 11.69 -5.51 9.68
CA VAL A 64 11.02 -6.60 10.39
C VAL A 64 11.10 -7.90 9.60
N PRO A 65 11.70 -8.93 10.23
CA PRO A 65 11.85 -10.24 9.61
C PRO A 65 10.52 -10.98 9.47
N SER A 66 9.68 -10.88 10.49
CA SER A 66 8.38 -11.53 10.49
C SER A 66 7.60 -11.18 9.23
N LEU A 67 7.72 -9.93 8.80
CA LEU A 67 7.03 -9.47 7.59
C LEU A 67 7.38 -10.35 6.39
N LYS A 68 8.60 -10.86 6.38
CA LYS A 68 9.05 -11.72 5.29
C LYS A 68 8.10 -12.89 5.08
N LYS A 69 7.39 -13.27 6.15
CA LYS A 69 6.43 -14.37 6.08
C LYS A 69 5.25 -14.01 5.19
N VAL A 70 4.97 -12.72 5.08
CA VAL A 70 3.86 -12.25 4.26
C VAL A 70 4.20 -12.33 2.78
N GLN A 71 3.25 -12.81 1.98
CA GLN A 71 3.45 -12.94 0.55
C GLN A 71 2.47 -12.06 -0.22
N LEU A 72 3.01 -11.23 -1.11
CA LEU A 72 2.19 -10.33 -1.90
C LEU A 72 2.04 -10.85 -3.33
N PRO A 73 0.96 -10.43 -4.00
CA PRO A 73 0.67 -10.84 -5.39
C PRO A 73 1.66 -10.24 -6.38
N SER A 74 1.63 -10.74 -7.62
CA SER A 74 2.52 -10.25 -8.66
C SER A 74 1.92 -10.48 -10.04
N LEU A 75 2.62 -10.04 -11.07
CA LEU A 75 2.16 -10.20 -12.44
C LEU A 75 3.32 -10.53 -13.38
N SER A 76 3.00 -11.08 -14.55
CA SER A 76 4.01 -11.45 -15.52
C SER A 76 4.07 -10.41 -16.65
N LYS A 77 4.82 -10.74 -17.70
CA LYS A 77 4.96 -9.85 -18.84
C LYS A 77 4.55 -10.54 -20.13
N LEU A 78 3.53 -11.39 -20.04
CA LEU A 78 3.03 -12.11 -21.20
C LEU A 78 1.94 -11.32 -21.92
N PRO A 79 1.78 -11.56 -23.21
CA PRO A 79 0.78 -10.89 -24.04
C PRO A 79 -0.64 -11.32 -23.70
N PHE A 80 -0.80 -12.58 -23.31
CA PHE A 80 -2.10 -13.12 -22.94
C PHE A 80 -2.30 -13.09 -21.43
N LYS A 81 -1.50 -12.28 -20.75
CA LYS A 81 -1.60 -12.15 -19.30
C LYS A 81 -2.01 -10.74 -18.89
N SER A 82 -3.26 -10.40 -19.20
CA SER A 82 -3.77 -9.06 -18.87
C SER A 82 -4.39 -9.06 -17.48
N ILE A 83 -4.65 -7.86 -16.95
CA ILE A 83 -5.25 -7.73 -15.63
C ILE A 83 -6.77 -7.80 -15.70
N ASP A 84 -7.33 -8.88 -15.16
CA ASP A 84 -8.77 -9.07 -15.16
C ASP A 84 -9.34 -8.86 -13.76
N GLN A 85 -10.63 -8.53 -13.69
CA GLN A 85 -11.30 -8.30 -12.42
C GLN A 85 -10.97 -9.41 -11.42
N LYS A 86 -10.84 -10.63 -11.93
CA LYS A 86 -10.54 -11.78 -11.09
C LYS A 86 -9.22 -11.57 -10.33
N PHE A 87 -8.21 -11.11 -11.04
CA PHE A 87 -6.90 -10.86 -10.44
C PHE A 87 -6.98 -9.69 -9.46
N MET A 88 -7.58 -8.59 -9.91
CA MET A 88 -7.72 -7.39 -9.07
C MET A 88 -8.32 -7.75 -7.71
N GLU A 89 -9.31 -8.63 -7.73
CA GLU A 89 -9.97 -9.04 -6.50
C GLU A 89 -9.05 -9.92 -5.66
N LYS A 90 -8.59 -11.02 -6.26
CA LYS A 90 -7.70 -11.95 -5.57
C LYS A 90 -6.52 -11.21 -4.95
N SER A 91 -5.97 -10.26 -5.68
CA SER A 91 -4.83 -9.48 -5.21
C SER A 91 -5.27 -8.45 -4.17
N LYS A 92 -6.41 -7.82 -4.42
CA LYS A 92 -6.95 -6.82 -3.51
C LYS A 92 -7.02 -7.36 -2.08
N ASN A 93 -7.46 -8.60 -1.94
CA ASN A 93 -7.58 -9.24 -0.63
C ASN A 93 -6.21 -9.35 0.03
N GLN A 94 -5.19 -9.58 -0.78
CA GLN A 94 -3.82 -9.71 -0.26
C GLN A 94 -3.27 -8.35 0.14
N LEU A 95 -3.63 -7.31 -0.60
CA LEU A 95 -3.16 -5.97 -0.31
C LEU A 95 -3.89 -5.38 0.89
N ASN A 96 -5.22 -5.52 0.91
CA ASN A 96 -6.02 -5.01 2.00
C ASN A 96 -5.48 -5.49 3.35
N LYS A 97 -5.20 -6.79 3.44
CA LYS A 97 -4.68 -7.37 4.66
C LYS A 97 -3.20 -7.04 4.85
N PHE A 98 -2.48 -6.95 3.73
CA PHE A 98 -1.06 -6.64 3.76
C PHE A 98 -0.79 -5.38 4.59
N LEU A 99 -1.57 -4.34 4.33
CA LEU A 99 -1.43 -3.08 5.05
C LEU A 99 -1.64 -3.28 6.55
N GLN A 100 -2.64 -4.09 6.90
CA GLN A 100 -2.95 -4.36 8.30
C GLN A 100 -1.72 -4.88 9.03
N ASN A 101 -1.00 -5.80 8.39
CA ASN A 101 0.21 -6.38 8.98
C ASN A 101 1.22 -5.30 9.31
N LEU A 102 1.24 -4.24 8.50
CA LEU A 102 2.17 -3.14 8.70
C LEU A 102 1.78 -2.30 9.91
N LEU A 103 0.49 -1.98 10.00
CA LEU A 103 -0.02 -1.19 11.11
C LEU A 103 -0.18 -2.04 12.37
N SER A 104 0.00 -3.35 12.21
CA SER A 104 -0.13 -4.27 13.32
C SER A 104 1.21 -4.44 14.05
N ASP A 105 2.30 -4.16 13.35
CA ASP A 105 3.63 -4.27 13.92
C ASP A 105 4.06 -2.96 14.57
N GLU A 106 4.35 -3.01 15.86
CA GLU A 106 4.77 -1.83 16.60
C GLU A 106 6.00 -1.19 15.95
N ARG A 107 6.89 -2.04 15.42
CA ARG A 107 8.11 -1.56 14.78
C ARG A 107 7.79 -0.86 13.46
N LEU A 108 6.95 -1.50 12.65
CA LEU A 108 6.56 -0.93 11.36
C LEU A 108 5.73 0.33 11.54
N CYS A 109 4.94 0.36 12.61
CA CYS A 109 4.09 1.51 12.90
C CYS A 109 4.91 2.80 12.92
N GLN A 110 6.16 2.70 13.36
CA GLN A 110 7.05 3.85 13.43
C GLN A 110 7.96 3.92 12.22
N SER A 111 8.06 2.79 11.50
CA SER A 111 8.90 2.72 10.32
C SER A 111 8.51 3.78 9.30
N GLU A 112 9.42 4.73 9.05
CA GLU A 112 9.16 5.80 8.11
C GLU A 112 8.67 5.24 6.76
N ALA A 113 9.15 4.05 6.43
CA ALA A 113 8.76 3.40 5.17
C ALA A 113 7.25 3.40 4.99
N LEU A 114 6.53 3.31 6.10
CA LEU A 114 5.07 3.30 6.07
C LEU A 114 4.52 4.72 5.95
N TYR A 115 5.01 5.62 6.80
CA TYR A 115 4.57 7.01 6.78
C TYR A 115 4.64 7.59 5.37
N ALA A 116 5.62 7.13 4.60
CA ALA A 116 5.80 7.60 3.23
C ALA A 116 4.80 6.93 2.29
N PHE A 117 4.64 5.62 2.43
CA PHE A 117 3.73 4.86 1.60
C PHE A 117 2.28 5.31 1.82
N LEU A 118 1.97 5.63 3.07
CA LEU A 118 0.62 6.08 3.43
C LEU A 118 0.37 7.49 2.92
N SER A 119 1.44 8.27 2.79
CA SER A 119 1.33 9.65 2.32
C SER A 119 1.12 9.69 0.80
N PRO A 120 0.50 10.77 0.33
CA PRO A 120 0.23 10.97 -1.10
C PRO A 120 1.50 11.22 -1.91
N SER A 121 2.27 10.16 -2.13
CA SER A 121 3.51 10.25 -2.88
C SER A 121 3.50 9.31 -4.08
N PRO A 122 3.19 9.85 -5.27
CA PRO A 122 3.14 9.07 -6.51
C PRO A 122 4.52 8.62 -6.97
N ASP A 123 5.54 9.33 -6.52
CA ASP A 123 6.92 9.00 -6.89
C ASP A 123 7.55 8.07 -5.86
N TYR A 124 6.70 7.47 -5.02
CA TYR A 124 7.17 6.55 -4.00
C TYR A 124 8.04 5.44 -4.60
N LEU A 125 8.98 4.94 -3.81
CA LEU A 125 9.88 3.88 -4.27
C LEU A 125 9.66 2.61 -3.46
N GLY A 1 8.95 19.67 12.49
CA GLY A 1 9.10 18.23 12.45
C GLY A 1 7.76 17.52 12.34
N SER A 2 7.81 16.20 12.16
CA SER A 2 6.59 15.41 12.03
C SER A 2 6.26 14.71 13.33
N ASN A 3 4.99 14.32 13.49
CA ASN A 3 4.55 13.63 14.70
C ASN A 3 3.56 12.52 14.35
N LEU A 4 4.08 11.29 14.22
CA LEU A 4 3.26 10.15 13.89
C LEU A 4 2.78 9.44 15.16
N GLY A 5 2.20 8.25 14.99
CA GLY A 5 1.72 7.50 16.12
C GLY A 5 0.72 6.43 15.73
N MET A 6 -0.47 6.85 15.32
CA MET A 6 -1.52 5.91 14.91
C MET A 6 -2.04 6.25 13.52
N TRP A 7 -1.73 5.41 12.55
CA TRP A 7 -2.17 5.62 11.18
C TRP A 7 -2.97 4.43 10.67
N LYS A 8 -4.12 4.72 10.04
CA LYS A 8 -4.98 3.68 9.51
C LYS A 8 -5.02 3.72 7.98
N ALA A 9 -4.68 2.61 7.35
CA ALA A 9 -4.67 2.53 5.90
C ALA A 9 -5.47 1.31 5.42
N SER A 10 -6.18 1.48 4.31
CA SER A 10 -6.98 0.40 3.75
C SER A 10 -7.41 0.72 2.32
N ILE A 11 -7.93 -0.29 1.62
CA ILE A 11 -8.38 -0.10 0.25
C ILE A 11 -9.90 -0.07 0.16
N THR A 12 -10.43 0.82 -0.68
CA THR A 12 -11.86 0.95 -0.85
C THR A 12 -12.29 0.48 -2.23
N SER A 13 -11.53 0.85 -3.25
CA SER A 13 -11.83 0.47 -4.62
C SER A 13 -10.56 0.15 -5.40
N GLY A 14 -10.73 -0.29 -6.64
CA GLY A 14 -9.58 -0.62 -7.47
C GLY A 14 -9.85 -0.44 -8.95
N GLU A 15 -8.84 -0.03 -9.70
CA GLU A 15 -8.99 0.19 -11.13
C GLU A 15 -7.65 0.00 -11.85
N VAL A 16 -7.71 -0.21 -13.16
CA VAL A 16 -6.51 -0.40 -13.95
C VAL A 16 -6.22 0.83 -14.82
N THR A 17 -5.01 1.36 -14.69
CA THR A 17 -4.60 2.53 -15.45
C THR A 17 -3.86 2.13 -16.72
N GLU A 18 -3.45 3.13 -17.50
CA GLU A 18 -2.73 2.88 -18.74
C GLU A 18 -1.52 3.81 -18.87
N GLU A 19 -0.40 3.26 -19.32
CA GLU A 19 0.81 4.04 -19.49
C GLU A 19 1.76 3.37 -20.47
N ASN A 20 2.35 4.16 -21.37
CA ASN A 20 3.27 3.63 -22.38
C ASN A 20 2.64 2.47 -23.14
N GLY A 21 1.32 2.48 -23.26
CA GLY A 21 0.62 1.43 -23.97
C GLY A 21 0.54 0.15 -23.16
N GLU A 22 0.54 0.28 -21.84
CA GLU A 22 0.47 -0.87 -20.95
C GLU A 22 -0.52 -0.63 -19.81
N GLN A 23 -1.20 -1.69 -19.40
CA GLN A 23 -2.18 -1.59 -18.32
C GLN A 23 -1.62 -2.16 -17.02
N LEU A 24 -1.71 -1.37 -15.95
CA LEU A 24 -1.21 -1.79 -14.65
C LEU A 24 -2.30 -1.71 -13.59
N PRO A 25 -2.28 -2.65 -12.64
CA PRO A 25 -3.26 -2.70 -11.55
C PRO A 25 -3.09 -1.56 -10.56
N CYS A 26 -4.18 -0.86 -10.29
CA CYS A 26 -4.16 0.26 -9.35
C CYS A 26 -5.17 0.06 -8.24
N TYR A 27 -4.75 0.29 -7.01
CA TYR A 27 -5.62 0.13 -5.85
C TYR A 27 -5.61 1.38 -4.98
N PHE A 28 -6.80 1.95 -4.76
CA PHE A 28 -6.92 3.16 -3.95
C PHE A 28 -6.57 2.87 -2.49
N VAL A 29 -5.80 3.77 -1.88
CA VAL A 29 -5.39 3.61 -0.50
C VAL A 29 -5.85 4.80 0.35
N MET A 30 -6.78 4.54 1.26
CA MET A 30 -7.31 5.59 2.13
C MET A 30 -6.56 5.61 3.46
N VAL A 31 -5.87 6.72 3.72
CA VAL A 31 -5.11 6.87 4.96
C VAL A 31 -5.80 7.84 5.91
N SER A 32 -5.96 7.42 7.16
CA SER A 32 -6.61 8.26 8.17
C SER A 32 -5.71 8.43 9.39
N LEU A 33 -5.40 9.69 9.71
CA LEU A 33 -4.55 10.00 10.85
C LEU A 33 -5.32 10.79 11.90
N GLN A 34 -5.51 10.19 13.07
CA GLN A 34 -6.22 10.84 14.16
C GLN A 34 -5.25 11.47 15.15
N GLU A 35 -4.97 12.75 14.97
CA GLU A 35 -4.05 13.46 15.85
C GLU A 35 -4.74 13.91 17.13
N VAL A 36 -4.03 14.66 17.96
CA VAL A 36 -4.59 15.14 19.22
C VAL A 36 -5.94 15.81 19.00
N GLY A 37 -6.78 15.78 20.03
CA GLY A 37 -8.09 16.40 19.93
C GLY A 37 -8.04 17.81 19.38
N GLY A 38 -6.95 18.52 19.69
CA GLY A 38 -6.79 19.88 19.22
C GLY A 38 -6.87 19.98 17.71
N VAL A 39 -6.41 18.95 17.01
CA VAL A 39 -6.43 18.93 15.57
C VAL A 39 -7.49 17.97 15.04
N GLU A 40 -8.04 18.28 13.86
CA GLU A 40 -9.07 17.45 13.26
C GLU A 40 -8.45 16.27 12.51
N THR A 41 -9.06 15.10 12.64
CA THR A 41 -8.57 13.90 11.98
C THR A 41 -8.56 14.07 10.46
N LYS A 42 -7.43 13.77 9.84
CA LYS A 42 -7.29 13.88 8.40
C LYS A 42 -7.56 12.55 7.72
N ASN A 43 -8.08 12.60 6.49
CA ASN A 43 -8.39 11.38 5.74
C ASN A 43 -8.36 11.66 4.24
N TRP A 44 -7.57 10.89 3.52
CA TRP A 44 -7.46 11.06 2.07
C TRP A 44 -7.22 9.71 1.38
N THR A 45 -7.40 9.68 0.06
CA THR A 45 -7.21 8.46 -0.70
C THR A 45 -6.26 8.69 -1.88
N VAL A 46 -5.34 7.76 -2.08
CA VAL A 46 -4.37 7.86 -3.17
C VAL A 46 -4.18 6.52 -3.86
N PRO A 47 -4.37 6.49 -5.19
CA PRO A 47 -4.21 5.28 -5.99
C PRO A 47 -2.75 4.84 -6.09
N ARG A 48 -2.51 3.56 -5.81
CA ARG A 48 -1.16 3.01 -5.87
C ARG A 48 -1.12 1.77 -6.76
N ARG A 49 0.09 1.41 -7.19
CA ARG A 49 0.26 0.25 -8.06
C ARG A 49 0.77 -0.95 -7.26
N LEU A 50 0.49 -2.15 -7.76
CA LEU A 50 0.91 -3.38 -7.08
C LEU A 50 2.40 -3.34 -6.78
N SER A 51 3.20 -2.97 -7.77
CA SER A 51 4.65 -2.90 -7.60
C SER A 51 5.01 -2.07 -6.38
N GLU A 52 4.23 -1.03 -6.13
CA GLU A 52 4.47 -0.15 -4.99
C GLU A 52 4.41 -0.94 -3.68
N PHE A 53 3.32 -1.67 -3.48
CA PHE A 53 3.12 -2.46 -2.28
C PHE A 53 4.33 -3.37 -2.03
N GLN A 54 4.88 -3.91 -3.11
CA GLN A 54 6.03 -4.79 -3.01
C GLN A 54 7.28 -4.02 -2.57
N ASN A 55 7.52 -2.88 -3.22
CA ASN A 55 8.68 -2.06 -2.90
C ASN A 55 8.74 -1.76 -1.40
N LEU A 56 7.58 -1.44 -0.82
CA LEU A 56 7.50 -1.13 0.60
C LEU A 56 7.74 -2.38 1.45
N HIS A 57 7.26 -3.51 0.96
CA HIS A 57 7.43 -4.78 1.66
C HIS A 57 8.88 -5.01 2.02
N ARG A 58 9.73 -5.16 1.00
CA ARG A 58 11.15 -5.39 1.20
C ARG A 58 11.74 -4.34 2.14
N LYS A 59 11.47 -3.07 1.86
CA LYS A 59 11.97 -1.98 2.68
C LYS A 59 11.63 -2.20 4.15
N LEU A 60 10.46 -2.78 4.40
CA LEU A 60 10.01 -3.05 5.76
C LEU A 60 10.63 -4.34 6.29
N SER A 61 10.82 -5.31 5.40
CA SER A 61 11.41 -6.59 5.77
C SER A 61 12.69 -6.40 6.56
N GLU A 62 13.54 -5.49 6.07
CA GLU A 62 14.82 -5.20 6.73
C GLU A 62 14.60 -4.84 8.19
N CYS A 63 13.48 -4.18 8.48
CA CYS A 63 13.16 -3.76 9.83
C CYS A 63 12.45 -4.88 10.59
N VAL A 64 11.64 -5.64 9.87
CA VAL A 64 10.89 -6.75 10.47
C VAL A 64 10.99 -8.01 9.61
N PRO A 65 11.62 -9.05 10.18
CA PRO A 65 11.80 -10.33 9.48
C PRO A 65 10.48 -11.09 9.32
N SER A 66 9.63 -11.02 10.34
CA SER A 66 8.34 -11.70 10.31
C SER A 66 7.57 -11.35 9.05
N LEU A 67 7.71 -10.10 8.61
CA LEU A 67 7.02 -9.62 7.41
C LEU A 67 7.35 -10.50 6.21
N LYS A 68 8.56 -11.06 6.22
CA LYS A 68 9.00 -11.93 5.13
C LYS A 68 8.00 -13.05 4.89
N LYS A 69 7.26 -13.41 5.93
CA LYS A 69 6.27 -14.48 5.83
C LYS A 69 5.12 -14.06 4.91
N VAL A 70 4.89 -12.76 4.81
CA VAL A 70 3.83 -12.24 3.96
C VAL A 70 4.23 -12.25 2.50
N GLN A 71 3.31 -12.67 1.63
CA GLN A 71 3.57 -12.73 0.20
C GLN A 71 2.58 -11.86 -0.57
N LEU A 72 3.10 -11.03 -1.46
CA LEU A 72 2.25 -10.15 -2.26
C LEU A 72 2.16 -10.65 -3.70
N PRO A 73 1.05 -10.30 -4.37
CA PRO A 73 0.82 -10.70 -5.76
C PRO A 73 1.76 -10.00 -6.74
N SER A 74 1.78 -10.48 -7.98
CA SER A 74 2.64 -9.90 -9.00
C SER A 74 2.10 -10.21 -10.40
N LEU A 75 2.78 -9.69 -11.42
CA LEU A 75 2.37 -9.91 -12.80
C LEU A 75 3.56 -9.79 -13.74
N SER A 76 3.31 -9.96 -15.04
CA SER A 76 4.36 -9.88 -16.04
C SER A 76 4.14 -8.67 -16.96
N LYS A 77 4.91 -8.61 -18.03
CA LYS A 77 4.80 -7.51 -18.99
C LYS A 77 4.41 -8.03 -20.38
N LEU A 78 3.62 -9.11 -20.40
CA LEU A 78 3.17 -9.69 -21.65
C LEU A 78 1.86 -9.07 -22.11
N PRO A 79 1.62 -9.09 -23.43
CA PRO A 79 0.41 -8.53 -24.03
C PRO A 79 -0.83 -9.35 -23.69
N PHE A 80 -0.65 -10.66 -23.56
CA PHE A 80 -1.76 -11.55 -23.24
C PHE A 80 -2.02 -11.58 -21.74
N LYS A 81 -0.95 -11.48 -20.96
CA LYS A 81 -1.06 -11.49 -19.50
C LYS A 81 -1.56 -10.14 -18.99
N SER A 82 -2.80 -9.79 -19.35
CA SER A 82 -3.39 -8.53 -18.93
C SER A 82 -4.12 -8.70 -17.59
N ILE A 83 -4.41 -7.58 -16.95
CA ILE A 83 -5.10 -7.60 -15.66
C ILE A 83 -6.58 -7.92 -15.85
N ASP A 84 -7.03 -8.98 -15.18
CA ASP A 84 -8.43 -9.40 -15.27
C ASP A 84 -9.19 -8.99 -14.02
N GLN A 85 -10.42 -9.49 -13.89
CA GLN A 85 -11.26 -9.16 -12.74
C GLN A 85 -10.87 -10.01 -11.53
N LYS A 86 -10.85 -11.32 -11.70
CA LYS A 86 -10.49 -12.24 -10.63
C LYS A 86 -9.17 -11.83 -9.98
N PHE A 87 -8.25 -11.33 -10.80
CA PHE A 87 -6.95 -10.90 -10.31
C PHE A 87 -7.07 -9.68 -9.41
N MET A 88 -7.73 -8.65 -9.92
CA MET A 88 -7.94 -7.42 -9.17
C MET A 88 -8.57 -7.71 -7.80
N GLU A 89 -9.44 -8.71 -7.76
CA GLU A 89 -10.11 -9.09 -6.52
C GLU A 89 -9.17 -9.90 -5.62
N LYS A 90 -8.70 -11.03 -6.14
CA LYS A 90 -7.79 -11.89 -5.40
C LYS A 90 -6.62 -11.10 -4.83
N SER A 91 -5.97 -10.32 -5.68
CA SER A 91 -4.83 -9.52 -5.28
C SER A 91 -5.24 -8.49 -4.23
N LYS A 92 -6.37 -7.82 -4.47
CA LYS A 92 -6.87 -6.81 -3.56
C LYS A 92 -6.97 -7.37 -2.13
N ASN A 93 -7.40 -8.62 -2.02
CA ASN A 93 -7.52 -9.27 -0.72
C ASN A 93 -6.17 -9.42 -0.05
N GLN A 94 -5.14 -9.64 -0.84
CA GLN A 94 -3.78 -9.80 -0.32
C GLN A 94 -3.19 -8.45 0.08
N LEU A 95 -3.52 -7.41 -0.70
CA LEU A 95 -3.03 -6.07 -0.42
C LEU A 95 -3.75 -5.45 0.77
N ASN A 96 -5.07 -5.56 0.77
CA ASN A 96 -5.89 -5.01 1.85
C ASN A 96 -5.37 -5.50 3.21
N LYS A 97 -5.17 -6.81 3.32
CA LYS A 97 -4.69 -7.40 4.56
C LYS A 97 -3.21 -7.11 4.77
N PHE A 98 -2.47 -7.04 3.67
CA PHE A 98 -1.04 -6.75 3.74
C PHE A 98 -0.76 -5.48 4.54
N LEU A 99 -1.50 -4.42 4.21
CA LEU A 99 -1.34 -3.14 4.89
C LEU A 99 -1.57 -3.30 6.40
N GLN A 100 -2.57 -4.10 6.75
CA GLN A 100 -2.89 -4.34 8.16
C GLN A 100 -1.68 -4.87 8.92
N ASN A 101 -0.98 -5.81 8.30
CA ASN A 101 0.20 -6.40 8.92
C ASN A 101 1.25 -5.34 9.23
N LEU A 102 1.26 -4.27 8.43
CA LEU A 102 2.21 -3.18 8.62
C LEU A 102 1.84 -2.33 9.83
N LEU A 103 0.57 -1.95 9.90
CA LEU A 103 0.07 -1.14 11.01
C LEU A 103 -0.11 -1.99 12.27
N SER A 104 -0.02 -3.31 12.11
CA SER A 104 -0.18 -4.23 13.23
C SER A 104 1.13 -4.37 14.00
N ASP A 105 2.25 -4.09 13.31
CA ASP A 105 3.56 -4.20 13.93
C ASP A 105 4.05 -2.83 14.39
N GLU A 106 4.39 -2.72 15.67
CA GLU A 106 4.87 -1.46 16.23
C GLU A 106 6.15 -1.01 15.53
N ARG A 107 6.98 -1.97 15.15
CA ARG A 107 8.24 -1.68 14.48
C ARG A 107 7.99 -0.90 13.18
N LEU A 108 7.04 -1.37 12.39
CA LEU A 108 6.69 -0.72 11.13
C LEU A 108 5.87 0.54 11.37
N CYS A 109 5.05 0.52 12.41
CA CYS A 109 4.21 1.66 12.75
C CYS A 109 5.04 2.94 12.81
N GLN A 110 6.28 2.83 13.30
CA GLN A 110 7.16 3.98 13.40
C GLN A 110 8.10 4.05 12.21
N SER A 111 8.22 2.95 11.48
CA SER A 111 9.08 2.89 10.31
C SER A 111 8.66 3.92 9.26
N GLU A 112 9.59 4.83 8.93
CA GLU A 112 9.32 5.87 7.96
C GLU A 112 8.77 5.28 6.67
N ALA A 113 9.22 4.07 6.33
CA ALA A 113 8.76 3.40 5.13
C ALA A 113 7.24 3.37 5.04
N LEU A 114 6.59 3.29 6.20
CA LEU A 114 5.14 3.26 6.25
C LEU A 114 4.55 4.67 6.09
N TYR A 115 4.97 5.57 6.97
CA TYR A 115 4.49 6.95 6.93
C TYR A 115 4.62 7.53 5.52
N ALA A 116 5.69 7.13 4.82
CA ALA A 116 5.92 7.60 3.46
C ALA A 116 5.00 6.91 2.46
N PHE A 117 4.82 5.60 2.64
CA PHE A 117 3.96 4.83 1.75
C PHE A 117 2.50 5.26 1.90
N LEU A 118 2.12 5.61 3.12
CA LEU A 118 0.75 6.04 3.39
C LEU A 118 0.50 7.44 2.85
N SER A 119 1.56 8.22 2.74
CA SER A 119 1.44 9.59 2.22
C SER A 119 1.22 9.58 0.71
N PRO A 120 0.63 10.67 0.20
CA PRO A 120 0.34 10.82 -1.23
C PRO A 120 1.61 11.00 -2.05
N SER A 121 2.33 9.90 -2.28
CA SER A 121 3.57 9.95 -3.05
C SER A 121 3.51 8.97 -4.23
N PRO A 122 3.18 9.51 -5.41
CA PRO A 122 3.08 8.71 -6.63
C PRO A 122 4.43 8.21 -7.12
N ASP A 123 5.49 8.93 -6.74
CA ASP A 123 6.85 8.56 -7.14
C ASP A 123 7.53 7.75 -6.03
N TYR A 124 6.74 7.25 -5.10
CA TYR A 124 7.26 6.45 -4.00
C TYR A 124 8.09 5.28 -4.51
N LEU A 125 9.08 4.88 -3.72
CA LEU A 125 9.96 3.77 -4.11
C LEU A 125 9.77 2.59 -3.17
N GLY A 1 10.67 16.57 13.08
CA GLY A 1 11.05 15.28 12.56
C GLY A 1 9.86 14.44 12.14
N SER A 2 9.88 13.16 12.52
CA SER A 2 8.79 12.26 12.17
C SER A 2 7.73 12.24 13.27
N ASN A 3 6.63 12.96 13.04
CA ASN A 3 5.55 13.03 14.01
C ASN A 3 4.47 11.99 13.69
N LEU A 4 4.78 10.73 13.96
CA LEU A 4 3.83 9.65 13.69
C LEU A 4 3.38 8.99 14.99
N GLY A 5 2.60 7.92 14.87
CA GLY A 5 2.11 7.22 16.05
C GLY A 5 1.04 6.21 15.71
N MET A 6 -0.14 6.68 15.33
CA MET A 6 -1.25 5.81 14.99
C MET A 6 -1.80 6.15 13.62
N TRP A 7 -1.58 5.26 12.64
CA TRP A 7 -2.06 5.47 11.29
C TRP A 7 -2.87 4.27 10.81
N LYS A 8 -4.00 4.55 10.15
CA LYS A 8 -4.87 3.51 9.64
C LYS A 8 -4.99 3.60 8.12
N ALA A 9 -4.61 2.51 7.44
CA ALA A 9 -4.68 2.46 5.99
C ALA A 9 -5.47 1.25 5.52
N SER A 10 -6.16 1.40 4.40
CA SER A 10 -6.97 0.31 3.84
C SER A 10 -7.37 0.62 2.40
N ILE A 11 -7.83 -0.41 1.70
CA ILE A 11 -8.25 -0.26 0.31
C ILE A 11 -9.77 -0.14 0.20
N THR A 12 -10.24 0.72 -0.69
CA THR A 12 -11.66 0.92 -0.90
C THR A 12 -12.11 0.42 -2.26
N SER A 13 -11.34 0.77 -3.29
CA SER A 13 -11.65 0.35 -4.65
C SER A 13 -10.38 0.06 -5.44
N GLY A 14 -10.54 -0.45 -6.65
CA GLY A 14 -9.39 -0.77 -7.48
C GLY A 14 -9.69 -0.61 -8.97
N GLU A 15 -8.69 -0.20 -9.73
CA GLU A 15 -8.84 -0.01 -11.16
C GLU A 15 -7.51 -0.17 -11.89
N VAL A 16 -7.57 -0.38 -13.20
CA VAL A 16 -6.36 -0.54 -14.00
C VAL A 16 -6.10 0.70 -14.85
N THR A 17 -4.89 1.24 -14.73
CA THR A 17 -4.50 2.43 -15.48
C THR A 17 -3.75 2.05 -16.75
N GLU A 18 -3.39 3.07 -17.53
CA GLU A 18 -2.66 2.84 -18.78
C GLU A 18 -1.49 3.82 -18.90
N GLU A 19 -0.34 3.29 -19.32
CA GLU A 19 0.86 4.11 -19.49
C GLU A 19 1.85 3.44 -20.43
N ASN A 20 2.25 4.15 -21.48
CA ASN A 20 3.19 3.63 -22.46
C ASN A 20 2.59 2.45 -23.22
N GLY A 21 1.27 2.46 -23.36
CA GLY A 21 0.59 1.39 -24.06
C GLY A 21 0.55 0.10 -23.25
N GLU A 22 0.54 0.24 -21.93
CA GLU A 22 0.52 -0.92 -21.05
C GLU A 22 -0.46 -0.71 -19.90
N GLN A 23 -1.12 -1.78 -19.48
CA GLN A 23 -2.09 -1.71 -18.40
C GLN A 23 -1.50 -2.26 -17.10
N LEU A 24 -1.59 -1.47 -16.04
CA LEU A 24 -1.06 -1.87 -14.74
C LEU A 24 -2.15 -1.81 -13.67
N PRO A 25 -2.09 -2.75 -12.72
CA PRO A 25 -3.06 -2.81 -11.62
C PRO A 25 -2.90 -1.66 -10.63
N CYS A 26 -4.01 -0.98 -10.34
CA CYS A 26 -4.00 0.14 -9.41
C CYS A 26 -5.03 -0.05 -8.31
N TYR A 27 -4.61 0.16 -7.07
CA TYR A 27 -5.51 0.01 -5.93
C TYR A 27 -5.50 1.26 -5.06
N PHE A 28 -6.68 1.84 -4.85
CA PHE A 28 -6.80 3.04 -4.04
C PHE A 28 -6.61 2.72 -2.56
N VAL A 29 -5.86 3.58 -1.87
CA VAL A 29 -5.60 3.38 -0.44
C VAL A 29 -6.01 4.62 0.36
N MET A 30 -6.88 4.41 1.35
CA MET A 30 -7.35 5.50 2.19
C MET A 30 -6.59 5.54 3.50
N VAL A 31 -6.03 6.70 3.83
CA VAL A 31 -5.28 6.87 5.06
C VAL A 31 -5.99 7.82 6.02
N SER A 32 -5.91 7.52 7.31
CA SER A 32 -6.54 8.34 8.33
C SER A 32 -5.65 8.49 9.55
N LEU A 33 -5.28 9.74 9.87
CA LEU A 33 -4.42 10.01 11.02
C LEU A 33 -5.18 10.82 12.07
N GLN A 34 -5.34 10.23 13.25
CA GLN A 34 -6.04 10.89 14.35
C GLN A 34 -5.05 11.54 15.31
N GLU A 35 -4.78 12.83 15.12
CA GLU A 35 -3.85 13.55 15.97
C GLU A 35 -4.53 13.99 17.26
N VAL A 36 -3.80 14.75 18.07
CA VAL A 36 -4.33 15.25 19.34
C VAL A 36 -5.68 15.92 19.14
N GLY A 37 -6.51 15.90 20.18
CA GLY A 37 -7.82 16.52 20.10
C GLY A 37 -7.77 17.92 19.54
N GLY A 38 -6.67 18.63 19.81
CA GLY A 38 -6.52 19.98 19.32
C GLY A 38 -6.65 20.08 17.82
N VAL A 39 -6.22 19.03 17.13
CA VAL A 39 -6.28 19.00 15.67
C VAL A 39 -7.34 18.01 15.19
N GLU A 40 -7.93 18.31 14.04
CA GLU A 40 -8.97 17.45 13.47
C GLU A 40 -8.34 16.28 12.69
N THR A 41 -8.93 15.11 12.86
CA THR A 41 -8.43 13.91 12.19
C THR A 41 -8.46 14.08 10.67
N LYS A 42 -7.36 13.71 10.02
CA LYS A 42 -7.27 13.82 8.57
C LYS A 42 -7.64 12.51 7.89
N ASN A 43 -8.15 12.61 6.67
CA ASN A 43 -8.55 11.42 5.91
C ASN A 43 -8.49 11.69 4.41
N TRP A 44 -7.77 10.85 3.69
CA TRP A 44 -7.62 10.99 2.25
C TRP A 44 -7.39 9.64 1.59
N THR A 45 -7.40 9.62 0.26
CA THR A 45 -7.19 8.39 -0.50
C THR A 45 -6.23 8.62 -1.66
N VAL A 46 -5.36 7.64 -1.89
CA VAL A 46 -4.39 7.72 -2.98
C VAL A 46 -4.19 6.37 -3.65
N PRO A 47 -4.08 6.39 -4.99
CA PRO A 47 -3.87 5.17 -5.77
C PRO A 47 -2.49 4.56 -5.56
N ARG A 48 -2.42 3.23 -5.62
CA ARG A 48 -1.16 2.53 -5.42
C ARG A 48 -1.06 1.32 -6.36
N ARG A 49 0.04 1.24 -7.10
CA ARG A 49 0.25 0.15 -8.03
C ARG A 49 0.71 -1.10 -7.30
N LEU A 50 0.61 -2.25 -7.97
CA LEU A 50 1.02 -3.53 -7.38
C LEU A 50 2.50 -3.51 -7.04
N SER A 51 3.33 -3.20 -8.03
CA SER A 51 4.78 -3.15 -7.84
C SER A 51 5.13 -2.29 -6.63
N GLU A 52 4.47 -1.13 -6.52
CA GLU A 52 4.72 -0.21 -5.42
C GLU A 52 4.62 -0.93 -4.07
N PHE A 53 3.60 -1.77 -3.93
CA PHE A 53 3.38 -2.52 -2.70
C PHE A 53 4.56 -3.45 -2.42
N GLN A 54 4.89 -4.28 -3.39
CA GLN A 54 5.99 -5.22 -3.25
C GLN A 54 7.27 -4.51 -2.80
N ASN A 55 7.46 -3.29 -3.30
CA ASN A 55 8.63 -2.50 -2.95
C ASN A 55 8.63 -2.16 -1.45
N LEU A 56 7.58 -1.49 -1.00
CA LEU A 56 7.45 -1.10 0.40
C LEU A 56 7.68 -2.31 1.32
N HIS A 57 7.22 -3.48 0.87
CA HIS A 57 7.37 -4.70 1.65
C HIS A 57 8.84 -4.96 1.99
N ARG A 58 9.71 -4.69 1.02
CA ARG A 58 11.14 -4.89 1.22
C ARG A 58 11.69 -3.92 2.26
N LYS A 59 11.41 -2.64 2.07
CA LYS A 59 11.87 -1.61 3.00
C LYS A 59 11.43 -1.93 4.43
N LEU A 60 10.23 -2.48 4.56
CA LEU A 60 9.70 -2.84 5.87
C LEU A 60 10.30 -4.14 6.38
N SER A 61 10.53 -5.07 5.46
CA SER A 61 11.10 -6.37 5.81
C SER A 61 12.38 -6.19 6.63
N GLU A 62 13.23 -5.28 6.19
CA GLU A 62 14.49 -5.01 6.89
C GLU A 62 14.24 -4.66 8.35
N CYS A 63 13.11 -4.02 8.61
CA CYS A 63 12.76 -3.63 9.99
C CYS A 63 12.14 -4.81 10.73
N VAL A 64 11.40 -5.64 10.01
CA VAL A 64 10.76 -6.81 10.62
C VAL A 64 10.94 -8.04 9.75
N PRO A 65 11.59 -9.08 10.32
CA PRO A 65 11.84 -10.34 9.62
C PRO A 65 10.56 -11.14 9.39
N SER A 66 9.72 -11.18 10.40
CA SER A 66 8.45 -11.92 10.31
C SER A 66 7.68 -11.52 9.06
N LEU A 67 7.77 -10.24 8.71
CA LEU A 67 7.07 -9.73 7.53
C LEU A 67 7.43 -10.54 6.29
N LYS A 68 8.67 -11.03 6.25
CA LYS A 68 9.13 -11.83 5.12
C LYS A 68 8.20 -13.00 4.85
N LYS A 69 7.49 -13.44 5.90
CA LYS A 69 6.56 -14.56 5.77
C LYS A 69 5.37 -14.17 4.89
N VAL A 70 5.06 -12.88 4.84
CA VAL A 70 3.95 -12.40 4.04
C VAL A 70 4.28 -12.47 2.55
N GLN A 71 3.33 -12.95 1.77
CA GLN A 71 3.51 -13.07 0.32
C GLN A 71 2.53 -12.20 -0.43
N LEU A 72 3.04 -11.20 -1.15
CA LEU A 72 2.20 -10.30 -1.92
C LEU A 72 1.96 -10.84 -3.33
N PRO A 73 0.86 -10.39 -3.96
CA PRO A 73 0.50 -10.81 -5.31
C PRO A 73 1.45 -10.24 -6.37
N SER A 74 1.34 -10.75 -7.59
CA SER A 74 2.19 -10.30 -8.68
C SER A 74 1.58 -10.67 -10.03
N LEU A 75 2.25 -10.26 -11.10
CA LEU A 75 1.77 -10.54 -12.46
C LEU A 75 2.94 -10.78 -13.41
N SER A 76 2.62 -11.25 -14.61
CA SER A 76 3.65 -11.53 -15.62
C SER A 76 4.04 -10.25 -16.35
N LYS A 77 3.12 -9.29 -16.41
CA LYS A 77 3.37 -8.03 -17.08
C LYS A 77 3.57 -8.23 -18.58
N LEU A 78 2.84 -9.19 -19.13
CA LEU A 78 2.93 -9.49 -20.56
C LEU A 78 1.94 -8.65 -21.36
N PRO A 79 2.24 -8.46 -22.65
CA PRO A 79 1.37 -7.68 -23.55
C PRO A 79 0.05 -8.38 -23.85
N PHE A 80 0.10 -9.71 -23.87
CA PHE A 80 -1.10 -10.50 -24.15
C PHE A 80 -1.88 -10.77 -22.87
N LYS A 81 -1.17 -10.97 -21.78
CA LYS A 81 -1.80 -11.23 -20.48
C LYS A 81 -2.11 -9.93 -19.75
N SER A 82 -3.31 -9.41 -19.98
CA SER A 82 -3.74 -8.17 -19.35
C SER A 82 -4.39 -8.44 -17.98
N ILE A 83 -4.51 -7.39 -17.19
CA ILE A 83 -5.12 -7.52 -15.86
C ILE A 83 -6.63 -7.73 -15.97
N ASP A 84 -7.12 -8.78 -15.32
CA ASP A 84 -8.54 -9.09 -15.34
C ASP A 84 -9.19 -8.73 -14.01
N GLN A 85 -10.52 -8.64 -14.00
CA GLN A 85 -11.26 -8.32 -12.79
C GLN A 85 -11.00 -9.33 -11.69
N LYS A 86 -11.02 -10.61 -12.06
CA LYS A 86 -10.79 -11.68 -11.10
C LYS A 86 -9.50 -11.44 -10.32
N PHE A 87 -8.50 -10.91 -10.99
CA PHE A 87 -7.21 -10.63 -10.36
C PHE A 87 -7.30 -9.40 -9.47
N MET A 88 -8.00 -8.37 -9.95
CA MET A 88 -8.16 -7.14 -9.20
C MET A 88 -8.68 -7.42 -7.78
N GLU A 89 -9.54 -8.42 -7.67
CA GLU A 89 -10.11 -8.79 -6.38
C GLU A 89 -9.21 -9.79 -5.66
N LYS A 90 -8.63 -10.71 -6.42
CA LYS A 90 -7.74 -11.73 -5.85
C LYS A 90 -6.55 -11.07 -5.17
N SER A 91 -6.00 -10.02 -5.78
CA SER A 91 -4.85 -9.32 -5.23
C SER A 91 -5.29 -8.32 -4.17
N LYS A 92 -6.45 -7.69 -4.40
CA LYS A 92 -6.99 -6.70 -3.48
C LYS A 92 -7.08 -7.28 -2.06
N ASN A 93 -7.56 -8.51 -1.96
CA ASN A 93 -7.69 -9.17 -0.67
C ASN A 93 -6.33 -9.31 0.02
N GLN A 94 -5.29 -9.49 -0.78
CA GLN A 94 -3.94 -9.64 -0.25
C GLN A 94 -3.39 -8.29 0.20
N LEU A 95 -3.73 -7.24 -0.53
CA LEU A 95 -3.28 -5.89 -0.22
C LEU A 95 -4.01 -5.34 0.99
N ASN A 96 -5.33 -5.49 0.99
CA ASN A 96 -6.15 -4.99 2.10
C ASN A 96 -5.61 -5.49 3.44
N LYS A 97 -5.32 -6.78 3.52
CA LYS A 97 -4.79 -7.38 4.74
C LYS A 97 -3.30 -7.06 4.90
N PHE A 98 -2.60 -6.95 3.78
CA PHE A 98 -1.17 -6.66 3.80
C PHE A 98 -0.89 -5.41 4.62
N LEU A 99 -1.61 -4.34 4.32
CA LEU A 99 -1.44 -3.07 5.03
C LEU A 99 -1.62 -3.27 6.53
N GLN A 100 -2.60 -4.07 6.91
CA GLN A 100 -2.88 -4.35 8.32
C GLN A 100 -1.63 -4.87 9.02
N ASN A 101 -0.94 -5.80 8.38
CA ASN A 101 0.27 -6.39 8.95
C ASN A 101 1.32 -5.31 9.21
N LEU A 102 1.29 -4.26 8.39
CA LEU A 102 2.25 -3.16 8.53
C LEU A 102 1.93 -2.32 9.76
N LEU A 103 0.66 -1.98 9.92
CA LEU A 103 0.22 -1.17 11.05
C LEU A 103 0.09 -2.02 12.31
N SER A 104 0.19 -3.34 12.14
CA SER A 104 0.07 -4.26 13.26
C SER A 104 1.41 -4.39 13.99
N ASP A 105 2.50 -4.08 13.29
CA ASP A 105 3.83 -4.16 13.87
C ASP A 105 4.27 -2.81 14.44
N GLU A 106 4.60 -2.80 15.73
CA GLU A 106 5.02 -1.57 16.39
C GLU A 106 6.29 -1.01 15.73
N ARG A 107 7.15 -1.90 15.26
CA ARG A 107 8.39 -1.49 14.62
C ARG A 107 8.11 -0.77 13.30
N LEU A 108 7.22 -1.34 12.49
CA LEU A 108 6.86 -0.75 11.20
C LEU A 108 6.05 0.52 11.40
N CYS A 109 5.23 0.54 12.44
CA CYS A 109 4.40 1.70 12.74
C CYS A 109 5.24 2.97 12.79
N GLN A 110 6.45 2.85 13.31
CA GLN A 110 7.36 3.98 13.42
C GLN A 110 8.23 4.11 12.18
N SER A 111 8.30 3.04 11.40
CA SER A 111 9.11 3.02 10.19
C SER A 111 8.59 4.04 9.17
N GLU A 112 9.41 5.04 8.89
CA GLU A 112 9.03 6.09 7.94
C GLU A 112 8.56 5.48 6.62
N ALA A 113 9.13 4.33 6.28
CA ALA A 113 8.76 3.64 5.04
C ALA A 113 7.24 3.53 4.89
N LEU A 114 6.57 3.39 6.02
CA LEU A 114 5.10 3.28 6.03
C LEU A 114 4.45 4.63 5.77
N TYR A 115 4.73 5.59 6.65
CA TYR A 115 4.16 6.92 6.52
C TYR A 115 4.37 7.47 5.11
N ALA A 116 5.51 7.12 4.52
CA ALA A 116 5.83 7.58 3.18
C ALA A 116 4.91 6.94 2.14
N PHE A 117 4.75 5.62 2.21
CA PHE A 117 3.90 4.90 1.28
C PHE A 117 2.43 5.26 1.50
N LEU A 118 2.06 5.49 2.75
CA LEU A 118 0.68 5.85 3.10
C LEU A 118 0.37 7.28 2.65
N SER A 119 1.41 8.10 2.58
CA SER A 119 1.23 9.50 2.17
C SER A 119 1.10 9.60 0.65
N PRO A 120 0.52 10.71 0.19
CA PRO A 120 0.32 10.97 -1.24
C PRO A 120 1.63 11.24 -1.97
N SER A 121 2.42 10.19 -2.17
CA SER A 121 3.71 10.31 -2.86
C SER A 121 3.76 9.39 -4.08
N PRO A 122 3.51 9.97 -5.26
CA PRO A 122 3.52 9.22 -6.52
C PRO A 122 4.93 8.80 -6.93
N ASP A 123 5.93 9.52 -6.42
CA ASP A 123 7.32 9.21 -6.73
C ASP A 123 7.73 7.88 -6.11
N TYR A 124 7.06 7.50 -5.03
CA TYR A 124 7.36 6.26 -4.34
C TYR A 124 7.32 5.08 -5.31
N LEU A 125 8.13 4.06 -5.03
CA LEU A 125 8.18 2.88 -5.88
C LEU A 125 8.43 1.62 -5.04
N GLY A 1 7.55 18.26 11.77
CA GLY A 1 7.64 17.06 10.97
C GLY A 1 8.05 15.84 11.77
N SER A 2 7.85 14.66 11.21
CA SER A 2 8.19 13.42 11.89
C SER A 2 7.39 13.27 13.17
N ASN A 3 6.09 13.47 13.08
CA ASN A 3 5.21 13.34 14.24
C ASN A 3 4.22 12.19 14.06
N LEU A 4 4.74 11.03 13.67
CA LEU A 4 3.92 9.85 13.47
C LEU A 4 3.47 9.26 14.80
N GLY A 5 2.80 8.11 14.74
CA GLY A 5 2.32 7.46 15.94
C GLY A 5 1.16 6.52 15.68
N MET A 6 0.05 7.08 15.23
CA MET A 6 -1.14 6.28 14.93
C MET A 6 -1.63 6.53 13.52
N TRP A 7 -1.50 5.52 12.66
CA TRP A 7 -1.92 5.63 11.27
C TRP A 7 -2.74 4.41 10.86
N LYS A 8 -3.68 4.62 9.95
CA LYS A 8 -4.54 3.54 9.47
C LYS A 8 -4.78 3.66 7.97
N ALA A 9 -4.50 2.57 7.24
CA ALA A 9 -4.68 2.56 5.79
C ALA A 9 -5.47 1.34 5.36
N SER A 10 -6.31 1.52 4.34
CA SER A 10 -7.13 0.42 3.83
C SER A 10 -7.55 0.70 2.39
N ILE A 11 -7.98 -0.36 1.69
CA ILE A 11 -8.41 -0.23 0.31
C ILE A 11 -9.94 -0.22 0.21
N THR A 12 -10.47 0.64 -0.65
CA THR A 12 -11.90 0.75 -0.84
C THR A 12 -12.32 0.32 -2.25
N SER A 13 -11.54 0.77 -3.23
CA SER A 13 -11.82 0.43 -4.63
C SER A 13 -10.54 0.10 -5.38
N GLY A 14 -10.68 -0.35 -6.62
CA GLY A 14 -9.52 -0.69 -7.42
C GLY A 14 -9.78 -0.53 -8.91
N GLU A 15 -8.75 -0.12 -9.64
CA GLU A 15 -8.87 0.08 -11.08
C GLU A 15 -7.52 -0.10 -11.77
N VAL A 16 -7.55 -0.26 -13.09
CA VAL A 16 -6.33 -0.45 -13.87
C VAL A 16 -6.05 0.78 -14.73
N THR A 17 -4.84 1.31 -14.61
CA THR A 17 -4.44 2.48 -15.39
C THR A 17 -3.70 2.07 -16.65
N GLU A 18 -3.28 3.07 -17.43
CA GLU A 18 -2.56 2.82 -18.67
C GLU A 18 -1.34 3.73 -18.80
N GLU A 19 -0.23 3.17 -19.26
CA GLU A 19 1.00 3.94 -19.43
C GLU A 19 1.94 3.26 -20.42
N ASN A 20 2.52 4.05 -21.32
CA ASN A 20 3.44 3.53 -22.32
C ASN A 20 2.79 2.37 -23.09
N GLY A 21 1.47 2.41 -23.21
CA GLY A 21 0.76 1.36 -23.92
C GLY A 21 0.66 0.08 -23.12
N GLU A 22 0.68 0.20 -21.80
CA GLU A 22 0.60 -0.96 -20.91
C GLU A 22 -0.38 -0.71 -19.77
N GLN A 23 -1.08 -1.76 -19.35
CA GLN A 23 -2.04 -1.66 -18.27
C GLN A 23 -1.47 -2.22 -16.97
N LEU A 24 -1.55 -1.42 -15.90
CA LEU A 24 -1.04 -1.84 -14.61
C LEU A 24 -2.14 -1.76 -13.54
N PRO A 25 -2.07 -2.68 -12.57
CA PRO A 25 -3.05 -2.75 -11.48
C PRO A 25 -2.92 -1.57 -10.52
N CYS A 26 -4.05 -0.96 -10.19
CA CYS A 26 -4.06 0.18 -9.27
C CYS A 26 -5.12 0.00 -8.19
N TYR A 27 -4.73 0.21 -6.94
CA TYR A 27 -5.65 0.07 -5.82
C TYR A 27 -5.64 1.31 -4.94
N PHE A 28 -6.81 1.89 -4.72
CA PHE A 28 -6.95 3.09 -3.91
C PHE A 28 -6.64 2.78 -2.44
N VAL A 29 -5.93 3.70 -1.79
CA VAL A 29 -5.57 3.52 -0.39
C VAL A 29 -6.04 4.71 0.45
N MET A 30 -6.96 4.46 1.37
CA MET A 30 -7.49 5.52 2.22
C MET A 30 -6.74 5.56 3.55
N VAL A 31 -5.99 6.64 3.78
CA VAL A 31 -5.22 6.80 5.00
C VAL A 31 -5.89 7.80 5.94
N SER A 32 -5.79 7.53 7.24
CA SER A 32 -6.39 8.40 8.25
C SER A 32 -5.42 8.65 9.39
N LEU A 33 -5.14 9.92 9.67
CA LEU A 33 -4.23 10.30 10.73
C LEU A 33 -4.96 11.08 11.82
N GLN A 34 -4.96 10.52 13.04
CA GLN A 34 -5.62 11.16 14.16
C GLN A 34 -4.64 12.01 14.97
N GLU A 35 -4.58 13.30 14.67
CA GLU A 35 -3.68 14.21 15.36
C GLU A 35 -4.22 14.55 16.75
N VAL A 36 -3.51 15.44 17.45
CA VAL A 36 -3.92 15.85 18.78
C VAL A 36 -5.38 16.27 18.81
N GLY A 37 -6.02 16.12 19.97
CA GLY A 37 -7.42 16.48 20.11
C GLY A 37 -7.71 17.87 19.56
N GLY A 38 -6.72 18.76 19.67
CA GLY A 38 -6.90 20.11 19.18
C GLY A 38 -7.24 20.16 17.71
N VAL A 39 -6.71 19.21 16.95
CA VAL A 39 -6.95 19.14 15.51
C VAL A 39 -7.82 17.95 15.16
N GLU A 40 -8.66 18.11 14.14
CA GLU A 40 -9.55 17.04 13.70
C GLU A 40 -8.78 15.99 12.90
N THR A 41 -9.22 14.74 12.99
CA THR A 41 -8.58 13.65 12.26
C THR A 41 -8.68 13.85 10.76
N LYS A 42 -7.57 13.62 10.06
CA LYS A 42 -7.53 13.76 8.62
C LYS A 42 -7.78 12.43 7.93
N ASN A 43 -8.27 12.49 6.69
CA ASN A 43 -8.55 11.29 5.92
C ASN A 43 -8.51 11.57 4.42
N TRP A 44 -7.70 10.81 3.70
CA TRP A 44 -7.56 10.98 2.26
C TRP A 44 -7.36 9.64 1.57
N THR A 45 -7.52 9.64 0.24
CA THR A 45 -7.35 8.41 -0.53
C THR A 45 -6.41 8.64 -1.70
N VAL A 46 -5.50 7.68 -1.91
CA VAL A 46 -4.53 7.77 -3.00
C VAL A 46 -4.30 6.40 -3.64
N PRO A 47 -4.27 6.38 -4.99
CA PRO A 47 -4.05 5.15 -5.75
C PRO A 47 -2.63 4.62 -5.60
N ARG A 48 -2.51 3.30 -5.44
CA ARG A 48 -1.20 2.67 -5.29
C ARG A 48 -1.08 1.44 -6.19
N ARG A 49 -0.01 1.41 -6.98
CA ARG A 49 0.22 0.29 -7.90
C ARG A 49 0.81 -0.90 -7.15
N LEU A 50 0.49 -2.10 -7.63
CA LEU A 50 0.98 -3.33 -7.02
C LEU A 50 2.50 -3.29 -6.87
N SER A 51 3.18 -2.84 -7.91
CA SER A 51 4.63 -2.75 -7.90
C SER A 51 5.12 -2.00 -6.67
N GLU A 52 4.40 -0.96 -6.30
CA GLU A 52 4.76 -0.16 -5.13
C GLU A 52 4.70 -0.99 -3.86
N PHE A 53 3.59 -1.69 -3.66
CA PHE A 53 3.41 -2.52 -2.48
C PHE A 53 4.58 -3.48 -2.30
N GLN A 54 4.97 -4.14 -3.39
CA GLN A 54 6.08 -5.08 -3.36
C GLN A 54 7.37 -4.39 -2.92
N ASN A 55 7.60 -3.19 -3.44
CA ASN A 55 8.80 -2.42 -3.12
C ASN A 55 8.85 -2.13 -1.61
N LEU A 56 7.83 -1.45 -1.12
CA LEU A 56 7.75 -1.09 0.30
C LEU A 56 7.96 -2.32 1.17
N HIS A 57 7.38 -3.45 0.75
CA HIS A 57 7.51 -4.71 1.50
C HIS A 57 8.97 -5.01 1.80
N ARG A 58 9.84 -4.74 0.81
CA ARG A 58 11.26 -5.00 0.97
C ARG A 58 11.86 -4.12 2.07
N LYS A 59 11.73 -2.81 1.90
CA LYS A 59 12.26 -1.86 2.87
C LYS A 59 11.76 -2.19 4.28
N LEU A 60 10.51 -2.63 4.37
CA LEU A 60 9.91 -2.98 5.65
C LEU A 60 10.48 -4.30 6.17
N SER A 61 10.62 -5.26 5.27
CA SER A 61 11.15 -6.58 5.63
C SER A 61 12.46 -6.44 6.40
N GLU A 62 13.35 -5.58 5.88
CA GLU A 62 14.65 -5.37 6.51
C GLU A 62 14.48 -4.96 7.97
N CYS A 63 13.41 -4.23 8.26
CA CYS A 63 13.14 -3.78 9.62
C CYS A 63 12.47 -4.88 10.43
N VAL A 64 11.64 -5.67 9.78
CA VAL A 64 10.93 -6.77 10.44
C VAL A 64 10.97 -8.04 9.61
N PRO A 65 11.55 -9.11 10.19
CA PRO A 65 11.66 -10.41 9.51
C PRO A 65 10.31 -11.10 9.34
N SER A 66 9.45 -10.98 10.35
CA SER A 66 8.12 -11.58 10.31
C SER A 66 7.39 -11.21 9.03
N LEU A 67 7.52 -9.96 8.62
CA LEU A 67 6.87 -9.46 7.41
C LEU A 67 7.19 -10.37 6.22
N LYS A 68 8.37 -10.96 6.24
CA LYS A 68 8.80 -11.85 5.17
C LYS A 68 7.78 -12.96 4.94
N LYS A 69 7.02 -13.28 5.98
CA LYS A 69 6.00 -14.32 5.90
C LYS A 69 4.87 -13.89 4.95
N VAL A 70 4.67 -12.59 4.84
CA VAL A 70 3.62 -12.04 3.97
C VAL A 70 4.05 -12.07 2.51
N GLN A 71 3.12 -12.44 1.63
CA GLN A 71 3.40 -12.51 0.20
C GLN A 71 2.40 -11.65 -0.59
N LEU A 72 2.93 -10.88 -1.53
CA LEU A 72 2.10 -10.01 -2.36
C LEU A 72 1.94 -10.58 -3.76
N PRO A 73 0.83 -10.23 -4.43
CA PRO A 73 0.54 -10.70 -5.78
C PRO A 73 1.46 -10.08 -6.82
N SER A 74 1.43 -10.61 -8.03
CA SER A 74 2.27 -10.11 -9.12
C SER A 74 1.72 -10.53 -10.48
N LEU A 75 2.28 -9.96 -11.54
CA LEU A 75 1.85 -10.29 -12.89
C LEU A 75 3.02 -10.24 -13.86
N SER A 76 2.72 -10.37 -15.15
CA SER A 76 3.76 -10.34 -16.18
C SER A 76 3.50 -9.22 -17.18
N LYS A 77 4.49 -8.93 -18.01
CA LYS A 77 4.37 -7.88 -19.01
C LYS A 77 3.95 -8.46 -20.36
N LEU A 78 3.10 -9.48 -20.32
CA LEU A 78 2.61 -10.13 -21.54
C LEU A 78 1.34 -9.45 -22.03
N PRO A 79 1.09 -9.55 -23.34
CA PRO A 79 -0.10 -8.96 -23.96
C PRO A 79 -1.38 -9.68 -23.58
N PHE A 80 -1.29 -11.00 -23.44
CA PHE A 80 -2.44 -11.81 -23.07
C PHE A 80 -2.66 -11.79 -21.56
N LYS A 81 -1.56 -11.76 -20.82
CA LYS A 81 -1.63 -11.74 -19.36
C LYS A 81 -2.01 -10.36 -18.85
N SER A 82 -3.22 -9.93 -19.17
CA SER A 82 -3.70 -8.61 -18.75
C SER A 82 -4.38 -8.71 -17.38
N ILE A 83 -4.63 -7.56 -16.77
CA ILE A 83 -5.27 -7.50 -15.47
C ILE A 83 -6.79 -7.51 -15.60
N ASP A 84 -7.43 -8.50 -15.00
CA ASP A 84 -8.88 -8.62 -15.04
C ASP A 84 -9.48 -8.48 -13.64
N GLN A 85 -10.80 -8.61 -13.56
CA GLN A 85 -11.49 -8.50 -12.28
C GLN A 85 -11.08 -9.62 -11.33
N LYS A 86 -10.86 -10.80 -11.89
CA LYS A 86 -10.46 -11.96 -11.10
C LYS A 86 -9.20 -11.65 -10.28
N PHE A 87 -8.19 -11.12 -10.94
CA PHE A 87 -6.93 -10.78 -10.27
C PHE A 87 -7.11 -9.52 -9.41
N MET A 88 -7.88 -8.57 -9.92
CA MET A 88 -8.12 -7.32 -9.21
C MET A 88 -8.62 -7.59 -7.79
N GLU A 89 -9.41 -8.66 -7.63
CA GLU A 89 -9.96 -9.02 -6.34
C GLU A 89 -8.97 -9.89 -5.56
N LYS A 90 -8.51 -10.97 -6.19
CA LYS A 90 -7.57 -11.89 -5.57
C LYS A 90 -6.37 -11.12 -5.00
N SER A 91 -5.89 -10.16 -5.76
CA SER A 91 -4.74 -9.35 -5.34
C SER A 91 -5.15 -8.33 -4.29
N LYS A 92 -6.32 -7.73 -4.48
CA LYS A 92 -6.83 -6.74 -3.54
C LYS A 92 -6.94 -7.31 -2.14
N ASN A 93 -7.39 -8.56 -2.04
CA ASN A 93 -7.55 -9.23 -0.75
C ASN A 93 -6.20 -9.36 -0.06
N GLN A 94 -5.14 -9.55 -0.84
CA GLN A 94 -3.80 -9.69 -0.29
C GLN A 94 -3.24 -8.34 0.14
N LEU A 95 -3.60 -7.30 -0.60
CA LEU A 95 -3.13 -5.95 -0.29
C LEU A 95 -3.87 -5.38 0.91
N ASN A 96 -5.19 -5.53 0.92
CA ASN A 96 -6.02 -5.03 2.01
C ASN A 96 -5.48 -5.51 3.36
N LYS A 97 -5.19 -6.80 3.45
CA LYS A 97 -4.67 -7.39 4.68
C LYS A 97 -3.19 -7.07 4.85
N PHE A 98 -2.48 -6.98 3.73
CA PHE A 98 -1.05 -6.69 3.75
C PHE A 98 -0.77 -5.42 4.58
N LEU A 99 -1.54 -4.38 4.31
CA LEU A 99 -1.37 -3.12 5.02
C LEU A 99 -1.58 -3.31 6.52
N GLN A 100 -2.59 -4.10 6.88
CA GLN A 100 -2.88 -4.37 8.28
C GLN A 100 -1.65 -4.90 9.01
N ASN A 101 -0.95 -5.83 8.37
CA ASN A 101 0.25 -6.42 8.97
C ASN A 101 1.29 -5.35 9.28
N LEU A 102 1.29 -4.28 8.48
CA LEU A 102 2.23 -3.19 8.66
C LEU A 102 1.82 -2.32 9.86
N LEU A 103 0.53 -1.96 9.90
CA LEU A 103 0.01 -1.12 10.98
C LEU A 103 -0.19 -1.96 12.25
N SER A 104 0.04 -3.26 12.15
CA SER A 104 -0.13 -4.15 13.28
C SER A 104 1.17 -4.31 14.05
N ASP A 105 2.29 -4.06 13.37
CA ASP A 105 3.60 -4.17 13.98
C ASP A 105 4.07 -2.81 14.50
N GLU A 106 4.38 -2.75 15.79
CA GLU A 106 4.84 -1.51 16.41
C GLU A 106 6.10 -0.99 15.71
N ARG A 107 6.96 -1.92 15.28
CA ARG A 107 8.19 -1.55 14.61
C ARG A 107 7.90 -0.85 13.28
N LEU A 108 7.00 -1.42 12.50
CA LEU A 108 6.63 -0.86 11.21
C LEU A 108 5.79 0.40 11.38
N CYS A 109 4.98 0.42 12.44
CA CYS A 109 4.13 1.57 12.72
C CYS A 109 4.94 2.85 12.78
N GLN A 110 6.17 2.75 13.26
CA GLN A 110 7.05 3.90 13.37
C GLN A 110 7.96 4.01 12.16
N SER A 111 8.08 2.91 11.41
CA SER A 111 8.92 2.88 10.22
C SER A 111 8.50 3.94 9.22
N GLU A 112 9.34 4.95 9.03
CA GLU A 112 9.05 6.03 8.09
C GLU A 112 8.64 5.48 6.73
N ALA A 113 9.19 4.32 6.38
CA ALA A 113 8.88 3.68 5.10
C ALA A 113 7.37 3.61 4.88
N LEU A 114 6.63 3.47 5.97
CA LEU A 114 5.17 3.38 5.89
C LEU A 114 4.56 4.76 5.75
N TYR A 115 4.96 5.67 6.63
CA TYR A 115 4.45 7.05 6.61
C TYR A 115 4.54 7.64 5.21
N ALA A 116 5.56 7.22 4.47
CA ALA A 116 5.75 7.71 3.10
C ALA A 116 4.82 7.02 2.13
N PHE A 117 4.74 5.69 2.22
CA PHE A 117 3.89 4.91 1.35
C PHE A 117 2.41 5.26 1.56
N LEU A 118 2.07 5.57 2.81
CA LEU A 118 0.69 5.92 3.16
C LEU A 118 0.36 7.33 2.68
N SER A 119 1.39 8.17 2.58
CA SER A 119 1.20 9.56 2.14
C SER A 119 1.04 9.62 0.63
N PRO A 120 0.41 10.71 0.15
CA PRO A 120 0.18 10.93 -1.28
C PRO A 120 1.46 11.21 -2.05
N SER A 121 2.28 10.17 -2.22
CA SER A 121 3.54 10.30 -2.93
C SER A 121 3.62 9.32 -4.09
N PRO A 122 3.31 9.80 -5.30
CA PRO A 122 3.33 8.99 -6.51
C PRO A 122 4.75 8.60 -6.92
N ASP A 123 5.73 9.39 -6.49
CA ASP A 123 7.12 9.13 -6.82
C ASP A 123 7.62 7.87 -6.13
N TYR A 124 6.98 7.52 -5.02
CA TYR A 124 7.35 6.32 -4.26
C TYR A 124 7.36 5.09 -5.16
N LEU A 125 8.32 4.21 -4.93
CA LEU A 125 8.45 2.98 -5.71
C LEU A 125 8.92 1.83 -4.85
N GLY A 1 10.63 17.31 13.59
CA GLY A 1 10.73 15.86 13.56
C GLY A 1 9.42 15.21 13.17
N SER A 2 9.42 13.88 13.09
CA SER A 2 8.23 13.13 12.72
C SER A 2 7.33 12.92 13.93
N ASN A 3 6.02 13.03 13.71
CA ASN A 3 5.04 12.86 14.77
C ASN A 3 4.07 11.73 14.44
N LEU A 4 4.61 10.56 14.15
CA LEU A 4 3.80 9.40 13.81
C LEU A 4 3.32 8.68 15.07
N GLY A 5 2.75 7.49 14.89
CA GLY A 5 2.25 6.73 16.02
C GLY A 5 1.03 5.90 15.69
N MET A 6 -0.03 6.58 15.26
CA MET A 6 -1.27 5.90 14.91
C MET A 6 -1.72 6.29 13.50
N TRP A 7 -1.63 5.34 12.57
CA TRP A 7 -2.04 5.59 11.18
C TRP A 7 -2.92 4.46 10.66
N LYS A 8 -4.09 4.82 10.17
CA LYS A 8 -5.04 3.84 9.64
C LYS A 8 -5.06 3.88 8.11
N ALA A 9 -4.75 2.75 7.49
CA ALA A 9 -4.74 2.65 6.04
C ALA A 9 -5.51 1.42 5.55
N SER A 10 -6.21 1.57 4.45
CA SER A 10 -6.99 0.47 3.89
C SER A 10 -7.41 0.78 2.45
N ILE A 11 -7.99 -0.22 1.78
CA ILE A 11 -8.43 -0.06 0.40
C ILE A 11 -9.96 -0.02 0.32
N THR A 12 -10.46 0.86 -0.55
CA THR A 12 -11.90 1.00 -0.74
C THR A 12 -12.33 0.57 -2.13
N SER A 13 -11.52 0.94 -3.12
CA SER A 13 -11.82 0.60 -4.51
C SER A 13 -10.54 0.24 -5.27
N GLY A 14 -10.70 -0.16 -6.53
CA GLY A 14 -9.55 -0.52 -7.34
C GLY A 14 -9.82 -0.36 -8.83
N GLU A 15 -8.80 0.04 -9.57
CA GLU A 15 -8.93 0.23 -11.01
C GLU A 15 -7.61 -0.04 -11.72
N VAL A 16 -7.66 -0.18 -13.04
CA VAL A 16 -6.47 -0.44 -13.84
C VAL A 16 -6.14 0.75 -14.72
N THR A 17 -4.88 1.20 -14.66
CA THR A 17 -4.43 2.34 -15.45
C THR A 17 -3.69 1.86 -16.70
N GLU A 18 -3.24 2.82 -17.51
CA GLU A 18 -2.52 2.51 -18.74
C GLU A 18 -1.28 3.39 -18.88
N GLU A 19 -0.17 2.78 -19.28
CA GLU A 19 1.08 3.50 -19.45
C GLU A 19 2.03 2.75 -20.37
N ASN A 20 2.45 3.40 -21.46
CA ASN A 20 3.35 2.79 -22.41
C ASN A 20 2.69 1.62 -23.12
N GLY A 21 1.38 1.71 -23.29
CA GLY A 21 0.64 0.65 -23.96
C GLY A 21 0.52 -0.60 -23.11
N GLU A 22 0.53 -0.42 -21.79
CA GLU A 22 0.43 -1.55 -20.87
C GLU A 22 -0.55 -1.25 -19.75
N GLN A 23 -1.22 -2.29 -19.25
CA GLN A 23 -2.19 -2.13 -18.19
C GLN A 23 -1.61 -2.60 -16.86
N LEU A 24 -1.70 -1.73 -15.85
CA LEU A 24 -1.18 -2.05 -14.52
C LEU A 24 -2.27 -1.93 -13.46
N PRO A 25 -2.24 -2.84 -12.48
CA PRO A 25 -3.23 -2.85 -11.39
C PRO A 25 -3.06 -1.67 -10.44
N CYS A 26 -4.16 -1.01 -10.11
CA CYS A 26 -4.14 0.14 -9.21
C CYS A 26 -5.18 -0.01 -8.11
N TYR A 27 -4.76 0.21 -6.87
CA TYR A 27 -5.66 0.10 -5.73
C TYR A 27 -5.62 1.36 -4.88
N PHE A 28 -6.80 1.94 -4.63
CA PHE A 28 -6.89 3.16 -3.83
C PHE A 28 -6.58 2.87 -2.36
N VAL A 29 -5.80 3.77 -1.75
CA VAL A 29 -5.42 3.62 -0.34
C VAL A 29 -5.90 4.81 0.49
N MET A 30 -6.83 4.54 1.40
CA MET A 30 -7.37 5.58 2.26
C MET A 30 -6.61 5.64 3.58
N VAL A 31 -5.81 6.70 3.76
CA VAL A 31 -5.03 6.87 4.97
C VAL A 31 -5.67 7.90 5.90
N SER A 32 -5.61 7.63 7.19
CA SER A 32 -6.20 8.52 8.19
C SER A 32 -5.27 8.68 9.39
N LEU A 33 -4.80 9.91 9.61
CA LEU A 33 -3.91 10.20 10.72
C LEU A 33 -4.67 10.81 11.89
N GLN A 34 -4.69 10.10 13.02
CA GLN A 34 -5.39 10.58 14.21
C GLN A 34 -4.42 11.24 15.19
N GLU A 35 -4.30 12.56 15.10
CA GLU A 35 -3.41 13.31 15.97
C GLU A 35 -4.09 13.63 17.30
N VAL A 36 -3.39 14.40 18.13
CA VAL A 36 -3.93 14.77 19.44
C VAL A 36 -5.34 15.34 19.31
N GLY A 37 -6.12 15.19 20.38
CA GLY A 37 -7.48 15.70 20.36
C GLY A 37 -7.56 17.13 19.88
N GLY A 38 -6.53 17.91 20.16
CA GLY A 38 -6.51 19.30 19.74
C GLY A 38 -6.69 19.46 18.25
N VAL A 39 -6.20 18.50 17.48
CA VAL A 39 -6.32 18.54 16.03
C VAL A 39 -7.34 17.52 15.54
N GLU A 40 -7.98 17.83 14.41
CA GLU A 40 -8.99 16.94 13.83
C GLU A 40 -8.32 15.87 12.96
N THR A 41 -8.77 14.64 13.11
CA THR A 41 -8.23 13.52 12.34
C THR A 41 -8.41 13.75 10.86
N LYS A 42 -7.32 13.57 10.10
CA LYS A 42 -7.36 13.76 8.65
C LYS A 42 -7.61 12.43 7.95
N ASN A 43 -8.09 12.51 6.70
CA ASN A 43 -8.37 11.31 5.92
C ASN A 43 -8.31 11.62 4.43
N TRP A 44 -7.50 10.87 3.71
CA TRP A 44 -7.34 11.06 2.26
C TRP A 44 -7.14 9.72 1.55
N THR A 45 -7.34 9.72 0.24
CA THR A 45 -7.18 8.51 -0.56
C THR A 45 -6.12 8.70 -1.64
N VAL A 46 -5.29 7.68 -1.84
CA VAL A 46 -4.23 7.74 -2.85
C VAL A 46 -4.06 6.39 -3.53
N PRO A 47 -4.10 6.39 -4.87
CA PRO A 47 -3.95 5.18 -5.67
C PRO A 47 -2.53 4.63 -5.62
N ARG A 48 -2.40 3.37 -5.24
CA ARG A 48 -1.09 2.73 -5.16
C ARG A 48 -1.00 1.54 -6.13
N ARG A 49 0.06 1.52 -6.92
CA ARG A 49 0.28 0.47 -7.89
C ARG A 49 0.85 -0.78 -7.23
N LEU A 50 0.55 -1.94 -7.79
CA LEU A 50 1.03 -3.21 -7.25
C LEU A 50 2.54 -3.17 -7.05
N SER A 51 3.25 -2.63 -8.03
CA SER A 51 4.70 -2.54 -7.96
C SER A 51 5.14 -1.78 -6.71
N GLU A 52 4.45 -0.69 -6.41
CA GLU A 52 4.77 0.11 -5.24
C GLU A 52 4.62 -0.71 -3.96
N PHE A 53 3.54 -1.45 -3.86
CA PHE A 53 3.28 -2.29 -2.69
C PHE A 53 4.48 -3.18 -2.38
N GLN A 54 4.94 -3.89 -3.40
CA GLN A 54 6.09 -4.79 -3.24
C GLN A 54 7.31 -4.02 -2.75
N ASN A 55 7.54 -2.84 -3.34
CA ASN A 55 8.68 -2.02 -2.96
C ASN A 55 8.67 -1.73 -1.46
N LEU A 56 7.52 -1.37 -0.94
CA LEU A 56 7.38 -1.07 0.48
C LEU A 56 7.62 -2.31 1.32
N HIS A 57 7.18 -3.46 0.82
CA HIS A 57 7.37 -4.72 1.53
C HIS A 57 8.83 -4.97 1.84
N ARG A 58 9.70 -4.67 0.88
CA ARG A 58 11.14 -4.86 1.06
C ARG A 58 11.68 -3.95 2.16
N LYS A 59 11.44 -2.65 2.02
CA LYS A 59 11.91 -1.68 3.00
C LYS A 59 11.43 -2.05 4.40
N LEU A 60 10.17 -2.45 4.50
CA LEU A 60 9.59 -2.84 5.78
C LEU A 60 10.19 -4.15 6.28
N SER A 61 10.39 -5.09 5.36
CA SER A 61 10.95 -6.39 5.71
C SER A 61 12.25 -6.23 6.48
N GLU A 62 13.05 -5.23 6.09
CA GLU A 62 14.33 -4.96 6.74
C GLU A 62 14.12 -4.68 8.23
N CYS A 63 13.02 -4.02 8.56
CA CYS A 63 12.71 -3.69 9.95
C CYS A 63 12.13 -4.91 10.68
N VAL A 64 11.36 -5.71 9.96
CA VAL A 64 10.74 -6.90 10.53
C VAL A 64 10.89 -8.11 9.60
N PRO A 65 11.53 -9.16 10.11
CA PRO A 65 11.76 -10.39 9.34
C PRO A 65 10.47 -11.17 9.11
N SER A 66 9.60 -11.17 10.11
CA SER A 66 8.33 -11.88 10.02
C SER A 66 7.57 -11.46 8.76
N LEU A 67 7.68 -10.18 8.41
CA LEU A 67 7.00 -9.66 7.23
C LEU A 67 7.44 -10.40 5.97
N LYS A 68 8.70 -10.81 5.93
CA LYS A 68 9.26 -11.53 4.80
C LYS A 68 8.40 -12.75 4.47
N LYS A 69 7.71 -13.28 5.48
CA LYS A 69 6.87 -14.44 5.30
C LYS A 69 5.66 -14.11 4.41
N VAL A 70 5.26 -12.84 4.42
CA VAL A 70 4.13 -12.40 3.62
C VAL A 70 4.47 -12.36 2.14
N GLN A 71 3.51 -12.71 1.30
CA GLN A 71 3.71 -12.72 -0.15
C GLN A 71 2.67 -11.86 -0.85
N LEU A 72 3.13 -10.98 -1.73
CA LEU A 72 2.22 -10.10 -2.47
C LEU A 72 2.09 -10.57 -3.92
N PRO A 73 0.95 -10.22 -4.54
CA PRO A 73 0.67 -10.59 -5.94
C PRO A 73 1.55 -9.84 -6.93
N SER A 74 1.77 -10.44 -8.09
CA SER A 74 2.60 -9.83 -9.12
C SER A 74 2.33 -10.48 -10.48
N LEU A 75 2.73 -9.79 -11.54
CA LEU A 75 2.53 -10.28 -12.90
C LEU A 75 3.78 -10.04 -13.76
N SER A 76 4.18 -11.05 -14.51
CA SER A 76 5.35 -10.95 -15.37
C SER A 76 5.43 -12.12 -16.34
N LYS A 77 6.27 -11.99 -17.36
CA LYS A 77 6.44 -13.04 -18.35
C LYS A 77 5.09 -13.48 -18.92
N LEU A 78 4.14 -12.55 -18.95
CA LEU A 78 2.80 -12.84 -19.48
C LEU A 78 2.73 -12.56 -20.97
N PRO A 79 1.78 -13.22 -21.65
CA PRO A 79 1.58 -13.07 -23.09
C PRO A 79 1.02 -11.70 -23.45
N PHE A 80 -0.05 -11.30 -22.75
CA PHE A 80 -0.69 -10.02 -22.99
C PHE A 80 -0.36 -9.03 -21.87
N LYS A 81 -0.16 -9.56 -20.67
CA LYS A 81 0.16 -8.72 -19.51
C LYS A 81 -1.02 -7.82 -19.16
N SER A 82 -2.23 -8.27 -19.46
CA SER A 82 -3.43 -7.50 -19.17
C SER A 82 -3.95 -7.81 -17.77
N ILE A 83 -4.71 -6.87 -17.20
CA ILE A 83 -5.27 -7.04 -15.87
C ILE A 83 -6.63 -7.73 -15.93
N ASP A 84 -6.76 -8.85 -15.22
CA ASP A 84 -8.01 -9.59 -15.19
C ASP A 84 -8.81 -9.26 -13.94
N GLN A 85 -10.13 -9.25 -14.07
CA GLN A 85 -11.01 -8.94 -12.95
C GLN A 85 -10.68 -9.81 -11.74
N LYS A 86 -10.52 -11.11 -11.99
CA LYS A 86 -10.20 -12.05 -10.92
C LYS A 86 -8.92 -11.64 -10.20
N PHE A 87 -7.96 -11.11 -10.95
CA PHE A 87 -6.69 -10.68 -10.40
C PHE A 87 -6.88 -9.49 -9.46
N MET A 88 -7.64 -8.51 -9.91
CA MET A 88 -7.91 -7.31 -9.11
C MET A 88 -8.55 -7.69 -7.77
N GLU A 89 -9.39 -8.72 -7.79
CA GLU A 89 -10.07 -9.17 -6.58
C GLU A 89 -9.11 -9.98 -5.70
N LYS A 90 -8.61 -11.09 -6.25
CA LYS A 90 -7.69 -11.95 -5.52
C LYS A 90 -6.53 -11.14 -4.93
N SER A 91 -6.03 -10.20 -5.71
CA SER A 91 -4.91 -9.35 -5.27
C SER A 91 -5.37 -8.38 -4.19
N LYS A 92 -6.48 -7.70 -4.45
CA LYS A 92 -7.02 -6.74 -3.50
C LYS A 92 -7.17 -7.36 -2.11
N ASN A 93 -7.56 -8.63 -2.08
CA ASN A 93 -7.73 -9.33 -0.81
C ASN A 93 -6.39 -9.50 -0.10
N GLN A 94 -5.34 -9.69 -0.87
CA GLN A 94 -4.00 -9.88 -0.31
C GLN A 94 -3.41 -8.53 0.10
N LEU A 95 -3.74 -7.48 -0.64
CA LEU A 95 -3.24 -6.15 -0.35
C LEU A 95 -3.97 -5.54 0.85
N ASN A 96 -5.29 -5.65 0.84
CA ASN A 96 -6.11 -5.11 1.92
C ASN A 96 -5.61 -5.61 3.28
N LYS A 97 -5.41 -6.92 3.38
CA LYS A 97 -4.94 -7.53 4.61
C LYS A 97 -3.45 -7.25 4.83
N PHE A 98 -2.72 -7.15 3.73
CA PHE A 98 -1.28 -6.88 3.80
C PHE A 98 -1.01 -5.62 4.60
N LEU A 99 -1.67 -4.53 4.23
CA LEU A 99 -1.49 -3.25 4.90
C LEU A 99 -1.70 -3.41 6.41
N GLN A 100 -2.69 -4.20 6.78
CA GLN A 100 -3.00 -4.43 8.19
C GLN A 100 -1.78 -4.95 8.94
N ASN A 101 -1.11 -5.93 8.35
CA ASN A 101 0.09 -6.51 8.96
C ASN A 101 1.14 -5.45 9.20
N LEU A 102 1.18 -4.44 8.35
CA LEU A 102 2.14 -3.36 8.47
C LEU A 102 1.77 -2.43 9.64
N LEU A 103 0.50 -2.07 9.72
CA LEU A 103 0.02 -1.19 10.79
C LEU A 103 -0.18 -1.98 12.08
N SER A 104 0.02 -3.29 12.00
CA SER A 104 -0.14 -4.14 13.17
C SER A 104 1.18 -4.29 13.92
N ASP A 105 2.28 -4.08 13.22
CA ASP A 105 3.60 -4.19 13.82
C ASP A 105 4.09 -2.84 14.31
N GLU A 106 4.31 -2.74 15.62
CA GLU A 106 4.78 -1.50 16.22
C GLU A 106 6.06 -1.01 15.55
N ARG A 107 6.91 -1.96 15.16
CA ARG A 107 8.17 -1.63 14.51
C ARG A 107 7.93 -0.88 13.20
N LEU A 108 7.00 -1.38 12.40
CA LEU A 108 6.67 -0.77 11.11
C LEU A 108 5.83 0.49 11.32
N CYS A 109 4.98 0.46 12.35
CA CYS A 109 4.13 1.60 12.65
C CYS A 109 4.94 2.89 12.72
N GLN A 110 6.16 2.80 13.21
CA GLN A 110 7.04 3.95 13.33
C GLN A 110 8.00 4.04 12.14
N SER A 111 8.13 2.93 11.41
CA SER A 111 9.01 2.87 10.26
C SER A 111 8.63 3.92 9.22
N GLU A 112 9.54 4.84 8.93
CA GLU A 112 9.29 5.89 7.96
C GLU A 112 8.77 5.30 6.65
N ALA A 113 9.24 4.11 6.32
CA ALA A 113 8.82 3.44 5.09
C ALA A 113 7.30 3.43 4.96
N LEU A 114 6.62 3.38 6.09
CA LEU A 114 5.15 3.36 6.10
C LEU A 114 4.60 4.77 5.95
N TYR A 115 5.05 5.68 6.82
CA TYR A 115 4.60 7.07 6.78
C TYR A 115 4.69 7.63 5.36
N ALA A 116 5.68 7.17 4.61
CA ALA A 116 5.89 7.63 3.25
C ALA A 116 4.88 6.99 2.29
N PHE A 117 4.73 5.67 2.40
CA PHE A 117 3.80 4.94 1.55
C PHE A 117 2.37 5.39 1.80
N LEU A 118 2.04 5.67 3.07
CA LEU A 118 0.71 6.11 3.44
C LEU A 118 0.46 7.54 2.97
N SER A 119 1.53 8.31 2.84
CA SER A 119 1.43 9.70 2.40
C SER A 119 1.27 9.78 0.88
N PRO A 120 0.71 10.90 0.41
CA PRO A 120 0.49 11.14 -1.02
C PRO A 120 1.80 11.33 -1.79
N SER A 121 2.51 10.23 -2.03
CA SER A 121 3.78 10.28 -2.75
C SER A 121 3.75 9.37 -3.96
N PRO A 122 3.49 9.97 -5.14
CA PRO A 122 3.44 9.23 -6.41
C PRO A 122 4.80 8.72 -6.85
N ASP A 123 5.85 9.40 -6.39
CA ASP A 123 7.21 9.01 -6.74
C ASP A 123 7.81 8.08 -5.68
N TYR A 124 6.94 7.52 -4.84
CA TYR A 124 7.38 6.61 -3.79
C TYR A 124 8.20 5.47 -4.36
N LEU A 125 9.14 4.97 -3.56
CA LEU A 125 10.01 3.87 -3.98
C LEU A 125 10.13 2.83 -2.89
N GLY A 1 9.83 16.34 13.03
CA GLY A 1 10.35 15.33 12.12
C GLY A 1 9.45 14.12 12.02
N SER A 2 9.69 13.13 12.87
CA SER A 2 8.90 11.90 12.88
C SER A 2 7.68 12.05 13.78
N ASN A 3 6.72 12.86 13.33
CA ASN A 3 5.50 13.09 14.09
C ASN A 3 4.44 12.05 13.76
N LEU A 4 4.80 10.78 13.90
CA LEU A 4 3.88 9.68 13.62
C LEU A 4 3.36 9.06 14.91
N GLY A 5 2.61 7.97 14.77
CA GLY A 5 2.07 7.30 15.93
C GLY A 5 0.97 6.31 15.57
N MET A 6 -0.19 6.83 15.16
CA MET A 6 -1.31 5.98 14.79
C MET A 6 -1.81 6.33 13.39
N TRP A 7 -1.60 5.43 12.45
CA TRP A 7 -2.02 5.65 11.07
C TRP A 7 -2.88 4.49 10.57
N LYS A 8 -4.03 4.82 10.01
CA LYS A 8 -4.95 3.81 9.49
C LYS A 8 -5.02 3.86 7.97
N ALA A 9 -4.69 2.74 7.34
CA ALA A 9 -4.71 2.65 5.88
C ALA A 9 -5.48 1.42 5.42
N SER A 10 -6.29 1.59 4.37
CA SER A 10 -7.08 0.50 3.83
C SER A 10 -7.50 0.80 2.40
N ILE A 11 -7.93 -0.25 1.68
CA ILE A 11 -8.36 -0.10 0.29
C ILE A 11 -9.89 -0.04 0.20
N THR A 12 -10.39 0.82 -0.68
CA THR A 12 -11.82 0.98 -0.86
C THR A 12 -12.24 0.54 -2.26
N SER A 13 -11.46 0.92 -3.26
CA SER A 13 -11.75 0.57 -4.64
C SER A 13 -10.47 0.29 -5.42
N GLY A 14 -10.62 -0.25 -6.62
CA GLY A 14 -9.47 -0.56 -7.44
C GLY A 14 -9.75 -0.41 -8.93
N GLU A 15 -8.75 0.05 -9.68
CA GLU A 15 -8.90 0.24 -11.11
C GLU A 15 -7.57 0.02 -11.83
N VAL A 16 -7.64 -0.14 -13.15
CA VAL A 16 -6.45 -0.35 -13.95
C VAL A 16 -6.15 0.86 -14.83
N THR A 17 -4.93 1.37 -14.72
CA THR A 17 -4.53 2.53 -15.50
C THR A 17 -3.79 2.11 -16.77
N GLU A 18 -3.38 3.10 -17.56
CA GLU A 18 -2.66 2.83 -18.81
C GLU A 18 -1.45 3.74 -18.95
N GLU A 19 -0.34 3.18 -19.41
CA GLU A 19 0.89 3.94 -19.59
C GLU A 19 1.82 3.25 -20.58
N ASN A 20 2.41 4.03 -21.48
CA ASN A 20 3.32 3.49 -22.49
C ASN A 20 2.68 2.32 -23.23
N GLY A 21 1.35 2.36 -23.34
CA GLY A 21 0.65 1.29 -24.04
C GLY A 21 0.56 0.02 -23.22
N GLU A 22 0.56 0.17 -21.90
CA GLU A 22 0.49 -0.98 -21.00
C GLU A 22 -0.49 -0.72 -19.87
N GLN A 23 -1.18 -1.76 -19.43
CA GLN A 23 -2.15 -1.64 -18.34
C GLN A 23 -1.58 -2.19 -17.04
N LEU A 24 -1.65 -1.39 -15.99
CA LEU A 24 -1.14 -1.80 -14.68
C LEU A 24 -2.23 -1.70 -13.62
N PRO A 25 -2.18 -2.63 -12.65
CA PRO A 25 -3.16 -2.68 -11.56
C PRO A 25 -3.00 -1.52 -10.58
N CYS A 26 -4.12 -0.89 -10.22
CA CYS A 26 -4.09 0.24 -9.30
C CYS A 26 -5.14 0.05 -8.19
N TYR A 27 -4.72 0.25 -6.95
CA TYR A 27 -5.61 0.11 -5.81
C TYR A 27 -5.59 1.36 -4.93
N PHE A 28 -6.76 1.97 -4.76
CA PHE A 28 -6.87 3.18 -3.94
C PHE A 28 -6.60 2.87 -2.48
N VAL A 29 -5.87 3.76 -1.82
CA VAL A 29 -5.53 3.59 -0.41
C VAL A 29 -5.97 4.79 0.41
N MET A 30 -6.88 4.57 1.36
CA MET A 30 -7.38 5.65 2.21
C MET A 30 -6.60 5.69 3.52
N VAL A 31 -5.78 6.73 3.68
CA VAL A 31 -4.98 6.90 4.89
C VAL A 31 -5.61 7.94 5.82
N SER A 32 -5.68 7.60 7.10
CA SER A 32 -6.26 8.50 8.09
C SER A 32 -5.34 8.64 9.30
N LEU A 33 -5.04 9.89 9.67
CA LEU A 33 -4.17 10.16 10.79
C LEU A 33 -4.92 10.91 11.89
N GLN A 34 -5.08 10.27 13.05
CA GLN A 34 -5.78 10.89 14.17
C GLN A 34 -4.81 11.62 15.08
N GLU A 35 -4.65 12.92 14.87
CA GLU A 35 -3.75 13.73 15.67
C GLU A 35 -4.39 14.10 17.00
N VAL A 36 -3.69 14.92 17.78
CA VAL A 36 -4.19 15.35 19.08
C VAL A 36 -5.61 15.91 18.96
N GLY A 37 -6.37 15.79 20.05
CA GLY A 37 -7.74 16.28 20.05
C GLY A 37 -7.84 17.71 19.54
N GLY A 38 -6.81 18.49 19.78
CA GLY A 38 -6.80 19.88 19.33
C GLY A 38 -6.99 19.99 17.82
N VAL A 39 -6.47 19.02 17.09
CA VAL A 39 -6.59 19.03 15.64
C VAL A 39 -7.54 17.93 15.16
N GLU A 40 -8.26 18.22 14.07
CA GLU A 40 -9.20 17.26 13.52
C GLU A 40 -8.48 16.16 12.74
N THR A 41 -8.98 14.94 12.85
CA THR A 41 -8.39 13.80 12.16
C THR A 41 -8.44 13.99 10.66
N LYS A 42 -7.31 13.74 10.00
CA LYS A 42 -7.22 13.88 8.55
C LYS A 42 -7.45 12.53 7.85
N ASN A 43 -7.97 12.58 6.63
CA ASN A 43 -8.23 11.37 5.87
C ASN A 43 -8.23 11.65 4.38
N TRP A 44 -7.41 10.92 3.64
CA TRP A 44 -7.31 11.09 2.19
C TRP A 44 -7.13 9.76 1.49
N THR A 45 -7.36 9.74 0.18
CA THR A 45 -7.24 8.52 -0.61
C THR A 45 -6.25 8.71 -1.76
N VAL A 46 -5.35 7.75 -1.93
CA VAL A 46 -4.36 7.81 -2.99
C VAL A 46 -4.18 6.45 -3.66
N PRO A 47 -4.13 6.45 -4.99
CA PRO A 47 -3.96 5.23 -5.78
C PRO A 47 -2.57 4.63 -5.64
N ARG A 48 -2.51 3.33 -5.42
CA ARG A 48 -1.23 2.63 -5.25
C ARG A 48 -1.13 1.44 -6.20
N ARG A 49 -0.04 1.39 -6.97
CA ARG A 49 0.17 0.30 -7.91
C ARG A 49 0.67 -0.96 -7.20
N LEU A 50 0.44 -2.11 -7.81
CA LEU A 50 0.87 -3.38 -7.24
C LEU A 50 2.36 -3.33 -6.88
N SER A 51 3.18 -2.92 -7.83
CA SER A 51 4.62 -2.83 -7.60
C SER A 51 4.93 -2.03 -6.33
N GLU A 52 4.20 -0.94 -6.14
CA GLU A 52 4.39 -0.10 -4.97
C GLU A 52 4.30 -0.91 -3.68
N PHE A 53 3.20 -1.64 -3.53
CA PHE A 53 2.99 -2.47 -2.35
C PHE A 53 4.19 -3.38 -2.10
N GLN A 54 4.77 -3.89 -3.19
CA GLN A 54 5.92 -4.78 -3.09
C GLN A 54 7.16 -4.02 -2.65
N ASN A 55 7.43 -2.89 -3.31
CA ASN A 55 8.58 -2.07 -2.99
C ASN A 55 8.62 -1.74 -1.50
N LEU A 56 7.46 -1.48 -0.93
CA LEU A 56 7.36 -1.16 0.49
C LEU A 56 7.62 -2.39 1.36
N HIS A 57 7.17 -3.55 0.86
CA HIS A 57 7.35 -4.80 1.58
C HIS A 57 8.81 -4.99 2.00
N ARG A 58 9.73 -4.72 1.06
CA ARG A 58 11.16 -4.85 1.33
C ARG A 58 11.61 -3.83 2.37
N LYS A 59 11.29 -2.57 2.13
CA LYS A 59 11.66 -1.49 3.04
C LYS A 59 11.24 -1.82 4.47
N LEU A 60 10.09 -2.46 4.61
CA LEU A 60 9.57 -2.83 5.92
C LEU A 60 10.21 -4.13 6.41
N SER A 61 10.47 -5.04 5.48
CA SER A 61 11.07 -6.32 5.83
C SER A 61 12.35 -6.12 6.65
N GLU A 62 13.17 -5.18 6.22
CA GLU A 62 14.42 -4.88 6.92
C GLU A 62 14.16 -4.58 8.40
N CYS A 63 13.01 -3.97 8.68
CA CYS A 63 12.65 -3.63 10.05
C CYS A 63 12.06 -4.85 10.77
N VAL A 64 11.33 -5.67 10.03
CA VAL A 64 10.72 -6.86 10.60
C VAL A 64 10.93 -8.08 9.70
N PRO A 65 11.60 -9.12 10.24
CA PRO A 65 11.87 -10.34 9.50
C PRO A 65 10.61 -11.17 9.25
N SER A 66 9.74 -11.24 10.25
CA SER A 66 8.50 -12.00 10.14
C SER A 66 7.74 -11.59 8.88
N LEU A 67 7.76 -10.30 8.58
CA LEU A 67 7.06 -9.78 7.41
C LEU A 67 7.46 -10.54 6.15
N LYS A 68 8.69 -11.03 6.13
CA LYS A 68 9.20 -11.78 4.98
C LYS A 68 8.27 -12.95 4.66
N LYS A 69 7.55 -13.44 5.67
CA LYS A 69 6.63 -14.55 5.48
C LYS A 69 5.45 -14.13 4.59
N VAL A 70 5.14 -12.84 4.61
CA VAL A 70 4.03 -12.33 3.81
C VAL A 70 4.40 -12.28 2.32
N GLN A 71 3.49 -12.75 1.48
CA GLN A 71 3.71 -12.76 0.04
C GLN A 71 2.67 -11.92 -0.69
N LEU A 72 3.13 -11.06 -1.59
CA LEU A 72 2.23 -10.20 -2.35
C LEU A 72 2.08 -10.70 -3.79
N PRO A 73 0.94 -10.38 -4.41
CA PRO A 73 0.65 -10.78 -5.79
C PRO A 73 1.54 -10.06 -6.81
N SER A 74 1.51 -10.54 -8.04
CA SER A 74 2.32 -9.95 -9.11
C SER A 74 1.61 -10.07 -10.46
N LEU A 75 2.15 -9.38 -11.46
CA LEU A 75 1.57 -9.42 -12.80
C LEU A 75 2.31 -10.41 -13.69
N SER A 76 1.89 -10.50 -14.94
CA SER A 76 2.51 -11.42 -15.89
C SER A 76 2.72 -10.75 -17.25
N LYS A 77 3.45 -11.42 -18.13
CA LYS A 77 3.72 -10.89 -19.45
C LYS A 77 2.73 -11.43 -20.47
N LEU A 78 1.48 -11.62 -20.04
CA LEU A 78 0.44 -12.13 -20.92
C LEU A 78 -0.27 -11.00 -21.64
N PRO A 79 -0.13 -10.97 -22.97
CA PRO A 79 -0.75 -9.94 -23.82
C PRO A 79 -2.26 -10.09 -23.89
N PHE A 80 -2.72 -11.32 -24.05
CA PHE A 80 -4.17 -11.59 -24.12
C PHE A 80 -4.80 -11.55 -22.74
N LYS A 81 -4.08 -12.08 -21.76
CA LYS A 81 -4.58 -12.10 -20.38
C LYS A 81 -4.37 -10.76 -19.70
N SER A 82 -5.35 -9.87 -19.83
CA SER A 82 -5.27 -8.55 -19.24
C SER A 82 -5.82 -8.56 -17.81
N ILE A 83 -5.32 -7.64 -16.98
CA ILE A 83 -5.76 -7.56 -15.59
C ILE A 83 -7.28 -7.48 -15.50
N ASP A 84 -7.89 -8.54 -14.99
CA ASP A 84 -9.34 -8.60 -14.84
C ASP A 84 -9.74 -8.61 -13.37
N GLN A 85 -11.04 -8.74 -13.12
CA GLN A 85 -11.54 -8.76 -11.75
C GLN A 85 -11.00 -9.96 -10.98
N LYS A 86 -10.84 -11.07 -11.68
CA LYS A 86 -10.32 -12.29 -11.07
C LYS A 86 -8.99 -12.03 -10.36
N PHE A 87 -8.14 -11.24 -11.01
CA PHE A 87 -6.84 -10.90 -10.45
C PHE A 87 -6.94 -9.72 -9.50
N MET A 88 -7.60 -8.66 -9.96
CA MET A 88 -7.77 -7.45 -9.16
C MET A 88 -8.33 -7.79 -7.78
N GLU A 89 -9.28 -8.73 -7.74
CA GLU A 89 -9.89 -9.14 -6.49
C GLU A 89 -8.94 -10.04 -5.69
N LYS A 90 -8.47 -11.10 -6.33
CA LYS A 90 -7.55 -12.04 -5.69
C LYS A 90 -6.37 -11.30 -5.05
N SER A 91 -5.92 -10.25 -5.72
CA SER A 91 -4.80 -9.46 -5.23
C SER A 91 -5.26 -8.44 -4.19
N LYS A 92 -6.38 -7.79 -4.46
CA LYS A 92 -6.93 -6.80 -3.56
C LYS A 92 -7.06 -7.36 -2.15
N ASN A 93 -7.51 -8.60 -2.05
CA ASN A 93 -7.68 -9.26 -0.76
C ASN A 93 -6.34 -9.43 -0.06
N GLN A 94 -5.29 -9.67 -0.84
CA GLN A 94 -3.95 -9.85 -0.29
C GLN A 94 -3.35 -8.51 0.11
N LEU A 95 -3.67 -7.47 -0.64
CA LEU A 95 -3.15 -6.13 -0.37
C LEU A 95 -3.87 -5.51 0.83
N ASN A 96 -5.20 -5.63 0.84
CA ASN A 96 -6.00 -5.08 1.93
C ASN A 96 -5.51 -5.58 3.28
N LYS A 97 -5.32 -6.90 3.39
CA LYS A 97 -4.85 -7.51 4.62
C LYS A 97 -3.37 -7.23 4.83
N PHE A 98 -2.62 -7.14 3.74
CA PHE A 98 -1.19 -6.87 3.81
C PHE A 98 -0.90 -5.61 4.61
N LEU A 99 -1.56 -4.51 4.24
CA LEU A 99 -1.38 -3.24 4.92
C LEU A 99 -1.59 -3.40 6.43
N GLN A 100 -2.59 -4.20 6.79
CA GLN A 100 -2.89 -4.43 8.20
C GLN A 100 -1.68 -4.97 8.94
N ASN A 101 -1.02 -5.96 8.34
CA ASN A 101 0.17 -6.56 8.95
C ASN A 101 1.24 -5.51 9.22
N LEU A 102 1.29 -4.49 8.37
CA LEU A 102 2.26 -3.42 8.51
C LEU A 102 1.88 -2.49 9.66
N LEU A 103 0.61 -2.12 9.72
CA LEU A 103 0.12 -1.23 10.77
C LEU A 103 -0.10 -1.99 12.07
N SER A 104 0.10 -3.30 12.02
CA SER A 104 -0.07 -4.15 13.19
C SER A 104 1.25 -4.30 13.95
N ASP A 105 2.36 -4.11 13.25
CA ASP A 105 3.68 -4.22 13.86
C ASP A 105 4.17 -2.86 14.35
N GLU A 106 4.39 -2.75 15.66
CA GLU A 106 4.86 -1.51 16.25
C GLU A 106 6.14 -1.03 15.57
N ARG A 107 6.98 -1.97 15.19
CA ARG A 107 8.25 -1.65 14.53
C ARG A 107 8.00 -0.91 13.22
N LEU A 108 7.08 -1.42 12.42
CA LEU A 108 6.74 -0.81 11.14
C LEU A 108 5.90 0.45 11.35
N CYS A 109 5.05 0.42 12.36
CA CYS A 109 4.18 1.57 12.66
C CYS A 109 4.99 2.85 12.73
N GLN A 110 6.22 2.75 13.21
CA GLN A 110 7.09 3.92 13.33
C GLN A 110 8.04 4.02 12.14
N SER A 111 8.18 2.91 11.41
CA SER A 111 9.06 2.86 10.25
C SER A 111 8.63 3.90 9.21
N GLU A 112 9.54 4.83 8.91
CA GLU A 112 9.26 5.87 7.93
C GLU A 112 8.77 5.27 6.62
N ALA A 113 9.25 4.08 6.29
CA ALA A 113 8.85 3.40 5.07
C ALA A 113 7.32 3.37 4.93
N LEU A 114 6.64 3.29 6.07
CA LEU A 114 5.18 3.25 6.07
C LEU A 114 4.60 4.65 5.86
N TYR A 115 4.98 5.58 6.73
CA TYR A 115 4.50 6.96 6.63
C TYR A 115 4.66 7.50 5.22
N ALA A 116 5.71 7.05 4.54
CA ALA A 116 5.98 7.49 3.18
C ALA A 116 5.01 6.85 2.19
N PHE A 117 4.84 5.53 2.31
CA PHE A 117 3.95 4.80 1.43
C PHE A 117 2.50 5.24 1.64
N LEU A 118 2.15 5.52 2.88
CA LEU A 118 0.80 5.97 3.20
C LEU A 118 0.54 7.38 2.70
N SER A 119 1.61 8.16 2.58
CA SER A 119 1.49 9.54 2.11
C SER A 119 1.30 9.58 0.60
N PRO A 120 0.76 10.70 0.11
CA PRO A 120 0.50 10.90 -1.32
C PRO A 120 1.79 11.05 -2.13
N SER A 121 2.47 9.94 -2.36
CA SER A 121 3.72 9.95 -3.11
C SER A 121 3.64 9.02 -4.32
N PRO A 122 3.36 9.59 -5.49
CA PRO A 122 3.25 8.84 -6.74
C PRO A 122 4.60 8.30 -7.21
N ASP A 123 5.67 8.95 -6.80
CA ASP A 123 7.02 8.54 -7.18
C ASP A 123 7.66 7.70 -6.08
N TYR A 124 6.83 7.22 -5.15
CA TYR A 124 7.32 6.40 -4.05
C TYR A 124 8.13 5.22 -4.57
N LEU A 125 9.13 4.82 -3.80
CA LEU A 125 9.99 3.70 -4.17
C LEU A 125 10.17 2.72 -3.01
N GLY A 1 9.69 7.16 14.26
CA GLY A 1 8.92 8.30 13.79
C GLY A 1 9.02 9.49 14.72
N SER A 2 8.68 10.67 14.21
CA SER A 2 8.73 11.89 15.01
C SER A 2 7.34 12.49 15.17
N ASN A 3 6.63 12.65 14.07
CA ASN A 3 5.28 13.21 14.08
C ASN A 3 4.25 12.16 13.68
N LEU A 4 4.49 10.92 14.08
CA LEU A 4 3.58 9.83 13.76
C LEU A 4 3.20 9.05 15.01
N GLY A 5 2.54 7.91 14.81
CA GLY A 5 2.14 7.10 15.94
C GLY A 5 1.03 6.12 15.58
N MET A 6 -0.13 6.65 15.21
CA MET A 6 -1.26 5.82 14.83
C MET A 6 -1.79 6.20 13.46
N TRP A 7 -1.59 5.32 12.48
CA TRP A 7 -2.04 5.57 11.12
C TRP A 7 -2.90 4.41 10.60
N LYS A 8 -4.06 4.74 10.04
CA LYS A 8 -4.97 3.73 9.53
C LYS A 8 -5.03 3.79 8.00
N ALA A 9 -4.73 2.67 7.35
CA ALA A 9 -4.76 2.61 5.90
C ALA A 9 -5.52 1.37 5.42
N SER A 10 -6.31 1.55 4.37
CA SER A 10 -7.10 0.45 3.82
C SER A 10 -7.53 0.75 2.38
N ILE A 11 -7.92 -0.28 1.66
CA ILE A 11 -8.35 -0.14 0.28
C ILE A 11 -9.87 -0.03 0.17
N THR A 12 -10.34 0.86 -0.70
CA THR A 12 -11.77 1.05 -0.89
C THR A 12 -12.21 0.55 -2.26
N SER A 13 -11.45 0.90 -3.29
CA SER A 13 -11.76 0.49 -4.65
C SER A 13 -10.50 0.13 -5.42
N GLY A 14 -10.66 -0.32 -6.66
CA GLY A 14 -9.52 -0.70 -7.48
C GLY A 14 -9.80 -0.53 -8.96
N GLU A 15 -8.77 -0.14 -9.71
CA GLU A 15 -8.90 0.06 -11.14
C GLU A 15 -7.57 -0.13 -11.85
N VAL A 16 -7.62 -0.32 -13.16
CA VAL A 16 -6.41 -0.52 -13.96
C VAL A 16 -6.13 0.68 -14.84
N THR A 17 -4.91 1.22 -14.73
CA THR A 17 -4.51 2.37 -15.52
C THR A 17 -3.78 1.94 -16.79
N GLU A 18 -3.39 2.93 -17.61
CA GLU A 18 -2.69 2.65 -18.85
C GLU A 18 -1.50 3.59 -19.01
N GLU A 19 -0.37 3.04 -19.46
CA GLU A 19 0.84 3.83 -19.67
C GLU A 19 1.78 3.12 -20.65
N ASN A 20 2.37 3.90 -21.56
CA ASN A 20 3.29 3.36 -22.55
C ASN A 20 2.65 2.19 -23.30
N GLY A 21 1.33 2.22 -23.41
CA GLY A 21 0.63 1.15 -24.10
C GLY A 21 0.55 -0.12 -23.28
N GLU A 22 0.55 0.02 -21.96
CA GLU A 22 0.48 -1.12 -21.07
C GLU A 22 -0.50 -0.87 -19.93
N GLN A 23 -1.17 -1.92 -19.49
CA GLN A 23 -2.14 -1.80 -18.40
C GLN A 23 -1.56 -2.34 -17.10
N LEU A 24 -1.63 -1.54 -16.05
CA LEU A 24 -1.11 -1.94 -14.74
C LEU A 24 -2.19 -1.85 -13.67
N PRO A 25 -2.14 -2.77 -12.69
CA PRO A 25 -3.11 -2.81 -11.59
C PRO A 25 -2.96 -1.63 -10.64
N CYS A 26 -4.07 -1.01 -10.28
CA CYS A 26 -4.07 0.13 -9.37
C CYS A 26 -5.14 -0.03 -8.29
N TYR A 27 -4.74 0.19 -7.04
CA TYR A 27 -5.65 0.07 -5.91
C TYR A 27 -5.63 1.32 -5.05
N PHE A 28 -6.80 1.92 -4.85
CA PHE A 28 -6.92 3.12 -4.05
C PHE A 28 -6.78 2.81 -2.56
N VAL A 29 -5.99 3.63 -1.86
CA VAL A 29 -5.77 3.43 -0.43
C VAL A 29 -6.12 4.69 0.35
N MET A 30 -7.01 4.54 1.34
CA MET A 30 -7.42 5.67 2.17
C MET A 30 -6.66 5.68 3.48
N VAL A 31 -5.95 6.78 3.75
CA VAL A 31 -5.18 6.93 4.97
C VAL A 31 -5.86 7.88 5.94
N SER A 32 -5.75 7.59 7.24
CA SER A 32 -6.35 8.42 8.26
C SER A 32 -5.40 8.60 9.45
N LEU A 33 -5.12 9.85 9.79
CA LEU A 33 -4.22 10.16 10.90
C LEU A 33 -4.96 10.95 11.98
N GLN A 34 -5.16 10.32 13.13
CA GLN A 34 -5.84 10.96 14.24
C GLN A 34 -4.84 11.59 15.21
N GLU A 35 -4.57 12.88 15.03
CA GLU A 35 -3.64 13.59 15.88
C GLU A 35 -4.31 14.03 17.18
N VAL A 36 -3.57 14.79 17.99
CA VAL A 36 -4.10 15.28 19.26
C VAL A 36 -5.45 15.95 19.07
N GLY A 37 -6.26 15.92 20.12
CA GLY A 37 -7.58 16.54 20.05
C GLY A 37 -7.53 17.95 19.50
N GLY A 38 -6.44 18.66 19.77
CA GLY A 38 -6.29 20.01 19.30
C GLY A 38 -6.40 20.12 17.79
N VAL A 39 -5.95 19.07 17.09
CA VAL A 39 -5.99 19.05 15.63
C VAL A 39 -7.06 18.09 15.13
N GLU A 40 -7.64 18.40 13.98
CA GLU A 40 -8.67 17.56 13.39
C GLU A 40 -8.06 16.40 12.61
N THR A 41 -8.67 15.22 12.73
CA THR A 41 -8.18 14.04 12.04
C THR A 41 -8.25 14.21 10.53
N LYS A 42 -7.16 13.87 9.85
CA LYS A 42 -7.11 13.98 8.39
C LYS A 42 -7.45 12.65 7.72
N ASN A 43 -8.08 12.74 6.56
CA ASN A 43 -8.46 11.54 5.81
C ASN A 43 -8.41 11.81 4.31
N TRP A 44 -7.68 10.96 3.60
CA TRP A 44 -7.55 11.10 2.15
C TRP A 44 -7.28 9.74 1.50
N THR A 45 -7.43 9.69 0.18
CA THR A 45 -7.21 8.45 -0.56
C THR A 45 -6.30 8.69 -1.76
N VAL A 46 -5.46 7.70 -2.06
CA VAL A 46 -4.53 7.79 -3.18
C VAL A 46 -4.30 6.43 -3.83
N PRO A 47 -4.28 6.41 -5.16
CA PRO A 47 -4.07 5.18 -5.94
C PRO A 47 -2.65 4.65 -5.80
N ARG A 48 -2.53 3.33 -5.69
CA ARG A 48 -1.22 2.69 -5.56
C ARG A 48 -1.09 1.51 -6.51
N ARG A 49 0.12 1.32 -7.05
CA ARG A 49 0.37 0.22 -7.98
C ARG A 49 0.88 -1.01 -7.24
N LEU A 50 0.56 -2.18 -7.77
CA LEU A 50 0.99 -3.44 -7.16
C LEU A 50 2.50 -3.43 -6.91
N SER A 51 3.26 -3.05 -7.92
CA SER A 51 4.72 -3.00 -7.81
C SER A 51 5.14 -2.15 -6.61
N GLU A 52 4.38 -1.09 -6.36
CA GLU A 52 4.68 -0.19 -5.25
C GLU A 52 4.56 -0.91 -3.91
N PHE A 53 3.45 -1.62 -3.73
CA PHE A 53 3.20 -2.36 -2.50
C PHE A 53 4.39 -3.25 -2.16
N GLN A 54 4.92 -3.94 -3.16
CA GLN A 54 6.06 -4.82 -2.97
C GLN A 54 7.29 -4.05 -2.54
N ASN A 55 7.55 -2.93 -3.22
CA ASN A 55 8.70 -2.10 -2.92
C ASN A 55 8.74 -1.75 -1.43
N LEU A 56 7.60 -1.34 -0.89
CA LEU A 56 7.50 -0.99 0.53
C LEU A 56 7.76 -2.22 1.41
N HIS A 57 7.31 -3.37 0.96
CA HIS A 57 7.49 -4.61 1.70
C HIS A 57 8.97 -4.84 2.03
N ARG A 58 9.83 -4.53 1.07
CA ARG A 58 11.27 -4.70 1.25
C ARG A 58 11.79 -3.74 2.32
N LYS A 59 11.41 -2.48 2.22
CA LYS A 59 11.85 -1.47 3.18
C LYS A 59 11.36 -1.81 4.59
N LEU A 60 10.17 -2.39 4.67
CA LEU A 60 9.59 -2.76 5.96
C LEU A 60 10.21 -4.05 6.47
N SER A 61 10.54 -4.97 5.55
CA SER A 61 11.13 -6.24 5.92
C SER A 61 12.34 -6.04 6.82
N GLU A 62 13.17 -5.06 6.48
CA GLU A 62 14.37 -4.76 7.26
C GLU A 62 14.01 -4.52 8.72
N CYS A 63 12.84 -3.95 8.96
CA CYS A 63 12.38 -3.67 10.31
C CYS A 63 11.77 -4.91 10.95
N VAL A 64 11.11 -5.72 10.13
CA VAL A 64 10.48 -6.94 10.62
C VAL A 64 10.77 -8.12 9.70
N PRO A 65 11.42 -9.16 10.25
CA PRO A 65 11.77 -10.37 9.50
C PRO A 65 10.55 -11.20 9.13
N SER A 66 9.67 -11.40 10.11
CA SER A 66 8.46 -12.19 9.88
C SER A 66 7.71 -11.69 8.65
N LEU A 67 7.82 -10.40 8.38
CA LEU A 67 7.15 -9.80 7.21
C LEU A 67 7.47 -10.57 5.94
N LYS A 68 8.69 -11.11 5.87
CA LYS A 68 9.13 -11.87 4.71
C LYS A 68 8.14 -12.99 4.40
N LYS A 69 7.39 -13.42 5.41
CA LYS A 69 6.42 -14.49 5.24
C LYS A 69 5.28 -14.04 4.32
N VAL A 70 5.04 -12.74 4.26
CA VAL A 70 4.00 -12.19 3.42
C VAL A 70 4.50 -11.95 2.00
N GLN A 71 3.69 -12.35 1.02
CA GLN A 71 4.06 -12.18 -0.39
C GLN A 71 2.96 -11.45 -1.14
N LEU A 72 3.34 -10.42 -1.89
CA LEU A 72 2.38 -9.64 -2.67
C LEU A 72 2.10 -10.32 -4.01
N PRO A 73 0.91 -10.04 -4.57
CA PRO A 73 0.50 -10.61 -5.86
C PRO A 73 1.28 -10.02 -7.04
N SER A 74 1.17 -10.67 -8.19
CA SER A 74 1.89 -10.22 -9.38
C SER A 74 1.28 -10.84 -10.64
N LEU A 75 1.69 -10.33 -11.79
CA LEU A 75 1.19 -10.83 -13.07
C LEU A 75 2.32 -10.99 -14.08
N SER A 76 1.95 -11.24 -15.33
CA SER A 76 2.94 -11.41 -16.39
C SER A 76 2.88 -10.25 -17.38
N LYS A 77 3.65 -10.36 -18.46
CA LYS A 77 3.68 -9.32 -19.49
C LYS A 77 3.13 -9.84 -20.81
N LEU A 78 2.14 -10.71 -20.72
CA LEU A 78 1.50 -11.29 -21.91
C LEU A 78 0.35 -10.42 -22.38
N PRO A 79 0.05 -10.48 -23.69
CA PRO A 79 -1.03 -9.71 -24.29
C PRO A 79 -2.41 -10.22 -23.86
N PHE A 80 -2.52 -11.53 -23.66
CA PHE A 80 -3.77 -12.13 -23.24
C PHE A 80 -3.91 -12.13 -21.72
N LYS A 81 -2.78 -12.30 -21.03
CA LYS A 81 -2.77 -12.31 -19.58
C LYS A 81 -2.88 -10.89 -19.02
N SER A 82 -4.00 -10.25 -19.32
CA SER A 82 -4.23 -8.88 -18.84
C SER A 82 -4.90 -8.89 -17.47
N ILE A 83 -4.83 -7.75 -16.77
CA ILE A 83 -5.42 -7.63 -15.46
C ILE A 83 -6.95 -7.63 -15.53
N ASP A 84 -7.56 -8.70 -15.01
CA ASP A 84 -9.01 -8.83 -15.01
C ASP A 84 -9.58 -8.69 -13.61
N GLN A 85 -10.90 -8.52 -13.52
CA GLN A 85 -11.56 -8.38 -12.23
C GLN A 85 -11.20 -9.53 -11.30
N LYS A 86 -11.04 -10.73 -11.87
CA LYS A 86 -10.69 -11.91 -11.10
C LYS A 86 -9.42 -11.68 -10.29
N PHE A 87 -8.44 -11.04 -10.93
CA PHE A 87 -7.17 -10.75 -10.27
C PHE A 87 -7.27 -9.52 -9.38
N MET A 88 -8.02 -8.52 -9.85
CA MET A 88 -8.20 -7.28 -9.10
C MET A 88 -8.71 -7.57 -7.69
N GLU A 89 -9.55 -8.60 -7.57
CA GLU A 89 -10.11 -8.98 -6.28
C GLU A 89 -9.13 -9.88 -5.51
N LYS A 90 -8.71 -10.96 -6.16
CA LYS A 90 -7.79 -11.91 -5.53
C LYS A 90 -6.57 -11.19 -4.97
N SER A 91 -6.07 -10.20 -5.73
CA SER A 91 -4.91 -9.43 -5.31
C SER A 91 -5.28 -8.43 -4.23
N LYS A 92 -6.45 -7.81 -4.38
CA LYS A 92 -6.92 -6.83 -3.42
C LYS A 92 -7.00 -7.43 -2.01
N ASN A 93 -7.37 -8.70 -1.94
CA ASN A 93 -7.47 -9.39 -0.66
C ASN A 93 -6.09 -9.51 0.01
N GLN A 94 -5.06 -9.67 -0.80
CA GLN A 94 -3.70 -9.80 -0.30
C GLN A 94 -3.14 -8.44 0.09
N LEU A 95 -3.52 -7.41 -0.65
CA LEU A 95 -3.05 -6.05 -0.38
C LEU A 95 -3.77 -5.46 0.83
N ASN A 96 -5.09 -5.61 0.87
CA ASN A 96 -5.89 -5.09 1.97
C ASN A 96 -5.37 -5.60 3.30
N LYS A 97 -5.16 -6.91 3.39
CA LYS A 97 -4.65 -7.53 4.61
C LYS A 97 -3.18 -7.21 4.83
N PHE A 98 -2.44 -7.08 3.72
CA PHE A 98 -1.02 -6.78 3.79
C PHE A 98 -0.77 -5.52 4.63
N LEU A 99 -1.46 -4.44 4.28
CA LEU A 99 -1.33 -3.18 4.99
C LEU A 99 -1.53 -3.37 6.48
N GLN A 100 -2.50 -4.20 6.84
CA GLN A 100 -2.81 -4.48 8.24
C GLN A 100 -1.58 -5.00 8.97
N ASN A 101 -0.88 -5.95 8.34
CA ASN A 101 0.31 -6.53 8.94
C ASN A 101 1.36 -5.46 9.22
N LEU A 102 1.38 -4.42 8.39
CA LEU A 102 2.33 -3.33 8.55
C LEU A 102 1.96 -2.45 9.74
N LEU A 103 0.67 -2.11 9.84
CA LEU A 103 0.18 -1.28 10.94
C LEU A 103 0.00 -2.10 12.20
N SER A 104 0.18 -3.42 12.09
CA SER A 104 0.03 -4.31 13.22
C SER A 104 1.36 -4.47 13.98
N ASP A 105 2.45 -4.21 13.27
CA ASP A 105 3.78 -4.32 13.87
C ASP A 105 4.26 -2.97 14.37
N GLU A 106 4.53 -2.89 15.67
CA GLU A 106 5.01 -1.64 16.27
C GLU A 106 6.28 -1.15 15.59
N ARG A 107 7.13 -2.10 15.19
CA ARG A 107 8.38 -1.76 14.52
C ARG A 107 8.12 -0.97 13.25
N LEU A 108 7.19 -1.45 12.44
CA LEU A 108 6.84 -0.79 11.17
C LEU A 108 5.99 0.44 11.43
N CYS A 109 5.16 0.38 12.46
CA CYS A 109 4.29 1.50 12.81
C CYS A 109 5.06 2.80 12.89
N GLN A 110 6.31 2.71 13.37
CA GLN A 110 7.17 3.89 13.49
C GLN A 110 8.09 4.01 12.29
N SER A 111 8.22 2.93 11.54
CA SER A 111 9.08 2.92 10.36
C SER A 111 8.63 3.96 9.35
N GLU A 112 9.50 4.93 9.07
CA GLU A 112 9.18 6.00 8.12
C GLU A 112 8.71 5.41 6.80
N ALA A 113 9.23 4.24 6.45
CA ALA A 113 8.86 3.58 5.21
C ALA A 113 7.35 3.51 5.05
N LEU A 114 6.64 3.39 6.18
CA LEU A 114 5.19 3.31 6.15
C LEU A 114 4.58 4.69 5.93
N TYR A 115 4.88 5.63 6.82
CA TYR A 115 4.36 6.99 6.71
C TYR A 115 4.57 7.55 5.32
N ALA A 116 5.67 7.14 4.69
CA ALA A 116 6.00 7.60 3.34
C ALA A 116 5.09 6.94 2.31
N PHE A 117 4.83 5.65 2.50
CA PHE A 117 3.97 4.90 1.59
C PHE A 117 2.51 5.30 1.74
N LEU A 118 2.11 5.59 2.98
CA LEU A 118 0.74 5.99 3.27
C LEU A 118 0.45 7.40 2.74
N SER A 119 1.51 8.21 2.63
CA SER A 119 1.35 9.57 2.13
C SER A 119 1.08 9.58 0.63
N PRO A 120 0.48 10.67 0.14
CA PRO A 120 0.15 10.82 -1.28
C PRO A 120 1.39 11.01 -2.15
N SER A 121 2.11 9.91 -2.38
CA SER A 121 3.33 9.95 -3.19
C SER A 121 3.23 8.96 -4.34
N PRO A 122 2.87 9.48 -5.53
CA PRO A 122 2.73 8.67 -6.74
C PRO A 122 4.08 8.17 -7.26
N ASP A 123 5.14 8.90 -6.93
CA ASP A 123 6.48 8.54 -7.36
C ASP A 123 7.20 7.73 -6.28
N TYR A 124 6.43 7.22 -5.32
CA TYR A 124 7.00 6.44 -4.23
C TYR A 124 7.83 5.28 -4.76
N LEU A 125 8.90 4.95 -4.05
CA LEU A 125 9.78 3.86 -4.45
C LEU A 125 9.65 2.67 -3.51
N GLY A 1 11.19 17.02 14.39
CA GLY A 1 11.44 15.70 13.84
C GLY A 1 10.16 15.00 13.41
N SER A 2 10.28 13.72 13.08
CA SER A 2 9.13 12.94 12.65
C SER A 2 8.01 12.98 13.69
N ASN A 3 6.77 12.98 13.22
CA ASN A 3 5.62 13.03 14.11
C ASN A 3 4.60 11.96 13.73
N LEU A 4 4.93 10.70 14.00
CA LEU A 4 4.03 9.60 13.68
C LEU A 4 3.66 8.82 14.94
N GLY A 5 3.00 7.69 14.76
CA GLY A 5 2.59 6.87 15.89
C GLY A 5 1.32 6.09 15.61
N MET A 6 0.27 6.79 15.24
CA MET A 6 -1.02 6.16 14.95
C MET A 6 -1.50 6.51 13.55
N TRP A 7 -1.49 5.55 12.65
CA TRP A 7 -1.92 5.76 11.27
C TRP A 7 -2.85 4.64 10.81
N LYS A 8 -3.64 4.93 9.78
CA LYS A 8 -4.58 3.95 9.25
C LYS A 8 -4.46 3.85 7.72
N ALA A 9 -4.72 2.67 7.19
CA ALA A 9 -4.65 2.45 5.74
C ALA A 9 -5.51 1.27 5.32
N SER A 10 -6.31 1.46 4.28
CA SER A 10 -7.19 0.42 3.78
C SER A 10 -7.62 0.71 2.35
N ILE A 11 -8.02 -0.33 1.63
CA ILE A 11 -8.47 -0.19 0.25
C ILE A 11 -9.99 -0.14 0.16
N THR A 12 -10.50 0.71 -0.72
CA THR A 12 -11.94 0.86 -0.90
C THR A 12 -12.37 0.43 -2.30
N SER A 13 -11.58 0.84 -3.30
CA SER A 13 -11.88 0.50 -4.69
C SER A 13 -10.59 0.17 -5.45
N GLY A 14 -10.75 -0.35 -6.67
CA GLY A 14 -9.60 -0.71 -7.48
C GLY A 14 -9.88 -0.56 -8.97
N GLU A 15 -8.87 -0.14 -9.71
CA GLU A 15 -9.01 0.03 -11.15
C GLU A 15 -7.66 -0.13 -11.86
N VAL A 16 -7.70 -0.35 -13.16
CA VAL A 16 -6.49 -0.52 -13.96
C VAL A 16 -6.22 0.70 -14.82
N THR A 17 -5.02 1.27 -14.69
CA THR A 17 -4.64 2.44 -15.46
C THR A 17 -3.86 2.05 -16.71
N GLU A 18 -3.49 3.05 -17.51
CA GLU A 18 -2.74 2.80 -18.74
C GLU A 18 -1.58 3.78 -18.87
N GLU A 19 -0.43 3.26 -19.26
CA GLU A 19 0.76 4.08 -19.43
C GLU A 19 1.78 3.40 -20.34
N ASN A 20 2.18 4.10 -21.39
CA ASN A 20 3.16 3.56 -22.34
C ASN A 20 2.58 2.37 -23.09
N GLY A 21 1.26 2.38 -23.26
CA GLY A 21 0.61 1.28 -23.96
C GLY A 21 0.56 0.01 -23.14
N GLU A 22 0.54 0.17 -21.82
CA GLU A 22 0.49 -0.97 -20.91
C GLU A 22 -0.50 -0.74 -19.78
N GLN A 23 -1.16 -1.81 -19.34
CA GLN A 23 -2.14 -1.72 -18.28
C GLN A 23 -1.56 -2.24 -16.96
N LEU A 24 -1.67 -1.43 -15.92
CA LEU A 24 -1.16 -1.80 -14.60
C LEU A 24 -2.26 -1.73 -13.55
N PRO A 25 -2.21 -2.65 -12.58
CA PRO A 25 -3.19 -2.72 -11.49
C PRO A 25 -3.06 -1.54 -10.52
N CYS A 26 -4.18 -0.89 -10.23
CA CYS A 26 -4.20 0.25 -9.32
C CYS A 26 -5.24 0.06 -8.22
N TYR A 27 -4.83 0.27 -6.98
CA TYR A 27 -5.73 0.11 -5.85
C TYR A 27 -5.73 1.37 -4.98
N PHE A 28 -6.91 1.97 -4.81
CA PHE A 28 -7.04 3.18 -4.00
C PHE A 28 -6.73 2.89 -2.54
N VAL A 29 -5.97 3.79 -1.91
CA VAL A 29 -5.60 3.64 -0.52
C VAL A 29 -6.05 4.84 0.31
N MET A 30 -6.94 4.60 1.26
CA MET A 30 -7.45 5.65 2.12
C MET A 30 -6.70 5.69 3.44
N VAL A 31 -5.87 6.71 3.62
CA VAL A 31 -5.08 6.86 4.84
C VAL A 31 -5.83 7.72 5.87
N SER A 32 -5.57 7.46 7.14
CA SER A 32 -6.22 8.21 8.22
C SER A 32 -5.22 8.52 9.34
N LEU A 33 -5.06 9.81 9.63
CA LEU A 33 -4.15 10.24 10.67
C LEU A 33 -4.88 11.07 11.74
N GLN A 34 -4.89 10.56 12.97
CA GLN A 34 -5.56 11.24 14.07
C GLN A 34 -4.55 12.09 14.86
N GLU A 35 -4.53 13.38 14.57
CA GLU A 35 -3.61 14.29 15.26
C GLU A 35 -4.16 14.65 16.64
N VAL A 36 -3.46 15.56 17.31
CA VAL A 36 -3.87 16.00 18.65
C VAL A 36 -5.34 16.40 18.67
N GLY A 37 -5.96 16.28 19.84
CA GLY A 37 -7.36 16.63 19.96
C GLY A 37 -7.67 18.00 19.39
N GLY A 38 -6.71 18.90 19.47
CA GLY A 38 -6.89 20.25 18.94
C GLY A 38 -7.22 20.24 17.46
N VAL A 39 -6.65 19.29 16.74
CA VAL A 39 -6.87 19.19 15.30
C VAL A 39 -7.77 18.00 14.97
N GLU A 40 -8.54 18.13 13.88
CA GLU A 40 -9.44 17.07 13.45
C GLU A 40 -8.70 16.01 12.65
N THR A 41 -9.10 14.76 12.81
CA THR A 41 -8.48 13.65 12.09
C THR A 41 -8.59 13.84 10.58
N LYS A 42 -7.47 13.70 9.88
CA LYS A 42 -7.44 13.85 8.43
C LYS A 42 -7.59 12.50 7.75
N ASN A 43 -8.13 12.52 6.53
CA ASN A 43 -8.32 11.29 5.77
C ASN A 43 -8.37 11.59 4.27
N TRP A 44 -7.52 10.91 3.51
CA TRP A 44 -7.45 11.09 2.06
C TRP A 44 -7.23 9.77 1.35
N THR A 45 -7.54 9.73 0.07
CA THR A 45 -7.38 8.53 -0.73
C THR A 45 -6.37 8.73 -1.86
N VAL A 46 -5.50 7.76 -2.05
CA VAL A 46 -4.48 7.83 -3.10
C VAL A 46 -4.28 6.49 -3.77
N PRO A 47 -4.35 6.47 -5.11
CA PRO A 47 -4.17 5.26 -5.90
C PRO A 47 -2.74 4.74 -5.87
N ARG A 48 -2.59 3.44 -5.69
CA ARG A 48 -1.26 2.81 -5.63
C ARG A 48 -1.18 1.64 -6.60
N ARG A 49 0.03 1.34 -7.05
CA ARG A 49 0.26 0.23 -7.97
C ARG A 49 0.79 -1.00 -7.24
N LEU A 50 0.53 -2.17 -7.82
CA LEU A 50 0.99 -3.43 -7.21
C LEU A 50 2.48 -3.37 -6.89
N SER A 51 3.27 -2.90 -7.85
CA SER A 51 4.71 -2.79 -7.66
C SER A 51 5.04 -1.99 -6.40
N GLU A 52 4.31 -0.89 -6.20
CA GLU A 52 4.52 -0.04 -5.04
C GLU A 52 4.50 -0.85 -3.74
N PHE A 53 3.44 -1.62 -3.56
CA PHE A 53 3.28 -2.46 -2.37
C PHE A 53 4.53 -3.32 -2.15
N GLN A 54 4.96 -4.00 -3.21
CA GLN A 54 6.13 -4.85 -3.13
C GLN A 54 7.36 -4.06 -2.69
N ASN A 55 7.54 -2.89 -3.28
CA ASN A 55 8.68 -2.04 -2.94
C ASN A 55 8.75 -1.79 -1.44
N LEU A 56 7.62 -1.43 -0.86
CA LEU A 56 7.55 -1.16 0.58
C LEU A 56 7.80 -2.43 1.38
N HIS A 57 7.28 -3.56 0.89
CA HIS A 57 7.45 -4.83 1.56
C HIS A 57 8.93 -5.10 1.85
N ARG A 58 9.79 -4.80 0.88
CA ARG A 58 11.22 -5.00 1.04
C ARG A 58 11.80 -4.05 2.08
N LYS A 59 11.53 -2.77 1.90
CA LYS A 59 12.02 -1.75 2.83
C LYS A 59 11.58 -2.05 4.25
N LEU A 60 10.35 -2.53 4.41
CA LEU A 60 9.82 -2.86 5.72
C LEU A 60 10.40 -4.18 6.23
N SER A 61 10.56 -5.14 5.33
CA SER A 61 11.10 -6.45 5.68
C SER A 61 12.41 -6.29 6.44
N GLU A 62 13.20 -5.30 6.05
CA GLU A 62 14.49 -5.04 6.68
C GLU A 62 14.32 -4.72 8.16
N CYS A 63 13.24 -4.01 8.49
CA CYS A 63 12.95 -3.64 9.87
C CYS A 63 12.35 -4.81 10.63
N VAL A 64 11.55 -5.62 9.93
CA VAL A 64 10.91 -6.78 10.54
C VAL A 64 11.02 -8.01 9.65
N PRO A 65 11.64 -9.07 10.19
CA PRO A 65 11.83 -10.32 9.44
C PRO A 65 10.51 -11.07 9.24
N SER A 66 9.66 -11.05 10.26
CA SER A 66 8.36 -11.73 10.18
C SER A 66 7.61 -11.33 8.92
N LEU A 67 7.73 -10.06 8.54
CA LEU A 67 7.07 -9.54 7.36
C LEU A 67 7.46 -10.34 6.12
N LYS A 68 8.69 -10.82 6.10
CA LYS A 68 9.20 -11.60 4.97
C LYS A 68 8.28 -12.79 4.69
N LYS A 69 7.56 -13.24 5.71
CA LYS A 69 6.65 -14.36 5.58
C LYS A 69 5.47 -13.99 4.68
N VAL A 70 5.15 -12.71 4.63
CA VAL A 70 4.04 -12.23 3.81
C VAL A 70 4.40 -12.26 2.34
N GLN A 71 3.46 -12.73 1.51
CA GLN A 71 3.69 -12.80 0.07
C GLN A 71 2.65 -11.97 -0.68
N LEU A 72 3.13 -11.07 -1.54
CA LEU A 72 2.26 -10.21 -2.32
C LEU A 72 2.10 -10.74 -3.74
N PRO A 73 0.98 -10.40 -4.39
CA PRO A 73 0.69 -10.82 -5.76
C PRO A 73 1.59 -10.14 -6.77
N SER A 74 1.56 -10.63 -8.01
CA SER A 74 2.39 -10.07 -9.07
C SER A 74 1.80 -10.38 -10.45
N LEU A 75 2.42 -9.85 -11.49
CA LEU A 75 1.95 -10.08 -12.85
C LEU A 75 3.11 -10.03 -13.84
N SER A 76 2.81 -10.23 -15.12
CA SER A 76 3.83 -10.21 -16.17
C SER A 76 3.70 -8.96 -17.03
N LYS A 77 4.44 -8.92 -18.13
CA LYS A 77 4.40 -7.79 -19.05
C LYS A 77 3.99 -8.22 -20.44
N LEU A 78 3.10 -9.21 -20.51
CA LEU A 78 2.62 -9.72 -21.78
C LEU A 78 1.38 -8.96 -22.25
N PRO A 79 1.17 -8.91 -23.57
CA PRO A 79 0.03 -8.22 -24.17
C PRO A 79 -1.30 -8.93 -23.88
N PHE A 80 -1.31 -10.24 -24.06
CA PHE A 80 -2.50 -11.03 -23.82
C PHE A 80 -2.77 -11.17 -22.33
N LYS A 81 -1.70 -11.30 -21.55
CA LYS A 81 -1.82 -11.44 -20.11
C LYS A 81 -2.17 -10.11 -19.45
N SER A 82 -3.39 -9.65 -19.67
CA SER A 82 -3.86 -8.39 -19.10
C SER A 82 -4.45 -8.60 -17.72
N ILE A 83 -4.66 -7.50 -16.99
CA ILE A 83 -5.23 -7.57 -15.65
C ILE A 83 -6.75 -7.75 -15.71
N ASP A 84 -7.22 -8.86 -15.17
CA ASP A 84 -8.65 -9.15 -15.16
C ASP A 84 -9.23 -8.93 -13.76
N GLN A 85 -10.56 -8.78 -13.70
CA GLN A 85 -11.23 -8.56 -12.42
C GLN A 85 -10.90 -9.66 -11.43
N LYS A 86 -10.79 -10.88 -11.92
CA LYS A 86 -10.47 -12.02 -11.07
C LYS A 86 -9.19 -11.78 -10.29
N PHE A 87 -8.21 -11.15 -10.95
CA PHE A 87 -6.93 -10.86 -10.31
C PHE A 87 -7.05 -9.65 -9.38
N MET A 88 -7.72 -8.60 -9.87
CA MET A 88 -7.89 -7.40 -9.07
C MET A 88 -8.54 -7.71 -7.73
N GLU A 89 -9.45 -8.69 -7.73
CA GLU A 89 -10.14 -9.09 -6.50
C GLU A 89 -9.22 -9.92 -5.62
N LYS A 90 -8.74 -11.03 -6.15
CA LYS A 90 -7.85 -11.92 -5.40
C LYS A 90 -6.68 -11.15 -4.81
N SER A 91 -6.03 -10.34 -5.64
CA SER A 91 -4.89 -9.56 -5.21
C SER A 91 -5.30 -8.54 -4.15
N LYS A 92 -6.42 -7.87 -4.39
CA LYS A 92 -6.93 -6.87 -3.46
C LYS A 92 -7.03 -7.44 -2.05
N ASN A 93 -7.44 -8.71 -1.96
CA ASN A 93 -7.57 -9.37 -0.67
C ASN A 93 -6.22 -9.48 0.03
N GLN A 94 -5.17 -9.65 -0.76
CA GLN A 94 -3.82 -9.78 -0.22
C GLN A 94 -3.25 -8.41 0.17
N LEU A 95 -3.58 -7.40 -0.63
CA LEU A 95 -3.11 -6.05 -0.38
C LEU A 95 -3.84 -5.44 0.82
N ASN A 96 -5.16 -5.57 0.83
CA ASN A 96 -5.97 -5.03 1.91
C ASN A 96 -5.44 -5.50 3.27
N LYS A 97 -5.19 -6.79 3.39
CA LYS A 97 -4.68 -7.36 4.63
C LYS A 97 -3.20 -7.05 4.80
N PHE A 98 -2.47 -6.98 3.69
CA PHE A 98 -1.05 -6.68 3.72
C PHE A 98 -0.76 -5.42 4.53
N LEU A 99 -1.53 -4.37 4.25
CA LEU A 99 -1.37 -3.10 4.96
C LEU A 99 -1.60 -3.28 6.46
N GLN A 100 -2.63 -4.05 6.81
CA GLN A 100 -2.95 -4.29 8.21
C GLN A 100 -1.73 -4.82 8.96
N ASN A 101 -1.02 -5.76 8.35
CA ASN A 101 0.16 -6.34 8.96
C ASN A 101 1.20 -5.28 9.29
N LEU A 102 1.23 -4.22 8.47
CA LEU A 102 2.18 -3.13 8.67
C LEU A 102 1.78 -2.29 9.88
N LEU A 103 0.50 -1.94 9.96
CA LEU A 103 -0.01 -1.14 11.07
C LEU A 103 -0.21 -1.99 12.31
N SER A 104 -0.03 -3.30 12.16
CA SER A 104 -0.19 -4.23 13.28
C SER A 104 1.13 -4.41 14.02
N ASP A 105 2.24 -4.16 13.33
CA ASP A 105 3.56 -4.30 13.92
C ASP A 105 4.05 -2.95 14.47
N GLU A 106 4.28 -2.91 15.78
CA GLU A 106 4.75 -1.69 16.42
C GLU A 106 6.03 -1.19 15.76
N ARG A 107 6.88 -2.12 15.34
CA ARG A 107 8.14 -1.78 14.70
C ARG A 107 7.90 -0.98 13.42
N LEU A 108 6.98 -1.47 12.59
CA LEU A 108 6.65 -0.81 11.33
C LEU A 108 5.82 0.45 11.58
N CYS A 109 4.97 0.40 12.60
CA CYS A 109 4.12 1.52 12.94
C CYS A 109 4.92 2.81 13.03
N GLN A 110 6.15 2.70 13.51
CA GLN A 110 7.02 3.86 13.64
C GLN A 110 7.97 3.97 12.45
N SER A 111 8.10 2.88 11.72
CA SER A 111 8.98 2.84 10.55
C SER A 111 8.58 3.90 9.52
N GLU A 112 9.47 4.86 9.29
CA GLU A 112 9.20 5.93 8.34
C GLU A 112 8.75 5.36 7.00
N ALA A 113 9.26 4.18 6.66
CA ALA A 113 8.91 3.53 5.41
C ALA A 113 7.40 3.47 5.22
N LEU A 114 6.67 3.29 6.31
CA LEU A 114 5.22 3.23 6.26
C LEU A 114 4.62 4.59 5.93
N TYR A 115 4.91 5.57 6.77
CA TYR A 115 4.40 6.92 6.56
C TYR A 115 4.70 7.41 5.15
N ALA A 116 5.82 6.96 4.60
CA ALA A 116 6.22 7.34 3.25
C ALA A 116 5.35 6.65 2.21
N PHE A 117 4.96 5.41 2.50
CA PHE A 117 4.13 4.64 1.58
C PHE A 117 2.67 5.07 1.67
N LEU A 118 2.22 5.36 2.89
CA LEU A 118 0.85 5.79 3.13
C LEU A 118 0.61 7.19 2.60
N SER A 119 1.67 7.99 2.57
CA SER A 119 1.58 9.36 2.09
C SER A 119 1.32 9.40 0.59
N PRO A 120 0.73 10.50 0.11
CA PRO A 120 0.41 10.68 -1.31
C PRO A 120 1.67 10.87 -2.16
N SER A 121 2.40 9.79 -2.40
CA SER A 121 3.62 9.84 -3.18
C SER A 121 3.54 8.88 -4.37
N PRO A 122 3.20 9.43 -5.55
CA PRO A 122 3.08 8.64 -6.78
C PRO A 122 4.44 8.14 -7.28
N ASP A 123 5.48 8.87 -6.96
CA ASP A 123 6.84 8.51 -7.37
C ASP A 123 7.52 7.66 -6.30
N TYR A 124 6.73 7.13 -5.38
CA TYR A 124 7.26 6.30 -4.30
C TYR A 124 8.08 5.14 -4.87
N LEU A 125 9.09 4.71 -4.11
CA LEU A 125 9.96 3.62 -4.52
C LEU A 125 9.93 2.49 -3.51
N GLY A 1 9.57 17.63 14.49
CA GLY A 1 9.76 16.20 14.39
C GLY A 1 8.54 15.50 13.84
N SER A 2 8.73 14.27 13.35
CA SER A 2 7.64 13.50 12.78
C SER A 2 6.56 13.23 13.83
N ASN A 3 5.38 13.79 13.59
CA ASN A 3 4.26 13.63 14.51
C ASN A 3 3.41 12.42 14.12
N LEU A 4 4.02 11.23 14.18
CA LEU A 4 3.32 10.00 13.83
C LEU A 4 2.88 9.26 15.09
N GLY A 5 2.41 8.02 14.91
CA GLY A 5 1.96 7.23 16.04
C GLY A 5 0.87 6.25 15.66
N MET A 6 -0.27 6.77 15.24
CA MET A 6 -1.40 5.92 14.85
C MET A 6 -1.89 6.29 13.46
N TRP A 7 -1.65 5.40 12.49
CA TRP A 7 -2.06 5.63 11.11
C TRP A 7 -2.91 4.46 10.60
N LYS A 8 -4.09 4.78 10.09
CA LYS A 8 -5.00 3.77 9.55
C LYS A 8 -5.03 3.82 8.03
N ALA A 9 -4.69 2.69 7.40
CA ALA A 9 -4.69 2.61 5.95
C ALA A 9 -5.47 1.38 5.47
N SER A 10 -6.27 1.57 4.43
CA SER A 10 -7.09 0.50 3.88
C SER A 10 -7.53 0.82 2.45
N ILE A 11 -7.80 -0.22 1.67
CA ILE A 11 -8.23 -0.05 0.29
C ILE A 11 -9.75 0.07 0.20
N THR A 12 -10.21 0.98 -0.66
CA THR A 12 -11.64 1.20 -0.84
C THR A 12 -12.12 0.66 -2.18
N SER A 13 -11.35 0.94 -3.23
CA SER A 13 -11.69 0.48 -4.58
C SER A 13 -10.43 0.16 -5.38
N GLY A 14 -10.62 -0.42 -6.55
CA GLY A 14 -9.49 -0.77 -7.40
C GLY A 14 -9.80 -0.58 -8.88
N GLU A 15 -8.78 -0.17 -9.63
CA GLU A 15 -8.95 0.05 -11.07
C GLU A 15 -7.62 -0.15 -11.80
N VAL A 16 -7.70 -0.39 -13.11
CA VAL A 16 -6.52 -0.59 -13.92
C VAL A 16 -6.23 0.62 -14.80
N THR A 17 -5.01 1.13 -14.70
CA THR A 17 -4.61 2.30 -15.49
C THR A 17 -3.90 1.87 -16.76
N GLU A 18 -3.58 2.85 -17.61
CA GLU A 18 -2.88 2.58 -18.86
C GLU A 18 -1.73 3.56 -19.08
N GLU A 19 -0.60 3.05 -19.51
CA GLU A 19 0.58 3.87 -19.75
C GLU A 19 1.56 3.18 -20.70
N ASN A 20 2.16 3.95 -21.60
CA ASN A 20 3.11 3.41 -22.55
C ASN A 20 2.50 2.24 -23.33
N GLY A 21 1.18 2.27 -23.48
CA GLY A 21 0.50 1.20 -24.20
C GLY A 21 0.42 -0.08 -23.39
N GLU A 22 0.43 0.05 -22.06
CA GLU A 22 0.35 -1.09 -21.18
C GLU A 22 -0.61 -0.83 -20.02
N GLN A 23 -1.30 -1.88 -19.58
CA GLN A 23 -2.25 -1.76 -18.48
C GLN A 23 -1.66 -2.31 -17.19
N LEU A 24 -1.72 -1.51 -16.12
CA LEU A 24 -1.20 -1.92 -14.83
C LEU A 24 -2.27 -1.83 -13.75
N PRO A 25 -2.21 -2.75 -12.78
CA PRO A 25 -3.17 -2.79 -11.67
C PRO A 25 -2.99 -1.62 -10.71
N CYS A 26 -4.10 -1.00 -10.32
CA CYS A 26 -4.07 0.13 -9.40
C CYS A 26 -5.10 -0.04 -8.30
N TYR A 27 -4.67 0.19 -7.06
CA TYR A 27 -5.57 0.06 -5.91
C TYR A 27 -5.54 1.33 -5.06
N PHE A 28 -6.72 1.92 -4.86
CA PHE A 28 -6.84 3.13 -4.07
C PHE A 28 -6.73 2.82 -2.58
N VAL A 29 -5.94 3.63 -1.86
CA VAL A 29 -5.75 3.44 -0.42
C VAL A 29 -6.08 4.70 0.34
N MET A 30 -6.92 4.57 1.37
CA MET A 30 -7.32 5.70 2.19
C MET A 30 -6.56 5.72 3.51
N VAL A 31 -5.90 6.84 3.79
CA VAL A 31 -5.14 6.98 5.02
C VAL A 31 -5.82 7.94 5.99
N SER A 32 -5.75 7.61 7.28
CA SER A 32 -6.36 8.45 8.31
C SER A 32 -5.43 8.62 9.51
N LEU A 33 -5.13 9.86 9.83
CA LEU A 33 -4.24 10.17 10.95
C LEU A 33 -4.97 10.97 12.03
N GLN A 34 -5.16 10.36 13.19
CA GLN A 34 -5.85 11.02 14.29
C GLN A 34 -4.84 11.65 15.26
N GLU A 35 -4.57 12.94 15.06
CA GLU A 35 -3.62 13.65 15.91
C GLU A 35 -4.30 14.10 17.21
N VAL A 36 -3.56 14.86 18.02
CA VAL A 36 -4.09 15.34 19.29
C VAL A 36 -5.44 16.02 19.10
N GLY A 37 -6.26 16.00 20.15
CA GLY A 37 -7.57 16.60 20.08
C GLY A 37 -7.53 18.01 19.52
N GLY A 38 -6.43 18.72 19.79
CA GLY A 38 -6.29 20.07 19.30
C GLY A 38 -6.41 20.17 17.79
N VAL A 39 -5.95 19.13 17.10
CA VAL A 39 -6.00 19.09 15.65
C VAL A 39 -7.06 18.13 15.16
N GLU A 40 -7.63 18.42 14.00
CA GLU A 40 -8.66 17.58 13.41
C GLU A 40 -8.04 16.42 12.64
N THR A 41 -8.67 15.24 12.73
CA THR A 41 -8.19 14.06 12.05
C THR A 41 -8.23 14.23 10.54
N LYS A 42 -7.13 13.89 9.88
CA LYS A 42 -7.05 14.01 8.43
C LYS A 42 -7.40 12.69 7.75
N ASN A 43 -8.02 12.78 6.58
CA ASN A 43 -8.41 11.58 5.83
C ASN A 43 -8.36 11.85 4.33
N TRP A 44 -7.61 11.01 3.61
CA TRP A 44 -7.47 11.14 2.17
C TRP A 44 -7.22 9.78 1.52
N THR A 45 -7.37 9.73 0.20
CA THR A 45 -7.14 8.50 -0.55
C THR A 45 -6.22 8.73 -1.74
N VAL A 46 -5.40 7.73 -2.04
CA VAL A 46 -4.46 7.82 -3.15
C VAL A 46 -4.25 6.45 -3.81
N PRO A 47 -4.20 6.44 -5.15
CA PRO A 47 -4.01 5.22 -5.92
C PRO A 47 -2.59 4.66 -5.78
N ARG A 48 -2.50 3.34 -5.61
CA ARG A 48 -1.21 2.69 -5.45
C ARG A 48 -1.10 1.48 -6.38
N ARG A 49 0.04 1.37 -7.06
CA ARG A 49 0.27 0.25 -7.97
C ARG A 49 0.82 -0.97 -7.24
N LEU A 50 0.55 -2.15 -7.77
CA LEU A 50 1.01 -3.39 -7.15
C LEU A 50 2.51 -3.33 -6.88
N SER A 51 3.28 -2.92 -7.87
CA SER A 51 4.72 -2.82 -7.74
C SER A 51 5.09 -1.98 -6.52
N GLU A 52 4.32 -0.93 -6.27
CA GLU A 52 4.56 -0.05 -5.14
C GLU A 52 4.49 -0.83 -3.82
N PHE A 53 3.39 -1.54 -3.62
CA PHE A 53 3.20 -2.32 -2.40
C PHE A 53 4.41 -3.23 -2.14
N GLN A 54 4.91 -3.84 -3.21
CA GLN A 54 6.06 -4.74 -3.10
C GLN A 54 7.29 -3.98 -2.65
N ASN A 55 7.55 -2.84 -3.29
CA ASN A 55 8.71 -2.02 -2.94
C ASN A 55 8.76 -1.72 -1.45
N LEU A 56 7.61 -1.39 -0.88
CA LEU A 56 7.52 -1.09 0.54
C LEU A 56 7.76 -2.35 1.38
N HIS A 57 7.29 -3.48 0.88
CA HIS A 57 7.45 -4.75 1.58
C HIS A 57 8.92 -4.97 1.96
N ARG A 58 9.81 -4.70 1.03
CA ARG A 58 11.25 -4.87 1.28
C ARG A 58 11.74 -3.88 2.32
N LYS A 59 11.48 -2.60 2.09
CA LYS A 59 11.90 -1.56 3.02
C LYS A 59 11.44 -1.87 4.45
N LEU A 60 10.26 -2.47 4.55
CA LEU A 60 9.71 -2.83 5.86
C LEU A 60 10.31 -4.13 6.36
N SER A 61 10.58 -5.06 5.44
CA SER A 61 11.16 -6.34 5.80
C SER A 61 12.39 -6.17 6.66
N GLU A 62 13.26 -5.23 6.26
CA GLU A 62 14.48 -4.96 7.00
C GLU A 62 14.18 -4.66 8.47
N CYS A 63 13.04 -4.03 8.71
CA CYS A 63 12.63 -3.68 10.07
C CYS A 63 12.01 -4.87 10.77
N VAL A 64 11.29 -5.69 10.01
CA VAL A 64 10.63 -6.88 10.56
C VAL A 64 10.86 -8.09 9.67
N PRO A 65 11.52 -9.12 10.22
CA PRO A 65 11.82 -10.36 9.49
C PRO A 65 10.57 -11.18 9.24
N SER A 66 9.69 -11.26 10.25
CA SER A 66 8.45 -12.02 10.13
C SER A 66 7.68 -11.62 8.87
N LEU A 67 7.73 -10.34 8.54
CA LEU A 67 7.04 -9.83 7.36
C LEU A 67 7.46 -10.60 6.11
N LYS A 68 8.70 -11.08 6.09
CA LYS A 68 9.23 -11.82 4.96
C LYS A 68 8.31 -13.00 4.63
N LYS A 69 7.59 -13.49 5.62
CA LYS A 69 6.67 -14.61 5.43
C LYS A 69 5.50 -14.21 4.55
N VAL A 70 5.17 -12.92 4.55
CA VAL A 70 4.07 -12.40 3.74
C VAL A 70 4.43 -12.41 2.26
N GLN A 71 3.49 -12.84 1.43
CA GLN A 71 3.71 -12.89 -0.02
C GLN A 71 2.69 -12.04 -0.75
N LEU A 72 3.16 -11.11 -1.57
CA LEU A 72 2.28 -10.24 -2.34
C LEU A 72 2.11 -10.75 -3.76
N PRO A 73 0.98 -10.39 -4.39
CA PRO A 73 0.68 -10.80 -5.76
C PRO A 73 1.56 -10.11 -6.79
N SER A 74 1.52 -10.59 -8.03
CA SER A 74 2.33 -10.03 -9.09
C SER A 74 1.78 -10.43 -10.46
N LEU A 75 2.41 -9.93 -11.52
CA LEU A 75 1.99 -10.24 -12.87
C LEU A 75 3.17 -10.20 -13.84
N SER A 76 2.89 -10.38 -15.13
CA SER A 76 3.93 -10.36 -16.15
C SER A 76 3.75 -9.18 -17.10
N LYS A 77 4.80 -8.85 -17.83
CA LYS A 77 4.76 -7.74 -18.78
C LYS A 77 4.43 -8.24 -20.19
N LEU A 78 3.61 -9.28 -20.26
CA LEU A 78 3.21 -9.86 -21.55
C LEU A 78 1.95 -9.18 -22.07
N PRO A 79 1.78 -9.21 -23.40
CA PRO A 79 0.62 -8.60 -24.07
C PRO A 79 -0.66 -9.37 -23.80
N PHE A 80 -0.55 -10.70 -23.76
CA PHE A 80 -1.70 -11.56 -23.50
C PHE A 80 -2.05 -11.58 -22.03
N LYS A 81 -1.03 -11.50 -21.18
CA LYS A 81 -1.22 -11.52 -19.74
C LYS A 81 -1.80 -10.19 -19.26
N SER A 82 -3.08 -9.97 -19.52
CA SER A 82 -3.75 -8.75 -19.11
C SER A 82 -4.33 -8.88 -17.71
N ILE A 83 -4.72 -7.75 -17.13
CA ILE A 83 -5.29 -7.74 -15.78
C ILE A 83 -6.80 -7.93 -15.83
N ASP A 84 -7.27 -9.04 -15.27
CA ASP A 84 -8.70 -9.33 -15.24
C ASP A 84 -9.28 -9.11 -13.85
N GLN A 85 -10.58 -8.85 -13.79
CA GLN A 85 -11.26 -8.61 -12.52
C GLN A 85 -10.95 -9.72 -11.52
N LYS A 86 -10.82 -10.94 -12.01
CA LYS A 86 -10.52 -12.09 -11.17
C LYS A 86 -9.22 -11.86 -10.39
N PHE A 87 -8.27 -11.19 -11.03
CA PHE A 87 -6.98 -10.91 -10.39
C PHE A 87 -7.08 -9.69 -9.49
N MET A 88 -7.77 -8.66 -9.95
CA MET A 88 -7.94 -7.43 -9.18
C MET A 88 -8.44 -7.74 -7.77
N GLU A 89 -9.43 -8.62 -7.69
CA GLU A 89 -9.99 -9.01 -6.40
C GLU A 89 -9.07 -9.97 -5.66
N LYS A 90 -8.45 -10.87 -6.40
CA LYS A 90 -7.54 -11.85 -5.82
C LYS A 90 -6.36 -11.16 -5.14
N SER A 91 -5.87 -10.08 -5.75
CA SER A 91 -4.75 -9.34 -5.20
C SER A 91 -5.22 -8.33 -4.15
N LYS A 92 -6.34 -7.67 -4.44
CA LYS A 92 -6.91 -6.69 -3.52
C LYS A 92 -7.03 -7.27 -2.12
N ASN A 93 -7.54 -8.50 -2.03
CA ASN A 93 -7.71 -9.16 -0.75
C ASN A 93 -6.37 -9.37 -0.05
N GLN A 94 -5.33 -9.58 -0.85
CA GLN A 94 -3.99 -9.79 -0.30
C GLN A 94 -3.37 -8.47 0.13
N LEU A 95 -3.65 -7.41 -0.62
CA LEU A 95 -3.11 -6.09 -0.31
C LEU A 95 -3.83 -5.48 0.87
N ASN A 96 -5.16 -5.56 0.88
CA ASN A 96 -5.96 -5.01 1.97
C ASN A 96 -5.45 -5.52 3.31
N LYS A 97 -5.27 -6.82 3.42
CA LYS A 97 -4.80 -7.44 4.66
C LYS A 97 -3.31 -7.20 4.84
N PHE A 98 -2.57 -7.14 3.74
CA PHE A 98 -1.14 -6.92 3.77
C PHE A 98 -0.80 -5.68 4.59
N LEU A 99 -1.49 -4.58 4.29
CA LEU A 99 -1.25 -3.33 5.00
C LEU A 99 -1.48 -3.49 6.50
N GLN A 100 -2.56 -4.20 6.85
CA GLN A 100 -2.89 -4.43 8.25
C GLN A 100 -1.70 -5.00 9.01
N ASN A 101 -1.03 -5.98 8.40
CA ASN A 101 0.14 -6.60 9.02
C ASN A 101 1.23 -5.57 9.31
N LEU A 102 1.26 -4.52 8.50
CA LEU A 102 2.25 -3.46 8.67
C LEU A 102 1.86 -2.53 9.82
N LEU A 103 0.61 -2.08 9.81
CA LEU A 103 0.11 -1.19 10.86
C LEU A 103 -0.13 -1.95 12.15
N SER A 104 0.01 -3.27 12.09
CA SER A 104 -0.21 -4.11 13.26
C SER A 104 1.09 -4.28 14.05
N ASP A 105 2.22 -4.09 13.38
CA ASP A 105 3.52 -4.21 14.02
C ASP A 105 4.06 -2.85 14.41
N GLU A 106 4.35 -2.68 15.70
CA GLU A 106 4.88 -1.41 16.20
C GLU A 106 6.16 -1.03 15.48
N ARG A 107 6.97 -2.03 15.14
CA ARG A 107 8.23 -1.79 14.44
C ARG A 107 7.99 -1.02 13.15
N LEU A 108 7.01 -1.46 12.37
CA LEU A 108 6.68 -0.82 11.10
C LEU A 108 5.86 0.45 11.34
N CYS A 109 5.06 0.44 12.39
CA CYS A 109 4.21 1.59 12.73
C CYS A 109 5.04 2.86 12.80
N GLN A 110 6.22 2.77 13.39
CA GLN A 110 7.11 3.92 13.53
C GLN A 110 8.15 3.93 12.42
N SER A 111 7.97 3.06 11.43
CA SER A 111 8.90 2.97 10.32
C SER A 111 8.56 4.02 9.25
N GLU A 112 9.54 4.86 8.93
CA GLU A 112 9.34 5.90 7.93
C GLU A 112 8.80 5.31 6.63
N ALA A 113 9.23 4.10 6.31
CA ALA A 113 8.79 3.43 5.09
C ALA A 113 7.26 3.42 5.00
N LEU A 114 6.61 3.34 6.16
CA LEU A 114 5.16 3.32 6.21
C LEU A 114 4.58 4.73 6.07
N TYR A 115 4.99 5.60 6.98
CA TYR A 115 4.52 6.99 6.97
C TYR A 115 4.67 7.61 5.58
N ALA A 116 5.68 7.16 4.84
CA ALA A 116 5.93 7.66 3.50
C ALA A 116 5.01 6.98 2.48
N PHE A 117 4.86 5.67 2.61
CA PHE A 117 4.01 4.90 1.70
C PHE A 117 2.54 5.32 1.85
N LEU A 118 2.16 5.63 3.08
CA LEU A 118 0.78 6.04 3.37
C LEU A 118 0.50 7.43 2.81
N SER A 119 1.55 8.24 2.69
CA SER A 119 1.41 9.60 2.17
C SER A 119 1.15 9.58 0.67
N PRO A 120 0.57 10.67 0.16
CA PRO A 120 0.25 10.81 -1.27
C PRO A 120 1.49 10.97 -2.12
N SER A 121 2.20 9.86 -2.34
CA SER A 121 3.42 9.87 -3.14
C SER A 121 3.31 8.91 -4.32
N PRO A 122 2.94 9.44 -5.50
CA PRO A 122 2.81 8.64 -6.71
C PRO A 122 4.14 8.13 -7.24
N ASP A 123 5.19 8.88 -6.97
CA ASP A 123 6.54 8.51 -7.42
C ASP A 123 7.26 7.70 -6.35
N TYR A 124 6.50 7.20 -5.38
CA TYR A 124 7.07 6.40 -4.29
C TYR A 124 7.88 5.24 -4.83
N LEU A 125 8.92 4.86 -4.09
CA LEU A 125 9.78 3.76 -4.49
C LEU A 125 9.90 2.72 -3.38
N GLY A 1 10.94 15.58 16.91
CA GLY A 1 11.21 14.41 16.09
C GLY A 1 10.17 14.22 15.00
N SER A 2 9.25 13.27 15.21
CA SER A 2 8.21 12.98 14.24
C SER A 2 6.83 13.23 14.84
N ASN A 3 5.84 13.41 13.96
CA ASN A 3 4.47 13.65 14.41
C ASN A 3 3.56 12.49 14.01
N LEU A 4 4.00 11.28 14.30
CA LEU A 4 3.23 10.08 13.98
C LEU A 4 2.79 9.36 15.24
N GLY A 5 2.24 8.15 15.07
CA GLY A 5 1.80 7.38 16.21
C GLY A 5 0.78 6.32 15.83
N MET A 6 -0.40 6.77 15.42
CA MET A 6 -1.48 5.86 15.02
C MET A 6 -1.98 6.20 13.62
N TRP A 7 -1.72 5.32 12.67
CA TRP A 7 -2.16 5.52 11.30
C TRP A 7 -2.98 4.34 10.81
N LYS A 8 -4.07 4.64 10.12
CA LYS A 8 -4.95 3.60 9.58
C LYS A 8 -5.01 3.65 8.07
N ALA A 9 -4.70 2.54 7.42
CA ALA A 9 -4.73 2.47 5.97
C ALA A 9 -5.54 1.27 5.48
N SER A 10 -6.26 1.45 4.38
CA SER A 10 -7.08 0.39 3.83
C SER A 10 -7.51 0.72 2.41
N ILE A 11 -7.92 -0.31 1.66
CA ILE A 11 -8.35 -0.12 0.28
C ILE A 11 -9.87 -0.02 0.19
N THR A 12 -10.35 0.86 -0.68
CA THR A 12 -11.78 1.06 -0.85
C THR A 12 -12.24 0.56 -2.22
N SER A 13 -11.46 0.89 -3.25
CA SER A 13 -11.79 0.48 -4.62
C SER A 13 -10.53 0.12 -5.38
N GLY A 14 -10.71 -0.33 -6.63
CA GLY A 14 -9.58 -0.71 -7.45
C GLY A 14 -9.84 -0.50 -8.93
N GLU A 15 -8.81 -0.11 -9.67
CA GLU A 15 -8.94 0.13 -11.11
C GLU A 15 -7.60 -0.08 -11.81
N VAL A 16 -7.66 -0.29 -13.12
CA VAL A 16 -6.46 -0.49 -13.92
C VAL A 16 -6.15 0.72 -14.78
N THR A 17 -4.92 1.24 -14.66
CA THR A 17 -4.51 2.40 -15.43
C THR A 17 -3.77 2.00 -16.70
N GLU A 18 -3.39 2.97 -17.50
CA GLU A 18 -2.67 2.72 -18.75
C GLU A 18 -1.48 3.66 -18.90
N GLU A 19 -0.36 3.11 -19.33
CA GLU A 19 0.86 3.91 -19.53
C GLU A 19 1.82 3.21 -20.49
N ASN A 20 2.40 3.99 -21.39
CA ASN A 20 3.35 3.45 -22.37
C ASN A 20 2.73 2.28 -23.13
N GLY A 21 1.41 2.29 -23.26
CA GLY A 21 0.71 1.23 -23.96
C GLY A 21 0.64 -0.05 -23.14
N GLU A 22 0.62 0.10 -21.82
CA GLU A 22 0.55 -1.04 -20.93
C GLU A 22 -0.44 -0.80 -19.80
N GLN A 23 -1.13 -1.85 -19.37
CA GLN A 23 -2.10 -1.74 -18.30
C GLN A 23 -1.54 -2.29 -16.99
N LEU A 24 -1.62 -1.49 -15.93
CA LEU A 24 -1.13 -1.90 -14.62
C LEU A 24 -2.23 -1.82 -13.57
N PRO A 25 -2.19 -2.75 -12.60
CA PRO A 25 -3.18 -2.80 -11.51
C PRO A 25 -3.02 -1.63 -10.55
N CYS A 26 -4.13 -0.98 -10.22
CA CYS A 26 -4.12 0.15 -9.29
C CYS A 26 -5.18 -0.03 -8.22
N TYR A 27 -4.79 0.17 -6.96
CA TYR A 27 -5.70 0.05 -5.84
C TYR A 27 -5.68 1.29 -4.96
N PHE A 28 -6.83 1.93 -4.82
CA PHE A 28 -6.95 3.14 -4.01
C PHE A 28 -6.75 2.82 -2.54
N VAL A 29 -5.93 3.63 -1.87
CA VAL A 29 -5.65 3.44 -0.45
C VAL A 29 -6.00 4.68 0.35
N MET A 30 -6.89 4.53 1.33
CA MET A 30 -7.31 5.64 2.17
C MET A 30 -6.55 5.64 3.50
N VAL A 31 -5.97 6.77 3.84
CA VAL A 31 -5.21 6.90 5.08
C VAL A 31 -5.87 7.91 6.02
N SER A 32 -5.87 7.58 7.32
CA SER A 32 -6.48 8.46 8.32
C SER A 32 -5.57 8.57 9.54
N LEU A 33 -5.21 9.81 9.89
CA LEU A 33 -4.34 10.05 11.03
C LEU A 33 -5.07 10.91 12.08
N GLN A 34 -5.33 10.32 13.23
CA GLN A 34 -6.01 11.02 14.32
C GLN A 34 -5.00 11.59 15.31
N GLU A 35 -4.65 12.87 15.11
CA GLU A 35 -3.70 13.53 16.00
C GLU A 35 -4.38 14.03 17.27
N VAL A 36 -3.63 14.73 18.11
CA VAL A 36 -4.17 15.26 19.35
C VAL A 36 -5.46 16.03 19.11
N GLY A 37 -6.32 16.07 20.13
CA GLY A 37 -7.58 16.79 20.00
C GLY A 37 -7.41 18.19 19.46
N GLY A 38 -6.27 18.80 19.78
CA GLY A 38 -6.00 20.16 19.30
C GLY A 38 -6.08 20.26 17.78
N VAL A 39 -5.69 19.19 17.10
CA VAL A 39 -5.71 19.17 15.64
C VAL A 39 -6.80 18.24 15.12
N GLU A 40 -7.38 18.60 13.97
CA GLU A 40 -8.43 17.80 13.37
C GLU A 40 -7.85 16.59 12.65
N THR A 41 -8.58 15.46 12.71
CA THR A 41 -8.14 14.23 12.08
C THR A 41 -8.12 14.38 10.56
N LYS A 42 -7.03 13.94 9.94
CA LYS A 42 -6.90 14.01 8.49
C LYS A 42 -7.33 12.71 7.83
N ASN A 43 -7.83 12.80 6.61
CA ASN A 43 -8.28 11.62 5.87
C ASN A 43 -8.22 11.87 4.36
N TRP A 44 -7.52 11.00 3.66
CA TRP A 44 -7.38 11.12 2.20
C TRP A 44 -7.19 9.74 1.56
N THR A 45 -7.25 9.71 0.23
CA THR A 45 -7.08 8.46 -0.51
C THR A 45 -6.22 8.67 -1.75
N VAL A 46 -5.35 7.71 -2.02
CA VAL A 46 -4.46 7.78 -3.18
C VAL A 46 -4.28 6.41 -3.82
N PRO A 47 -4.27 6.39 -5.16
CA PRO A 47 -4.11 5.15 -5.93
C PRO A 47 -2.70 4.57 -5.80
N ARG A 48 -2.63 3.28 -5.53
CA ARG A 48 -1.34 2.59 -5.38
C ARG A 48 -1.17 1.52 -6.44
N ARG A 49 0.08 1.27 -6.84
CA ARG A 49 0.37 0.26 -7.84
C ARG A 49 0.92 -1.00 -7.20
N LEU A 50 0.61 -2.15 -7.80
CA LEU A 50 1.08 -3.43 -7.29
C LEU A 50 2.58 -3.41 -7.06
N SER A 51 3.31 -2.75 -7.95
CA SER A 51 4.76 -2.66 -7.84
C SER A 51 5.16 -1.90 -6.59
N GLU A 52 4.38 -0.87 -6.25
CA GLU A 52 4.66 -0.06 -5.07
C GLU A 52 4.63 -0.91 -3.80
N PHE A 53 3.54 -1.67 -3.63
CA PHE A 53 3.39 -2.52 -2.47
C PHE A 53 4.62 -3.41 -2.28
N GLN A 54 5.03 -4.07 -3.35
CA GLN A 54 6.19 -4.95 -3.30
C GLN A 54 7.43 -4.21 -2.80
N ASN A 55 7.58 -2.97 -3.25
CA ASN A 55 8.72 -2.15 -2.86
C ASN A 55 8.72 -1.92 -1.34
N LEU A 56 7.65 -1.31 -0.84
CA LEU A 56 7.53 -1.02 0.58
C LEU A 56 7.78 -2.28 1.41
N HIS A 57 7.30 -3.41 0.90
CA HIS A 57 7.48 -4.69 1.59
C HIS A 57 8.95 -4.93 1.91
N ARG A 58 9.82 -4.62 0.96
CA ARG A 58 11.26 -4.81 1.15
C ARG A 58 11.79 -3.89 2.24
N LYS A 59 11.59 -2.58 2.07
CA LYS A 59 12.05 -1.61 3.04
C LYS A 59 11.57 -1.96 4.44
N LEU A 60 10.36 -2.51 4.52
CA LEU A 60 9.79 -2.90 5.80
C LEU A 60 10.38 -4.21 6.30
N SER A 61 10.62 -5.13 5.36
CA SER A 61 11.18 -6.43 5.70
C SER A 61 12.44 -6.28 6.55
N GLU A 62 13.32 -5.35 6.15
CA GLU A 62 14.56 -5.11 6.87
C GLU A 62 14.27 -4.75 8.33
N CYS A 63 13.15 -4.08 8.56
CA CYS A 63 12.77 -3.68 9.90
C CYS A 63 12.12 -4.84 10.66
N VAL A 64 11.38 -5.68 9.93
CA VAL A 64 10.72 -6.82 10.53
C VAL A 64 10.90 -8.07 9.67
N PRO A 65 11.52 -9.11 10.26
CA PRO A 65 11.77 -10.38 9.58
C PRO A 65 10.49 -11.16 9.32
N SER A 66 9.61 -11.19 10.32
CA SER A 66 8.34 -11.92 10.21
C SER A 66 7.60 -11.50 8.95
N LEU A 67 7.68 -10.22 8.60
CA LEU A 67 7.01 -9.69 7.41
C LEU A 67 7.40 -10.49 6.18
N LYS A 68 8.63 -11.00 6.17
CA LYS A 68 9.13 -11.78 5.05
C LYS A 68 8.19 -12.94 4.73
N LYS A 69 7.44 -13.39 5.73
CA LYS A 69 6.50 -14.49 5.56
C LYS A 69 5.34 -14.07 4.66
N VAL A 70 5.05 -12.77 4.63
CA VAL A 70 3.98 -12.24 3.80
C VAL A 70 4.35 -12.26 2.33
N GLN A 71 3.40 -12.60 1.48
CA GLN A 71 3.63 -12.66 0.04
C GLN A 71 2.61 -11.80 -0.72
N LEU A 72 3.09 -11.01 -1.67
CA LEU A 72 2.22 -10.15 -2.45
C LEU A 72 2.05 -10.70 -3.87
N PRO A 73 0.91 -10.37 -4.50
CA PRO A 73 0.60 -10.81 -5.86
C PRO A 73 1.49 -10.15 -6.90
N SER A 74 1.45 -10.66 -8.13
CA SER A 74 2.25 -10.13 -9.22
C SER A 74 1.61 -10.44 -10.57
N LEU A 75 2.23 -9.94 -11.64
CA LEU A 75 1.73 -10.16 -12.98
C LEU A 75 2.86 -10.12 -14.00
N SER A 76 2.53 -10.32 -15.27
CA SER A 76 3.51 -10.30 -16.34
C SER A 76 3.24 -9.17 -17.33
N LYS A 77 4.23 -8.84 -18.13
CA LYS A 77 4.11 -7.77 -19.11
C LYS A 77 3.73 -8.33 -20.48
N LEU A 78 2.91 -9.37 -20.47
CA LEU A 78 2.47 -10.01 -21.71
C LEU A 78 1.19 -9.36 -22.22
N PRO A 79 0.97 -9.44 -23.55
CA PRO A 79 -0.21 -8.87 -24.20
C PRO A 79 -1.49 -9.61 -23.85
N PHE A 80 -1.37 -10.93 -23.70
CA PHE A 80 -2.52 -11.76 -23.35
C PHE A 80 -2.75 -11.78 -21.85
N LYS A 81 -1.66 -11.78 -21.09
CA LYS A 81 -1.74 -11.80 -19.63
C LYS A 81 -2.12 -10.43 -19.09
N SER A 82 -3.35 -10.01 -19.38
CA SER A 82 -3.83 -8.71 -18.92
C SER A 82 -4.48 -8.82 -17.55
N ILE A 83 -4.67 -7.69 -16.89
CA ILE A 83 -5.29 -7.67 -15.57
C ILE A 83 -6.80 -7.84 -15.66
N ASP A 84 -7.29 -8.96 -15.12
CA ASP A 84 -8.72 -9.25 -15.14
C ASP A 84 -9.33 -9.07 -13.75
N GLN A 85 -10.65 -8.94 -13.70
CA GLN A 85 -11.36 -8.76 -12.43
C GLN A 85 -10.97 -9.85 -11.44
N LYS A 86 -10.81 -11.07 -11.93
CA LYS A 86 -10.44 -12.20 -11.08
C LYS A 86 -9.18 -11.88 -10.28
N PHE A 87 -8.24 -11.19 -10.91
CA PHE A 87 -6.99 -10.83 -10.25
C PHE A 87 -7.16 -9.56 -9.42
N MET A 88 -7.93 -8.61 -9.95
CA MET A 88 -8.17 -7.35 -9.25
C MET A 88 -8.70 -7.61 -7.85
N GLU A 89 -9.51 -8.64 -7.70
CA GLU A 89 -10.08 -9.00 -6.40
C GLU A 89 -9.14 -9.89 -5.61
N LYS A 90 -8.68 -10.98 -6.24
CA LYS A 90 -7.78 -11.91 -5.60
C LYS A 90 -6.57 -11.18 -5.00
N SER A 91 -6.03 -10.24 -5.76
CA SER A 91 -4.86 -9.47 -5.32
C SER A 91 -5.28 -8.44 -4.28
N LYS A 92 -6.40 -7.78 -4.51
CA LYS A 92 -6.90 -6.76 -3.60
C LYS A 92 -7.02 -7.31 -2.18
N ASN A 93 -7.51 -8.55 -2.07
CA ASN A 93 -7.67 -9.19 -0.78
C ASN A 93 -6.32 -9.37 -0.09
N GLN A 94 -5.29 -9.63 -0.88
CA GLN A 94 -3.94 -9.82 -0.34
C GLN A 94 -3.33 -8.48 0.07
N LEU A 95 -3.65 -7.44 -0.66
CA LEU A 95 -3.13 -6.11 -0.37
C LEU A 95 -3.84 -5.49 0.82
N ASN A 96 -5.17 -5.60 0.83
CA ASN A 96 -5.97 -5.05 1.93
C ASN A 96 -5.46 -5.55 3.28
N LYS A 97 -5.26 -6.86 3.39
CA LYS A 97 -4.77 -7.46 4.61
C LYS A 97 -3.28 -7.19 4.80
N PHE A 98 -2.56 -7.12 3.69
CA PHE A 98 -1.12 -6.87 3.74
C PHE A 98 -0.82 -5.61 4.54
N LEU A 99 -1.52 -4.52 4.23
CA LEU A 99 -1.31 -3.26 4.92
C LEU A 99 -1.54 -3.42 6.42
N GLN A 100 -2.58 -4.16 6.79
CA GLN A 100 -2.90 -4.40 8.19
C GLN A 100 -1.68 -4.90 8.95
N ASN A 101 -1.00 -5.89 8.36
CA ASN A 101 0.19 -6.46 8.98
C ASN A 101 1.24 -5.40 9.25
N LEU A 102 1.27 -4.39 8.40
CA LEU A 102 2.23 -3.29 8.54
C LEU A 102 1.85 -2.38 9.69
N LEU A 103 0.58 -1.99 9.74
CA LEU A 103 0.08 -1.12 10.80
C LEU A 103 -0.13 -1.90 12.10
N SER A 104 0.07 -3.21 12.04
CA SER A 104 -0.10 -4.07 13.19
C SER A 104 1.21 -4.24 13.95
N ASP A 105 2.32 -4.04 13.24
CA ASP A 105 3.64 -4.17 13.84
C ASP A 105 4.18 -2.81 14.26
N GLU A 106 4.38 -2.63 15.57
CA GLU A 106 4.89 -1.37 16.09
C GLU A 106 6.17 -0.95 15.36
N ARG A 107 7.00 -1.94 15.04
CA ARG A 107 8.26 -1.68 14.34
C ARG A 107 8.01 -0.90 13.05
N LEU A 108 7.04 -1.36 12.27
CA LEU A 108 6.70 -0.70 11.01
C LEU A 108 5.87 0.54 11.25
N CYS A 109 5.03 0.50 12.27
CA CYS A 109 4.17 1.63 12.61
C CYS A 109 4.98 2.93 12.69
N GLN A 110 6.21 2.81 13.18
CA GLN A 110 7.09 3.97 13.32
C GLN A 110 8.05 4.07 12.14
N SER A 111 8.18 2.97 11.39
CA SER A 111 9.06 2.94 10.24
C SER A 111 8.66 3.98 9.20
N GLU A 112 9.58 4.87 8.87
CA GLU A 112 9.32 5.92 7.89
C GLU A 112 8.74 5.33 6.61
N ALA A 113 9.19 4.13 6.26
CA ALA A 113 8.71 3.46 5.05
C ALA A 113 7.19 3.44 5.00
N LEU A 114 6.57 3.34 6.18
CA LEU A 114 5.11 3.30 6.27
C LEU A 114 4.52 4.69 6.14
N TYR A 115 4.92 5.59 7.04
CA TYR A 115 4.43 6.96 7.02
C TYR A 115 4.55 7.57 5.62
N ALA A 116 5.59 7.16 4.90
CA ALA A 116 5.82 7.66 3.55
C ALA A 116 4.89 6.98 2.55
N PHE A 117 4.74 5.67 2.69
CA PHE A 117 3.88 4.90 1.80
C PHE A 117 2.42 5.30 1.95
N LEU A 118 2.03 5.61 3.19
CA LEU A 118 0.66 6.01 3.49
C LEU A 118 0.38 7.41 2.95
N SER A 119 1.42 8.22 2.85
CA SER A 119 1.29 9.59 2.35
C SER A 119 1.01 9.60 0.85
N PRO A 120 0.40 10.69 0.36
CA PRO A 120 0.07 10.84 -1.06
C PRO A 120 1.31 11.02 -1.93
N SER A 121 2.06 9.94 -2.12
CA SER A 121 3.27 9.99 -2.93
C SER A 121 3.20 8.98 -4.07
N PRO A 122 2.83 9.46 -5.26
CA PRO A 122 2.72 8.60 -6.45
C PRO A 122 4.07 8.13 -6.96
N ASP A 123 5.11 8.90 -6.63
CA ASP A 123 6.47 8.55 -7.06
C ASP A 123 7.22 7.85 -5.94
N TYR A 124 6.49 7.38 -4.94
CA TYR A 124 7.09 6.68 -3.81
C TYR A 124 7.98 5.53 -4.28
N LEU A 125 9.07 5.31 -3.55
CA LEU A 125 10.01 4.24 -3.90
C LEU A 125 9.89 3.08 -2.92
N GLY A 1 10.55 15.54 13.50
CA GLY A 1 10.99 14.30 12.89
C GLY A 1 9.87 13.54 12.21
N SER A 2 9.69 12.28 12.58
CA SER A 2 8.64 11.45 12.00
C SER A 2 7.26 12.00 12.34
N ASN A 3 7.08 12.39 13.59
CA ASN A 3 5.81 12.94 14.04
C ASN A 3 4.66 11.99 13.72
N LEU A 4 4.86 10.71 14.02
CA LEU A 4 3.85 9.70 13.76
C LEU A 4 3.43 9.01 15.05
N GLY A 5 2.65 7.93 14.92
CA GLY A 5 2.20 7.19 16.08
C GLY A 5 1.11 6.19 15.75
N MET A 6 -0.06 6.70 15.39
CA MET A 6 -1.20 5.85 15.04
C MET A 6 -1.76 6.21 13.68
N TRP A 7 -1.56 5.32 12.71
CA TRP A 7 -2.03 5.55 11.34
C TRP A 7 -2.86 4.38 10.86
N LYS A 8 -3.97 4.67 10.18
CA LYS A 8 -4.85 3.63 9.66
C LYS A 8 -4.91 3.69 8.14
N ALA A 9 -4.58 2.58 7.48
CA ALA A 9 -4.61 2.51 6.03
C ALA A 9 -5.41 1.29 5.56
N SER A 10 -6.10 1.46 4.44
CA SER A 10 -6.91 0.38 3.88
C SER A 10 -7.31 0.69 2.44
N ILE A 11 -7.90 -0.31 1.77
CA ILE A 11 -8.33 -0.13 0.39
C ILE A 11 -9.85 -0.04 0.30
N THR A 12 -10.34 0.88 -0.53
CA THR A 12 -11.77 1.07 -0.70
C THR A 12 -12.22 0.57 -2.07
N SER A 13 -11.44 0.89 -3.10
CA SER A 13 -11.75 0.48 -4.46
C SER A 13 -10.48 0.18 -5.25
N GLY A 14 -10.65 -0.27 -6.49
CA GLY A 14 -9.51 -0.57 -7.33
C GLY A 14 -9.85 -0.48 -8.82
N GLU A 15 -8.87 -0.05 -9.61
CA GLU A 15 -9.07 0.09 -11.04
C GLU A 15 -7.74 -0.10 -11.80
N VAL A 16 -7.84 -0.30 -13.10
CA VAL A 16 -6.66 -0.49 -13.93
C VAL A 16 -6.29 0.79 -14.68
N THR A 17 -5.00 1.08 -14.73
CA THR A 17 -4.51 2.28 -15.41
C THR A 17 -3.68 1.90 -16.64
N GLU A 18 -3.15 2.92 -17.32
CA GLU A 18 -2.33 2.71 -18.50
C GLU A 18 -1.07 3.55 -18.46
N GLU A 19 0.08 2.89 -18.55
CA GLU A 19 1.36 3.60 -18.52
C GLU A 19 2.34 2.97 -19.52
N ASN A 20 3.12 3.82 -20.17
CA ASN A 20 4.10 3.35 -21.15
C ASN A 20 3.44 2.44 -22.18
N GLY A 21 2.17 2.68 -22.47
CA GLY A 21 1.45 1.88 -23.43
C GLY A 21 1.16 0.48 -22.92
N GLU A 22 1.04 0.35 -21.61
CA GLU A 22 0.77 -0.94 -20.99
C GLU A 22 -0.31 -0.82 -19.92
N GLN A 23 -0.90 -1.96 -19.55
CA GLN A 23 -1.95 -1.97 -18.53
C GLN A 23 -1.42 -2.48 -17.21
N LEU A 24 -1.71 -1.76 -16.13
CA LEU A 24 -1.25 -2.14 -14.80
C LEU A 24 -2.36 -1.96 -13.77
N PRO A 25 -2.41 -2.87 -12.79
CA PRO A 25 -3.42 -2.82 -11.72
C PRO A 25 -3.19 -1.66 -10.76
N CYS A 26 -4.29 -1.08 -10.28
CA CYS A 26 -4.21 0.05 -9.35
C CYS A 26 -5.22 -0.10 -8.22
N TYR A 27 -4.77 0.12 -6.99
CA TYR A 27 -5.63 0.01 -5.83
C TYR A 27 -5.59 1.27 -4.98
N PHE A 28 -6.76 1.83 -4.70
CA PHE A 28 -6.85 3.05 -3.90
C PHE A 28 -6.62 2.75 -2.42
N VAL A 29 -5.87 3.62 -1.76
CA VAL A 29 -5.57 3.45 -0.33
C VAL A 29 -5.98 4.68 0.46
N MET A 30 -6.85 4.48 1.45
CA MET A 30 -7.33 5.58 2.29
C MET A 30 -6.56 5.61 3.61
N VAL A 31 -6.00 6.77 3.93
CA VAL A 31 -5.25 6.94 5.16
C VAL A 31 -5.95 7.89 6.12
N SER A 32 -5.88 7.58 7.42
CA SER A 32 -6.52 8.41 8.43
C SER A 32 -5.63 8.55 9.66
N LEU A 33 -5.23 9.78 9.95
CA LEU A 33 -4.36 10.06 11.10
C LEU A 33 -5.10 10.89 12.15
N GLN A 34 -5.27 10.33 13.33
CA GLN A 34 -5.95 11.02 14.41
C GLN A 34 -4.95 11.66 15.37
N GLU A 35 -4.69 12.95 15.16
CA GLU A 35 -3.74 13.68 15.99
C GLU A 35 -4.41 14.13 17.29
N VAL A 36 -3.68 14.89 18.09
CA VAL A 36 -4.19 15.40 19.36
C VAL A 36 -5.55 16.07 19.16
N GLY A 37 -6.36 16.06 20.22
CA GLY A 37 -7.67 16.67 20.15
C GLY A 37 -7.63 18.07 19.58
N GLY A 38 -6.53 18.78 19.84
CA GLY A 38 -6.38 20.14 19.35
C GLY A 38 -6.52 20.22 17.83
N VAL A 39 -6.10 19.17 17.14
CA VAL A 39 -6.18 19.13 15.69
C VAL A 39 -7.25 18.15 15.23
N GLU A 40 -7.85 18.44 14.08
CA GLU A 40 -8.89 17.57 13.53
C GLU A 40 -8.28 16.40 12.76
N THR A 41 -8.86 15.22 12.93
CA THR A 41 -8.37 14.02 12.26
C THR A 41 -8.40 14.19 10.75
N LYS A 42 -7.31 13.80 10.09
CA LYS A 42 -7.21 13.92 8.64
C LYS A 42 -7.60 12.61 7.98
N ASN A 43 -8.10 12.70 6.74
CA ASN A 43 -8.52 11.52 6.00
C ASN A 43 -8.47 11.78 4.50
N TRP A 44 -7.73 10.92 3.78
CA TRP A 44 -7.60 11.06 2.33
C TRP A 44 -7.36 9.71 1.68
N THR A 45 -7.40 9.68 0.35
CA THR A 45 -7.19 8.44 -0.40
C THR A 45 -6.26 8.67 -1.58
N VAL A 46 -5.42 7.68 -1.86
CA VAL A 46 -4.48 7.78 -2.97
C VAL A 46 -4.26 6.41 -3.62
N PRO A 47 -4.18 6.40 -4.96
CA PRO A 47 -3.96 5.16 -5.73
C PRO A 47 -2.57 4.60 -5.54
N ARG A 48 -2.46 3.27 -5.57
CA ARG A 48 -1.18 2.61 -5.40
C ARG A 48 -1.08 1.36 -6.28
N ARG A 49 -0.01 1.28 -7.06
CA ARG A 49 0.19 0.15 -7.96
C ARG A 49 0.73 -1.06 -7.20
N LEU A 50 0.38 -2.25 -7.67
CA LEU A 50 0.82 -3.48 -7.03
C LEU A 50 2.33 -3.47 -6.82
N SER A 51 3.07 -3.09 -7.87
CA SER A 51 4.53 -3.04 -7.80
C SER A 51 4.98 -2.25 -6.58
N GLU A 52 4.23 -1.22 -6.23
CA GLU A 52 4.56 -0.38 -5.07
C GLU A 52 4.50 -1.19 -3.78
N PHE A 53 3.39 -1.89 -3.57
CA PHE A 53 3.20 -2.70 -2.38
C PHE A 53 4.39 -3.65 -2.18
N GLN A 54 4.88 -4.21 -3.28
CA GLN A 54 6.01 -5.14 -3.23
C GLN A 54 7.28 -4.43 -2.79
N ASN A 55 7.50 -3.24 -3.36
CA ASN A 55 8.69 -2.46 -3.04
C ASN A 55 8.73 -2.12 -1.55
N LEU A 56 7.64 -1.52 -1.07
CA LEU A 56 7.54 -1.14 0.34
C LEU A 56 7.75 -2.34 1.24
N HIS A 57 7.25 -3.49 0.81
CA HIS A 57 7.39 -4.73 1.58
C HIS A 57 8.85 -4.99 1.94
N ARG A 58 9.73 -4.80 0.97
CA ARG A 58 11.16 -5.02 1.18
C ARG A 58 11.72 -4.00 2.17
N LYS A 59 11.39 -2.74 1.95
CA LYS A 59 11.87 -1.66 2.82
C LYS A 59 11.47 -1.92 4.28
N LEU A 60 10.28 -2.48 4.45
CA LEU A 60 9.76 -2.77 5.79
C LEU A 60 10.36 -4.07 6.32
N SER A 61 10.54 -5.04 5.43
CA SER A 61 11.10 -6.34 5.80
C SER A 61 12.39 -6.16 6.59
N GLU A 62 13.24 -5.24 6.13
CA GLU A 62 14.51 -4.98 6.79
C GLU A 62 14.29 -4.64 8.26
N CYS A 63 13.17 -4.00 8.56
CA CYS A 63 12.86 -3.62 9.93
C CYS A 63 12.24 -4.80 10.70
N VAL A 64 11.48 -5.63 10.00
CA VAL A 64 10.85 -6.78 10.61
C VAL A 64 11.00 -8.02 9.73
N PRO A 65 11.63 -9.07 10.28
CA PRO A 65 11.84 -10.33 9.57
C PRO A 65 10.56 -11.10 9.34
N SER A 66 9.69 -11.11 10.36
CA SER A 66 8.42 -11.82 10.27
C SER A 66 7.65 -11.42 9.02
N LEU A 67 7.72 -10.13 8.67
CA LEU A 67 7.05 -9.62 7.49
C LEU A 67 7.40 -10.44 6.26
N LYS A 68 8.62 -10.97 6.23
CA LYS A 68 9.09 -11.77 5.11
C LYS A 68 8.11 -12.92 4.83
N LYS A 69 7.39 -13.35 5.86
CA LYS A 69 6.42 -14.43 5.72
C LYS A 69 5.26 -14.01 4.83
N VAL A 70 5.00 -12.71 4.79
CA VAL A 70 3.91 -12.18 3.98
C VAL A 70 4.28 -12.18 2.49
N GLN A 71 3.36 -12.69 1.66
CA GLN A 71 3.61 -12.75 0.22
C GLN A 71 2.58 -11.89 -0.53
N LEU A 72 3.07 -11.07 -1.44
CA LEU A 72 2.20 -10.20 -2.23
C LEU A 72 2.04 -10.73 -3.65
N PRO A 73 0.93 -10.38 -4.31
CA PRO A 73 0.64 -10.81 -5.68
C PRO A 73 1.55 -10.14 -6.70
N SER A 74 1.56 -10.66 -7.92
CA SER A 74 2.39 -10.11 -8.99
C SER A 74 1.85 -10.52 -10.35
N LEU A 75 2.52 -10.04 -11.41
CA LEU A 75 2.11 -10.35 -12.77
C LEU A 75 3.30 -10.32 -13.71
N SER A 76 3.07 -10.71 -14.96
CA SER A 76 4.13 -10.75 -15.97
C SER A 76 4.58 -9.33 -16.33
N LYS A 77 3.65 -8.38 -16.21
CA LYS A 77 3.94 -6.99 -16.53
C LYS A 77 4.24 -6.82 -18.01
N LEU A 78 3.56 -7.60 -18.85
CA LEU A 78 3.75 -7.54 -20.29
C LEU A 78 2.80 -6.52 -20.92
N PRO A 79 3.19 -6.01 -22.11
CA PRO A 79 2.39 -5.03 -22.83
C PRO A 79 1.10 -5.62 -23.39
N PHE A 80 1.14 -6.90 -23.73
CA PHE A 80 -0.03 -7.58 -24.27
C PHE A 80 -0.91 -8.12 -23.15
N LYS A 81 -0.28 -8.57 -22.07
CA LYS A 81 -1.01 -9.11 -20.93
C LYS A 81 -1.88 -8.04 -20.28
N SER A 82 -3.19 -8.15 -20.49
CA SER A 82 -4.13 -7.19 -19.93
C SER A 82 -4.57 -7.61 -18.52
N ILE A 83 -5.21 -6.70 -17.81
CA ILE A 83 -5.68 -6.97 -16.46
C ILE A 83 -7.05 -7.64 -16.48
N ASP A 84 -7.33 -8.45 -15.46
CA ASP A 84 -8.60 -9.15 -15.36
C ASP A 84 -9.26 -8.88 -14.01
N GLN A 85 -10.58 -8.77 -14.02
CA GLN A 85 -11.35 -8.51 -12.80
C GLN A 85 -10.96 -9.49 -11.70
N LYS A 86 -10.90 -10.77 -12.07
CA LYS A 86 -10.56 -11.82 -11.12
C LYS A 86 -9.26 -11.49 -10.39
N PHE A 87 -8.33 -10.86 -11.10
CA PHE A 87 -7.05 -10.47 -10.53
C PHE A 87 -7.19 -9.26 -9.62
N MET A 88 -7.96 -8.27 -10.08
CA MET A 88 -8.18 -7.06 -9.31
C MET A 88 -8.64 -7.39 -7.89
N GLU A 89 -9.48 -8.41 -7.76
CA GLU A 89 -9.99 -8.82 -6.46
C GLU A 89 -9.04 -9.82 -5.80
N LYS A 90 -8.54 -10.77 -6.58
CA LYS A 90 -7.62 -11.77 -6.08
C LYS A 90 -6.45 -11.12 -5.32
N SER A 91 -5.91 -10.06 -5.91
CA SER A 91 -4.79 -9.35 -5.30
C SER A 91 -5.28 -8.39 -4.21
N LYS A 92 -6.42 -7.76 -4.47
CA LYS A 92 -7.00 -6.81 -3.52
C LYS A 92 -7.10 -7.44 -2.13
N ASN A 93 -7.43 -8.73 -2.09
CA ASN A 93 -7.58 -9.45 -0.83
C ASN A 93 -6.22 -9.57 -0.13
N GLN A 94 -5.16 -9.71 -0.91
CA GLN A 94 -3.82 -9.84 -0.36
C GLN A 94 -3.27 -8.48 0.05
N LEU A 95 -3.64 -7.44 -0.69
CA LEU A 95 -3.18 -6.09 -0.39
C LEU A 95 -3.94 -5.50 0.79
N ASN A 96 -5.26 -5.67 0.78
CA ASN A 96 -6.10 -5.15 1.86
C ASN A 96 -5.58 -5.62 3.22
N LYS A 97 -5.27 -6.91 3.32
CA LYS A 97 -4.76 -7.48 4.56
C LYS A 97 -3.29 -7.16 4.75
N PHE A 98 -2.57 -7.06 3.64
CA PHE A 98 -1.14 -6.76 3.67
C PHE A 98 -0.87 -5.49 4.48
N LEU A 99 -1.58 -4.42 4.12
CA LEU A 99 -1.41 -3.14 4.81
C LEU A 99 -1.62 -3.30 6.31
N GLN A 100 -2.57 -4.13 6.68
CA GLN A 100 -2.86 -4.37 8.10
C GLN A 100 -1.62 -4.88 8.82
N ASN A 101 -0.95 -5.87 8.25
CA ASN A 101 0.25 -6.44 8.84
C ASN A 101 1.30 -5.35 9.09
N LEU A 102 1.27 -4.31 8.26
CA LEU A 102 2.21 -3.20 8.40
C LEU A 102 1.87 -2.34 9.61
N LEU A 103 0.60 -1.94 9.70
CA LEU A 103 0.14 -1.11 10.81
C LEU A 103 -0.06 -1.94 12.07
N SER A 104 0.14 -3.25 11.95
CA SER A 104 -0.02 -4.16 13.08
C SER A 104 1.29 -4.29 13.85
N ASP A 105 2.39 -4.03 13.17
CA ASP A 105 3.71 -4.13 13.79
C ASP A 105 4.15 -2.77 14.35
N GLU A 106 4.31 -2.70 15.66
CA GLU A 106 4.72 -1.47 16.33
C GLU A 106 6.02 -0.93 15.72
N ARG A 107 6.91 -1.86 15.33
CA ARG A 107 8.18 -1.48 14.74
C ARG A 107 7.98 -0.77 13.40
N LEU A 108 7.12 -1.34 12.56
CA LEU A 108 6.84 -0.77 11.25
C LEU A 108 5.99 0.50 11.38
N CYS A 109 5.13 0.53 12.40
CA CYS A 109 4.27 1.67 12.64
C CYS A 109 5.08 2.96 12.72
N GLN A 110 6.34 2.83 13.14
CA GLN A 110 7.22 3.99 13.27
C GLN A 110 8.13 4.11 12.05
N SER A 111 8.24 3.02 11.29
CA SER A 111 9.09 2.99 10.10
C SER A 111 8.66 4.07 9.11
N GLU A 112 9.54 5.03 8.88
CA GLU A 112 9.26 6.13 7.95
C GLU A 112 8.78 5.59 6.61
N ALA A 113 9.29 4.42 6.23
CA ALA A 113 8.91 3.79 4.97
C ALA A 113 7.40 3.70 4.82
N LEU A 114 6.73 3.44 5.94
CA LEU A 114 5.27 3.33 5.95
C LEU A 114 4.62 4.69 5.74
N TYR A 115 4.95 5.63 6.61
CA TYR A 115 4.40 6.98 6.53
C TYR A 115 4.53 7.53 5.12
N ALA A 116 5.61 7.16 4.44
CA ALA A 116 5.86 7.62 3.08
C ALA A 116 4.89 6.98 2.10
N PHE A 117 4.76 5.66 2.18
CA PHE A 117 3.86 4.92 1.29
C PHE A 117 2.40 5.30 1.56
N LEU A 118 2.09 5.55 2.82
CA LEU A 118 0.73 5.92 3.21
C LEU A 118 0.40 7.34 2.75
N SER A 119 1.43 8.17 2.61
CA SER A 119 1.24 9.55 2.18
C SER A 119 1.08 9.63 0.67
N PRO A 120 0.46 10.71 0.20
CA PRO A 120 0.21 10.93 -1.23
C PRO A 120 1.50 11.22 -1.99
N SER A 121 2.31 10.18 -2.19
CA SER A 121 3.57 10.32 -2.91
C SER A 121 3.64 9.37 -4.10
N PRO A 122 3.32 9.89 -5.30
CA PRO A 122 3.34 9.11 -6.53
C PRO A 122 4.75 8.71 -6.96
N ASP A 123 5.72 9.48 -6.51
CA ASP A 123 7.13 9.21 -6.85
C ASP A 123 7.60 7.92 -6.19
N TYR A 124 6.91 7.52 -5.13
CA TYR A 124 7.27 6.29 -4.41
C TYR A 124 7.35 5.11 -5.36
N LEU A 125 8.20 4.15 -5.04
CA LEU A 125 8.37 2.96 -5.86
C LEU A 125 8.08 1.69 -5.06
N GLY A 1 11.67 16.01 13.86
CA GLY A 1 11.06 14.69 13.81
C GLY A 1 9.70 14.71 13.13
N SER A 2 8.89 13.69 13.40
CA SER A 2 7.56 13.59 12.82
C SER A 2 6.50 13.36 13.89
N ASN A 3 5.31 13.87 13.64
CA ASN A 3 4.20 13.72 14.59
C ASN A 3 3.33 12.53 14.23
N LEU A 4 3.89 11.33 14.31
CA LEU A 4 3.16 10.11 13.99
C LEU A 4 2.70 9.41 15.26
N GLY A 5 2.22 8.18 15.11
CA GLY A 5 1.75 7.41 16.25
C GLY A 5 0.75 6.35 15.87
N MET A 6 -0.45 6.77 15.47
CA MET A 6 -1.49 5.83 15.06
C MET A 6 -2.02 6.17 13.68
N TRP A 7 -1.72 5.31 12.71
CA TRP A 7 -2.17 5.53 11.34
C TRP A 7 -2.98 4.33 10.83
N LYS A 8 -4.06 4.62 10.12
CA LYS A 8 -4.91 3.57 9.58
C LYS A 8 -4.96 3.63 8.06
N ALA A 9 -4.65 2.52 7.41
CA ALA A 9 -4.67 2.45 5.96
C ALA A 9 -5.50 1.26 5.47
N SER A 10 -6.18 1.44 4.35
CA SER A 10 -7.01 0.39 3.77
C SER A 10 -7.40 0.72 2.34
N ILE A 11 -7.95 -0.27 1.64
CA ILE A 11 -8.37 -0.09 0.26
C ILE A 11 -9.88 0.07 0.15
N THR A 12 -10.33 0.96 -0.73
CA THR A 12 -11.74 1.19 -0.93
C THR A 12 -12.21 0.71 -2.30
N SER A 13 -11.40 1.01 -3.32
CA SER A 13 -11.72 0.61 -4.68
C SER A 13 -10.46 0.28 -5.47
N GLY A 14 -10.63 -0.17 -6.70
CA GLY A 14 -9.50 -0.52 -7.54
C GLY A 14 -9.80 -0.37 -9.01
N GLU A 15 -8.80 0.05 -9.79
CA GLU A 15 -8.96 0.23 -11.22
C GLU A 15 -7.64 0.02 -11.95
N VAL A 16 -7.73 -0.24 -13.25
CA VAL A 16 -6.54 -0.48 -14.06
C VAL A 16 -6.24 0.73 -14.96
N THR A 17 -4.99 1.17 -14.94
CA THR A 17 -4.58 2.32 -15.75
C THR A 17 -3.81 1.87 -16.99
N GLU A 18 -3.35 2.83 -17.78
CA GLU A 18 -2.60 2.53 -18.99
C GLU A 18 -1.36 3.42 -19.10
N GLU A 19 -0.25 2.82 -19.49
CA GLU A 19 1.01 3.57 -19.63
C GLU A 19 1.97 2.83 -20.55
N ASN A 20 2.36 3.49 -21.64
CA ASN A 20 3.29 2.90 -22.60
C ASN A 20 2.66 1.69 -23.29
N GLY A 21 1.34 1.73 -23.45
CA GLY A 21 0.63 0.63 -24.09
C GLY A 21 0.55 -0.60 -23.22
N GLU A 22 0.55 -0.39 -21.90
CA GLU A 22 0.49 -1.50 -20.95
C GLU A 22 -0.52 -1.20 -19.84
N GLN A 23 -1.18 -2.26 -19.35
CA GLN A 23 -2.17 -2.11 -18.30
C GLN A 23 -1.59 -2.54 -16.95
N LEU A 24 -1.72 -1.67 -15.95
CA LEU A 24 -1.21 -1.97 -14.61
C LEU A 24 -2.32 -1.85 -13.57
N PRO A 25 -2.34 -2.80 -12.63
CA PRO A 25 -3.34 -2.83 -11.56
C PRO A 25 -3.15 -1.70 -10.56
N CYS A 26 -4.20 -0.90 -10.37
CA CYS A 26 -4.14 0.22 -9.44
C CYS A 26 -5.18 0.06 -8.33
N TYR A 27 -4.74 0.25 -7.09
CA TYR A 27 -5.63 0.12 -5.94
C TYR A 27 -5.58 1.37 -5.06
N PHE A 28 -6.74 1.98 -4.83
CA PHE A 28 -6.84 3.18 -4.02
C PHE A 28 -6.60 2.86 -2.54
N VAL A 29 -5.82 3.69 -1.88
CA VAL A 29 -5.52 3.51 -0.46
C VAL A 29 -5.93 4.72 0.36
N MET A 30 -6.81 4.50 1.33
CA MET A 30 -7.27 5.59 2.19
C MET A 30 -6.52 5.60 3.51
N VAL A 31 -5.91 6.74 3.84
CA VAL A 31 -5.15 6.87 5.08
C VAL A 31 -5.84 7.83 6.04
N SER A 32 -5.96 7.43 7.30
CA SER A 32 -6.60 8.25 8.32
C SER A 32 -5.71 8.40 9.55
N LEU A 33 -5.39 9.64 9.89
CA LEU A 33 -4.54 9.91 11.04
C LEU A 33 -5.29 10.74 12.08
N GLN A 34 -5.51 10.16 13.26
CA GLN A 34 -6.20 10.85 14.33
C GLN A 34 -5.22 11.46 15.33
N GLU A 35 -4.90 12.74 15.12
CA GLU A 35 -3.97 13.44 15.99
C GLU A 35 -4.66 13.91 17.27
N VAL A 36 -3.93 14.64 18.10
CA VAL A 36 -4.48 15.16 19.35
C VAL A 36 -5.81 15.87 19.11
N GLY A 37 -6.66 15.88 20.13
CA GLY A 37 -7.95 16.52 20.01
C GLY A 37 -7.84 17.93 19.48
N GLY A 38 -6.74 18.61 19.79
CA GLY A 38 -6.55 19.97 19.32
C GLY A 38 -6.64 20.09 17.82
N VAL A 39 -6.21 19.03 17.12
CA VAL A 39 -6.25 19.02 15.66
C VAL A 39 -7.31 18.05 15.14
N GLU A 40 -7.92 18.40 14.02
CA GLU A 40 -8.95 17.56 13.43
C GLU A 40 -8.33 16.36 12.70
N THR A 41 -8.98 15.21 12.81
CA THR A 41 -8.49 14.00 12.16
C THR A 41 -8.47 14.15 10.65
N LYS A 42 -7.33 13.80 10.04
CA LYS A 42 -7.18 13.90 8.60
C LYS A 42 -7.50 12.57 7.92
N ASN A 43 -8.03 12.64 6.70
CA ASN A 43 -8.38 11.44 5.95
C ASN A 43 -8.35 11.71 4.45
N TRP A 44 -7.59 10.90 3.72
CA TRP A 44 -7.46 11.06 2.28
C TRP A 44 -7.25 9.71 1.60
N THR A 45 -7.35 9.69 0.28
CA THR A 45 -7.16 8.46 -0.49
C THR A 45 -6.27 8.69 -1.69
N VAL A 46 -5.36 7.76 -1.93
CA VAL A 46 -4.43 7.87 -3.06
C VAL A 46 -4.21 6.51 -3.72
N PRO A 47 -4.16 6.51 -5.06
CA PRO A 47 -3.96 5.28 -5.85
C PRO A 47 -2.55 4.72 -5.68
N ARG A 48 -2.46 3.43 -5.40
CA ARG A 48 -1.18 2.77 -5.22
C ARG A 48 -1.05 1.58 -6.17
N ARG A 49 0.05 1.54 -6.92
CA ARG A 49 0.29 0.46 -7.87
C ARG A 49 0.84 -0.77 -7.15
N LEU A 50 0.55 -1.95 -7.70
CA LEU A 50 1.00 -3.20 -7.12
C LEU A 50 2.51 -3.18 -6.88
N SER A 51 3.23 -2.50 -7.77
CA SER A 51 4.68 -2.40 -7.66
C SER A 51 5.08 -1.64 -6.41
N GLU A 52 4.24 -0.67 -6.03
CA GLU A 52 4.50 0.14 -4.85
C GLU A 52 4.50 -0.71 -3.58
N PHE A 53 3.46 -1.53 -3.44
CA PHE A 53 3.33 -2.39 -2.27
C PHE A 53 4.56 -3.29 -2.12
N GLN A 54 4.95 -3.95 -3.21
CA GLN A 54 6.10 -4.83 -3.20
C GLN A 54 7.35 -4.08 -2.77
N ASN A 55 7.45 -2.82 -3.18
CA ASN A 55 8.61 -1.99 -2.84
C ASN A 55 8.67 -1.74 -1.34
N LEU A 56 7.57 -1.27 -0.78
CA LEU A 56 7.50 -0.98 0.65
C LEU A 56 7.73 -2.24 1.47
N HIS A 57 7.19 -3.35 0.99
CA HIS A 57 7.34 -4.63 1.69
C HIS A 57 8.81 -4.92 1.98
N ARG A 58 9.60 -5.08 0.93
CA ARG A 58 11.03 -5.35 1.07
C ARG A 58 11.68 -4.34 2.01
N LYS A 59 11.46 -3.06 1.73
CA LYS A 59 12.03 -2.00 2.55
C LYS A 59 11.72 -2.21 4.02
N LEU A 60 10.53 -2.74 4.31
CA LEU A 60 10.11 -3.00 5.68
C LEU A 60 10.71 -4.31 6.20
N SER A 61 10.86 -5.28 5.29
CA SER A 61 11.42 -6.57 5.66
C SER A 61 12.73 -6.40 6.42
N GLU A 62 13.58 -5.51 5.94
CA GLU A 62 14.87 -5.26 6.57
C GLU A 62 14.68 -4.90 8.05
N CYS A 63 13.58 -4.23 8.35
CA CYS A 63 13.28 -3.84 9.73
C CYS A 63 12.57 -4.96 10.48
N VAL A 64 11.73 -5.70 9.76
CA VAL A 64 10.99 -6.80 10.36
C VAL A 64 11.04 -8.04 9.47
N PRO A 65 11.67 -9.11 9.98
CA PRO A 65 11.80 -10.38 9.25
C PRO A 65 10.47 -11.11 9.11
N SER A 66 9.64 -11.01 10.15
CA SER A 66 8.34 -11.67 10.17
C SER A 66 7.53 -11.30 8.92
N LEU A 67 7.70 -10.06 8.47
CA LEU A 67 6.99 -9.57 7.30
C LEU A 67 7.30 -10.43 6.08
N LYS A 68 8.49 -11.02 6.06
CA LYS A 68 8.91 -11.88 4.97
C LYS A 68 7.89 -12.98 4.71
N LYS A 69 7.13 -13.33 5.74
CA LYS A 69 6.12 -14.37 5.63
C LYS A 69 4.98 -13.92 4.72
N VAL A 70 4.78 -12.60 4.62
CA VAL A 70 3.73 -12.05 3.78
C VAL A 70 4.14 -12.07 2.31
N GLN A 71 3.23 -12.52 1.46
CA GLN A 71 3.50 -12.58 0.02
C GLN A 71 2.48 -11.75 -0.76
N LEU A 72 2.98 -10.84 -1.58
CA LEU A 72 2.12 -9.98 -2.39
C LEU A 72 1.99 -10.52 -3.81
N PRO A 73 0.87 -10.19 -4.47
CA PRO A 73 0.58 -10.63 -5.84
C PRO A 73 1.51 -9.96 -6.85
N SER A 74 1.49 -10.47 -8.08
CA SER A 74 2.33 -9.93 -9.15
C SER A 74 1.75 -10.28 -10.52
N LEU A 75 2.42 -9.79 -11.57
CA LEU A 75 1.97 -10.05 -12.93
C LEU A 75 3.17 -10.28 -13.85
N SER A 76 2.89 -10.41 -15.15
CA SER A 76 3.94 -10.64 -16.13
C SER A 76 4.31 -9.35 -16.85
N LYS A 77 5.09 -9.48 -17.92
CA LYS A 77 5.51 -8.31 -18.70
C LYS A 77 5.23 -8.52 -20.17
N LEU A 78 4.13 -9.19 -20.48
CA LEU A 78 3.74 -9.46 -21.85
C LEU A 78 2.86 -8.33 -22.39
N PRO A 79 2.88 -8.14 -23.72
CA PRO A 79 2.10 -7.11 -24.39
C PRO A 79 0.60 -7.41 -24.37
N PHE A 80 0.26 -8.69 -24.48
CA PHE A 80 -1.13 -9.11 -24.46
C PHE A 80 -1.56 -9.56 -23.07
N LYS A 81 -0.80 -9.13 -22.06
CA LYS A 81 -1.10 -9.49 -20.67
C LYS A 81 -1.91 -8.40 -20.00
N SER A 82 -3.23 -8.44 -20.19
CA SER A 82 -4.12 -7.44 -19.59
C SER A 82 -4.57 -7.88 -18.20
N ILE A 83 -5.16 -6.95 -17.46
CA ILE A 83 -5.63 -7.23 -16.12
C ILE A 83 -6.99 -7.92 -16.14
N ASP A 84 -7.16 -8.92 -15.28
CA ASP A 84 -8.42 -9.66 -15.20
C ASP A 84 -9.16 -9.34 -13.91
N GLN A 85 -10.47 -9.21 -14.00
CA GLN A 85 -11.30 -8.92 -12.84
C GLN A 85 -10.99 -9.87 -11.69
N LYS A 86 -10.85 -11.15 -12.02
CA LYS A 86 -10.56 -12.17 -11.01
C LYS A 86 -9.24 -11.88 -10.32
N PHE A 87 -8.29 -11.32 -11.05
CA PHE A 87 -6.98 -10.99 -10.51
C PHE A 87 -7.07 -9.81 -9.54
N MET A 88 -7.66 -8.71 -10.01
CA MET A 88 -7.82 -7.52 -9.20
C MET A 88 -8.39 -7.87 -7.83
N GLU A 89 -9.27 -8.86 -7.80
CA GLU A 89 -9.90 -9.29 -6.55
C GLU A 89 -8.90 -10.09 -5.70
N LYS A 90 -8.35 -11.15 -6.29
CA LYS A 90 -7.39 -11.99 -5.58
C LYS A 90 -6.27 -11.16 -4.97
N SER A 91 -5.89 -10.09 -5.67
CA SER A 91 -4.82 -9.21 -5.20
C SER A 91 -5.33 -8.29 -4.09
N LYS A 92 -6.43 -7.60 -4.36
CA LYS A 92 -7.02 -6.70 -3.38
C LYS A 92 -7.20 -7.37 -2.03
N ASN A 93 -7.54 -8.66 -2.06
CA ASN A 93 -7.73 -9.43 -0.84
C ASN A 93 -6.42 -9.56 -0.06
N GLN A 94 -5.31 -9.64 -0.79
CA GLN A 94 -4.00 -9.77 -0.17
C GLN A 94 -3.45 -8.40 0.22
N LEU A 95 -3.75 -7.40 -0.59
CA LEU A 95 -3.28 -6.04 -0.33
C LEU A 95 -4.04 -5.42 0.84
N ASN A 96 -5.36 -5.56 0.83
CA ASN A 96 -6.20 -5.03 1.90
C ASN A 96 -5.68 -5.46 3.27
N LYS A 97 -5.37 -6.75 3.39
CA LYS A 97 -4.87 -7.29 4.64
C LYS A 97 -3.38 -7.00 4.80
N PHE A 98 -2.67 -6.94 3.69
CA PHE A 98 -1.23 -6.66 3.70
C PHE A 98 -0.93 -5.40 4.51
N LEU A 99 -1.64 -4.32 4.20
CA LEU A 99 -1.46 -3.06 4.89
C LEU A 99 -1.67 -3.22 6.40
N GLN A 100 -2.67 -4.01 6.76
CA GLN A 100 -2.97 -4.24 8.17
C GLN A 100 -1.76 -4.79 8.91
N ASN A 101 -1.05 -5.71 8.28
CA ASN A 101 0.14 -6.32 8.87
C ASN A 101 1.18 -5.25 9.18
N LEU A 102 1.21 -4.19 8.38
CA LEU A 102 2.16 -3.11 8.57
C LEU A 102 1.81 -2.28 9.79
N LEU A 103 0.53 -1.91 9.91
CA LEU A 103 0.06 -1.12 11.03
C LEU A 103 -0.09 -1.98 12.28
N SER A 104 -0.02 -3.30 12.09
CA SER A 104 -0.15 -4.24 13.21
C SER A 104 1.17 -4.40 13.93
N ASP A 105 2.26 -4.11 13.24
CA ASP A 105 3.60 -4.23 13.82
C ASP A 105 4.09 -2.88 14.32
N GLU A 106 4.44 -2.82 15.61
CA GLU A 106 4.93 -1.58 16.21
C GLU A 106 6.20 -1.11 15.51
N ARG A 107 7.02 -2.06 15.09
CA ARG A 107 8.28 -1.73 14.41
C ARG A 107 8.02 -0.93 13.14
N LEU A 108 7.06 -1.39 12.34
CA LEU A 108 6.72 -0.71 11.09
C LEU A 108 5.90 0.54 11.36
N CYS A 109 5.10 0.50 12.42
CA CYS A 109 4.26 1.64 12.79
C CYS A 109 5.09 2.92 12.86
N GLN A 110 6.30 2.81 13.42
CA GLN A 110 7.19 3.96 13.55
C GLN A 110 8.12 4.07 12.34
N SER A 111 8.22 2.98 11.58
CA SER A 111 9.09 2.95 10.41
C SER A 111 8.65 4.01 9.39
N GLU A 112 9.55 4.94 9.10
CA GLU A 112 9.25 6.00 8.14
C GLU A 112 8.72 5.43 6.83
N ALA A 113 9.20 4.25 6.47
CA ALA A 113 8.77 3.59 5.24
C ALA A 113 7.25 3.54 5.15
N LEU A 114 6.59 3.45 6.30
CA LEU A 114 5.13 3.40 6.35
C LEU A 114 4.53 4.79 6.19
N TYR A 115 4.96 5.72 7.04
CA TYR A 115 4.47 7.10 6.98
C TYR A 115 4.59 7.66 5.57
N ALA A 116 5.65 7.27 4.87
CA ALA A 116 5.89 7.74 3.52
C ALA A 116 4.94 7.06 2.53
N PHE A 117 4.75 5.75 2.72
CA PHE A 117 3.87 4.98 1.85
C PHE A 117 2.41 5.41 2.02
N LEU A 118 2.04 5.72 3.26
CA LEU A 118 0.67 6.15 3.55
C LEU A 118 0.41 7.56 3.02
N SER A 119 1.47 8.35 2.92
CA SER A 119 1.36 9.71 2.43
C SER A 119 1.08 9.73 0.93
N PRO A 120 0.46 10.83 0.46
CA PRO A 120 0.12 10.99 -0.96
C PRO A 120 1.34 11.21 -1.82
N SER A 121 2.09 10.14 -2.06
CA SER A 121 3.30 10.21 -2.87
C SER A 121 3.22 9.25 -4.06
N PRO A 122 2.86 9.78 -5.23
CA PRO A 122 2.73 8.99 -6.46
C PRO A 122 4.09 8.52 -6.98
N ASP A 123 5.13 9.29 -6.68
CA ASP A 123 6.48 8.94 -7.12
C ASP A 123 7.20 8.10 -6.06
N TYR A 124 6.43 7.56 -5.13
CA TYR A 124 7.00 6.74 -4.06
C TYR A 124 7.84 5.60 -4.64
N LEU A 125 8.85 5.19 -3.89
CA LEU A 125 9.74 4.11 -4.32
C LEU A 125 9.87 3.05 -3.23
N GLY A 1 12.25 16.16 13.13
CA GLY A 1 11.63 14.84 13.11
C GLY A 1 10.27 14.86 12.45
N SER A 2 9.37 14.00 12.93
CA SER A 2 8.03 13.92 12.36
C SER A 2 6.98 13.83 13.48
N ASN A 3 5.71 13.89 13.09
CA ASN A 3 4.62 13.82 14.05
C ASN A 3 3.69 12.65 13.74
N LEU A 4 4.23 11.44 13.86
CA LEU A 4 3.45 10.23 13.58
C LEU A 4 3.01 9.56 14.89
N GLY A 5 2.49 8.35 14.78
CA GLY A 5 2.05 7.62 15.95
C GLY A 5 1.02 6.56 15.62
N MET A 6 -0.18 6.99 15.24
CA MET A 6 -1.25 6.08 14.89
C MET A 6 -1.82 6.38 13.51
N TRP A 7 -1.56 5.50 12.55
CA TRP A 7 -2.03 5.68 11.20
C TRP A 7 -2.87 4.48 10.74
N LYS A 8 -3.96 4.76 10.04
CA LYS A 8 -4.84 3.71 9.54
C LYS A 8 -4.93 3.74 8.02
N ALA A 9 -4.65 2.60 7.40
CA ALA A 9 -4.68 2.49 5.94
C ALA A 9 -5.54 1.30 5.51
N SER A 10 -6.26 1.47 4.40
CA SER A 10 -7.11 0.41 3.88
C SER A 10 -7.53 0.70 2.44
N ILE A 11 -7.81 -0.35 1.68
CA ILE A 11 -8.23 -0.20 0.29
C ILE A 11 -9.74 -0.02 0.20
N THR A 12 -10.16 0.85 -0.71
CA THR A 12 -11.59 1.12 -0.92
C THR A 12 -12.06 0.59 -2.26
N SER A 13 -11.28 0.85 -3.31
CA SER A 13 -11.63 0.40 -4.65
C SER A 13 -10.36 0.09 -5.46
N GLY A 14 -10.55 -0.55 -6.61
CA GLY A 14 -9.42 -0.89 -7.45
C GLY A 14 -9.76 -0.78 -8.93
N GLU A 15 -8.76 -0.44 -9.74
CA GLU A 15 -8.94 -0.30 -11.18
C GLU A 15 -7.61 -0.37 -11.91
N VAL A 16 -7.68 -0.64 -13.22
CA VAL A 16 -6.47 -0.74 -14.04
C VAL A 16 -6.19 0.58 -14.75
N THR A 17 -4.96 1.06 -14.63
CA THR A 17 -4.56 2.31 -15.27
C THR A 17 -3.77 2.05 -16.55
N GLU A 18 -3.39 3.12 -17.23
CA GLU A 18 -2.63 3.01 -18.47
C GLU A 18 -1.46 3.99 -18.49
N GLU A 19 -0.25 3.46 -18.57
CA GLU A 19 0.95 4.29 -18.60
C GLU A 19 1.97 3.74 -19.59
N ASN A 20 2.68 4.64 -20.26
CA ASN A 20 3.68 4.25 -21.24
C ASN A 20 3.11 3.28 -22.26
N GLY A 21 1.81 3.41 -22.53
CA GLY A 21 1.16 2.54 -23.49
C GLY A 21 1.00 1.12 -22.97
N GLU A 22 0.91 0.98 -21.65
CA GLU A 22 0.76 -0.33 -21.03
C GLU A 22 -0.32 -0.30 -19.95
N GLN A 23 -0.89 -1.46 -19.67
CA GLN A 23 -1.94 -1.58 -18.66
C GLN A 23 -1.38 -2.19 -17.37
N LEU A 24 -1.66 -1.54 -16.26
CA LEU A 24 -1.19 -2.02 -14.95
C LEU A 24 -2.28 -1.88 -13.90
N PRO A 25 -2.27 -2.78 -12.91
CA PRO A 25 -3.24 -2.78 -11.82
C PRO A 25 -3.05 -1.60 -10.87
N CYS A 26 -4.16 -1.11 -10.32
CA CYS A 26 -4.12 0.02 -9.40
C CYS A 26 -5.14 -0.16 -8.27
N TYR A 27 -4.69 0.06 -7.04
CA TYR A 27 -5.55 -0.08 -5.88
C TYR A 27 -5.53 1.18 -5.02
N PHE A 28 -6.69 1.80 -4.85
CA PHE A 28 -6.81 3.02 -4.07
C PHE A 28 -6.66 2.71 -2.57
N VAL A 29 -5.89 3.54 -1.88
CA VAL A 29 -5.68 3.36 -0.44
C VAL A 29 -6.05 4.62 0.33
N MET A 30 -6.90 4.45 1.34
CA MET A 30 -7.33 5.57 2.17
C MET A 30 -6.56 5.61 3.48
N VAL A 31 -5.93 6.75 3.76
CA VAL A 31 -5.17 6.91 4.99
C VAL A 31 -5.85 7.87 5.95
N SER A 32 -5.76 7.59 7.25
CA SER A 32 -6.38 8.43 8.26
C SER A 32 -5.45 8.62 9.46
N LEU A 33 -5.15 9.87 9.78
CA LEU A 33 -4.27 10.19 10.89
C LEU A 33 -5.02 11.00 11.95
N GLN A 34 -5.17 10.40 13.13
CA GLN A 34 -5.86 11.05 14.23
C GLN A 34 -4.87 11.71 15.19
N GLU A 35 -4.61 13.00 14.97
CA GLU A 35 -3.68 13.75 15.80
C GLU A 35 -4.34 14.20 17.10
N VAL A 36 -3.62 14.98 17.89
CA VAL A 36 -4.14 15.47 19.16
C VAL A 36 -5.51 16.13 18.98
N GLY A 37 -6.32 16.11 20.03
CA GLY A 37 -7.64 16.70 19.96
C GLY A 37 -7.62 18.10 19.38
N GLY A 38 -6.54 18.83 19.64
CA GLY A 38 -6.41 20.19 19.14
C GLY A 38 -6.56 20.26 17.63
N VAL A 39 -6.09 19.21 16.94
CA VAL A 39 -6.16 19.16 15.49
C VAL A 39 -7.23 18.17 15.02
N GLU A 40 -7.81 18.44 13.86
CA GLU A 40 -8.85 17.58 13.31
C GLU A 40 -8.23 16.42 12.53
N THR A 41 -8.79 15.23 12.70
CA THR A 41 -8.29 14.03 12.03
C THR A 41 -8.35 14.21 10.51
N LYS A 42 -7.26 13.89 9.84
CA LYS A 42 -7.18 14.00 8.39
C LYS A 42 -7.51 12.66 7.72
N ASN A 43 -8.13 12.73 6.55
CA ASN A 43 -8.50 11.52 5.81
C ASN A 43 -8.44 11.77 4.31
N TRP A 44 -7.68 10.92 3.62
CA TRP A 44 -7.54 11.05 2.16
C TRP A 44 -7.30 9.69 1.52
N THR A 45 -7.37 9.65 0.19
CA THR A 45 -7.16 8.41 -0.54
C THR A 45 -6.22 8.62 -1.72
N VAL A 46 -5.38 7.62 -1.99
CA VAL A 46 -4.43 7.70 -3.09
C VAL A 46 -4.24 6.34 -3.75
N PRO A 47 -4.13 6.33 -5.09
CA PRO A 47 -3.94 5.11 -5.86
C PRO A 47 -2.56 4.50 -5.65
N ARG A 48 -2.50 3.17 -5.60
CA ARG A 48 -1.25 2.46 -5.39
C ARG A 48 -1.14 1.26 -6.34
N ARG A 49 -0.04 1.19 -7.07
CA ARG A 49 0.19 0.11 -8.01
C ARG A 49 0.70 -1.14 -7.29
N LEU A 50 0.55 -2.30 -7.93
CA LEU A 50 0.99 -3.55 -7.36
C LEU A 50 2.47 -3.52 -7.03
N SER A 51 3.28 -3.08 -7.99
CA SER A 51 4.73 -2.99 -7.81
C SER A 51 5.07 -2.16 -6.58
N GLU A 52 4.29 -1.10 -6.36
CA GLU A 52 4.51 -0.21 -5.23
C GLU A 52 4.44 -0.99 -3.91
N PHE A 53 3.35 -1.73 -3.73
CA PHE A 53 3.16 -2.51 -2.51
C PHE A 53 4.38 -3.39 -2.24
N GLN A 54 4.85 -4.08 -3.27
CA GLN A 54 6.00 -4.96 -3.14
C GLN A 54 7.24 -4.17 -2.73
N ASN A 55 7.43 -3.01 -3.35
CA ASN A 55 8.57 -2.15 -3.05
C ASN A 55 8.62 -1.82 -1.56
N LEU A 56 7.46 -1.51 -0.98
CA LEU A 56 7.37 -1.17 0.43
C LEU A 56 7.62 -2.40 1.30
N HIS A 57 7.09 -3.53 0.87
CA HIS A 57 7.25 -4.78 1.63
C HIS A 57 8.72 -5.05 1.92
N ARG A 58 9.55 -5.00 0.89
CA ARG A 58 10.98 -5.23 1.04
C ARG A 58 11.60 -4.24 2.01
N LYS A 59 11.31 -2.96 1.81
CA LYS A 59 11.83 -1.90 2.67
C LYS A 59 11.44 -2.15 4.12
N LEU A 60 10.24 -2.67 4.32
CA LEU A 60 9.75 -2.96 5.66
C LEU A 60 10.37 -4.23 6.22
N SER A 61 10.59 -5.21 5.35
CA SER A 61 11.19 -6.48 5.74
C SER A 61 12.47 -6.24 6.54
N GLU A 62 13.30 -5.33 6.06
CA GLU A 62 14.56 -5.02 6.73
C GLU A 62 14.32 -4.64 8.19
N CYS A 63 13.19 -4.01 8.45
CA CYS A 63 12.84 -3.59 9.80
C CYS A 63 12.22 -4.75 10.59
N VAL A 64 11.47 -5.59 9.89
CA VAL A 64 10.82 -6.74 10.52
C VAL A 64 10.99 -8.00 9.68
N PRO A 65 11.62 -9.02 10.27
CA PRO A 65 11.85 -10.30 9.59
C PRO A 65 10.56 -11.08 9.36
N SER A 66 9.70 -11.10 10.38
CA SER A 66 8.44 -11.81 10.29
C SER A 66 7.68 -11.43 9.04
N LEU A 67 7.74 -10.15 8.68
CA LEU A 67 7.06 -9.64 7.50
C LEU A 67 7.40 -10.47 6.27
N LYS A 68 8.61 -11.02 6.25
CA LYS A 68 9.07 -11.84 5.15
C LYS A 68 8.10 -12.98 4.87
N LYS A 69 7.37 -13.38 5.90
CA LYS A 69 6.39 -14.47 5.77
C LYS A 69 5.24 -14.06 4.87
N VAL A 70 4.98 -12.74 4.81
CA VAL A 70 3.90 -12.22 3.98
C VAL A 70 4.26 -12.29 2.51
N GLN A 71 3.30 -12.72 1.69
CA GLN A 71 3.51 -12.83 0.25
C GLN A 71 2.48 -12.01 -0.51
N LEU A 72 2.96 -11.06 -1.30
CA LEU A 72 2.09 -10.20 -2.09
C LEU A 72 1.90 -10.75 -3.50
N PRO A 73 0.78 -10.38 -4.14
CA PRO A 73 0.48 -10.83 -5.50
C PRO A 73 1.40 -10.20 -6.55
N SER A 74 1.45 -10.81 -7.72
CA SER A 74 2.29 -10.31 -8.81
C SER A 74 1.88 -10.89 -10.15
N LEU A 75 2.40 -10.33 -11.23
CA LEU A 75 2.08 -10.80 -12.57
C LEU A 75 3.19 -11.67 -13.13
N SER A 76 3.02 -12.13 -14.36
CA SER A 76 4.01 -12.97 -15.01
C SER A 76 4.46 -12.36 -16.33
N LYS A 77 4.50 -11.05 -16.38
CA LYS A 77 4.92 -10.33 -17.58
C LYS A 77 4.16 -10.85 -18.81
N LEU A 78 2.89 -11.18 -18.61
CA LEU A 78 2.05 -11.69 -19.69
C LEU A 78 1.38 -10.54 -20.43
N PRO A 79 1.75 -10.37 -21.71
CA PRO A 79 1.18 -9.31 -22.56
C PRO A 79 -0.28 -9.56 -22.91
N PHE A 80 -0.58 -10.78 -23.35
CA PHE A 80 -1.94 -11.14 -23.71
C PHE A 80 -2.83 -11.26 -22.48
N LYS A 81 -2.26 -11.80 -21.40
CA LYS A 81 -3.00 -11.97 -20.16
C LYS A 81 -3.07 -10.65 -19.39
N SER A 82 -3.94 -9.75 -19.85
CA SER A 82 -4.10 -8.44 -19.20
C SER A 82 -4.78 -8.59 -17.85
N ILE A 83 -4.65 -7.56 -17.01
CA ILE A 83 -5.26 -7.57 -15.70
C ILE A 83 -6.78 -7.62 -15.79
N ASP A 84 -7.38 -8.60 -15.12
CA ASP A 84 -8.84 -8.73 -15.13
C ASP A 84 -9.41 -8.49 -13.74
N GLN A 85 -10.74 -8.51 -13.64
CA GLN A 85 -11.41 -8.27 -12.38
C GLN A 85 -10.99 -9.31 -11.34
N LYS A 86 -10.92 -10.56 -11.76
CA LYS A 86 -10.52 -11.65 -10.87
C LYS A 86 -9.21 -11.33 -10.17
N PHE A 87 -8.16 -11.13 -10.97
CA PHE A 87 -6.84 -10.81 -10.43
C PHE A 87 -6.92 -9.64 -9.47
N MET A 88 -7.55 -8.56 -9.90
CA MET A 88 -7.69 -7.37 -9.07
C MET A 88 -8.33 -7.71 -7.73
N GLU A 89 -9.28 -8.64 -7.75
CA GLU A 89 -9.97 -9.05 -6.54
C GLU A 89 -9.08 -9.93 -5.67
N LYS A 90 -8.65 -11.06 -6.24
CA LYS A 90 -7.78 -11.99 -5.53
C LYS A 90 -6.57 -11.27 -4.95
N SER A 91 -6.07 -10.28 -5.68
CA SER A 91 -4.91 -9.52 -5.24
C SER A 91 -5.30 -8.48 -4.19
N LYS A 92 -6.42 -7.81 -4.42
CA LYS A 92 -6.91 -6.79 -3.49
C LYS A 92 -7.00 -7.34 -2.08
N ASN A 93 -7.47 -8.59 -1.95
CA ASN A 93 -7.60 -9.22 -0.65
C ASN A 93 -6.24 -9.35 0.02
N GLN A 94 -5.20 -9.58 -0.77
CA GLN A 94 -3.86 -9.72 -0.24
C GLN A 94 -3.29 -8.37 0.19
N LEU A 95 -3.64 -7.33 -0.57
CA LEU A 95 -3.17 -5.98 -0.27
C LEU A 95 -3.89 -5.40 0.94
N ASN A 96 -5.22 -5.55 0.96
CA ASN A 96 -6.03 -5.04 2.06
C ASN A 96 -5.49 -5.53 3.39
N LYS A 97 -5.22 -6.82 3.48
CA LYS A 97 -4.70 -7.42 4.71
C LYS A 97 -3.21 -7.09 4.87
N PHE A 98 -2.50 -7.01 3.76
CA PHE A 98 -1.07 -6.71 3.78
C PHE A 98 -0.80 -5.46 4.60
N LEU A 99 -1.55 -4.40 4.33
CA LEU A 99 -1.39 -3.14 5.05
C LEU A 99 -1.60 -3.33 6.55
N GLN A 100 -2.60 -4.12 6.91
CA GLN A 100 -2.91 -4.39 8.31
C GLN A 100 -1.68 -4.90 9.04
N ASN A 101 -0.96 -5.83 8.41
CA ASN A 101 0.25 -6.40 9.00
C ASN A 101 1.29 -5.31 9.28
N LEU A 102 1.27 -4.26 8.48
CA LEU A 102 2.21 -3.15 8.65
C LEU A 102 1.85 -2.32 9.86
N LEU A 103 0.56 -1.97 9.98
CA LEU A 103 0.09 -1.17 11.10
C LEU A 103 -0.05 -2.02 12.36
N SER A 104 0.06 -3.33 12.19
CA SER A 104 -0.07 -4.26 13.32
C SER A 104 1.27 -4.38 14.05
N ASP A 105 2.36 -4.08 13.36
CA ASP A 105 3.69 -4.16 13.96
C ASP A 105 4.11 -2.80 14.52
N GLU A 106 4.43 -2.77 15.81
CA GLU A 106 4.84 -1.55 16.47
C GLU A 106 6.10 -0.97 15.81
N ARG A 107 6.97 -1.86 15.35
CA ARG A 107 8.20 -1.44 14.69
C ARG A 107 7.91 -0.78 13.36
N LEU A 108 7.06 -1.41 12.56
CA LEU A 108 6.70 -0.90 11.25
C LEU A 108 5.89 0.39 11.37
N CYS A 109 5.07 0.46 12.41
CA CYS A 109 4.23 1.64 12.65
C CYS A 109 5.08 2.90 12.62
N GLN A 110 6.26 2.85 13.22
CA GLN A 110 7.15 4.00 13.27
C GLN A 110 8.05 4.03 12.03
N SER A 111 8.13 2.90 11.34
CA SER A 111 8.97 2.79 10.15
C SER A 111 8.56 3.84 9.11
N GLU A 112 9.48 4.77 8.83
CA GLU A 112 9.21 5.83 7.86
C GLU A 112 8.70 5.24 6.54
N ALA A 113 9.16 4.03 6.22
CA ALA A 113 8.75 3.36 4.99
C ALA A 113 7.23 3.37 4.85
N LEU A 114 6.53 3.27 5.98
CA LEU A 114 5.07 3.27 5.98
C LEU A 114 4.52 4.68 5.83
N TYR A 115 4.99 5.58 6.70
CA TYR A 115 4.54 6.97 6.67
C TYR A 115 4.63 7.54 5.26
N ALA A 116 5.65 7.12 4.52
CA ALA A 116 5.85 7.59 3.15
C ALA A 116 4.86 6.92 2.20
N PHE A 117 4.66 5.62 2.37
CA PHE A 117 3.74 4.88 1.52
C PHE A 117 2.30 5.34 1.73
N LEU A 118 1.97 5.67 2.97
CA LEU A 118 0.63 6.13 3.31
C LEU A 118 0.38 7.54 2.78
N SER A 119 1.46 8.31 2.63
CA SER A 119 1.36 9.68 2.13
C SER A 119 1.14 9.69 0.63
N PRO A 120 0.51 10.77 0.13
CA PRO A 120 0.23 10.93 -1.30
C PRO A 120 1.49 11.15 -2.12
N SER A 121 2.26 10.09 -2.33
CA SER A 121 3.49 10.16 -3.11
C SER A 121 3.46 9.20 -4.29
N PRO A 122 3.14 9.73 -5.47
CA PRO A 122 3.07 8.94 -6.71
C PRO A 122 4.44 8.48 -7.18
N ASP A 123 5.48 9.19 -6.76
CA ASP A 123 6.85 8.85 -7.13
C ASP A 123 7.48 7.93 -6.10
N TYR A 124 6.65 7.35 -5.24
CA TYR A 124 7.14 6.45 -4.20
C TYR A 124 7.95 5.31 -4.79
N LEU A 125 8.91 4.81 -4.02
CA LEU A 125 9.76 3.73 -4.47
C LEU A 125 9.51 2.46 -3.65
N GLY A 1 12.73 13.99 11.47
CA GLY A 1 11.80 13.31 12.34
C GLY A 1 10.68 12.65 11.58
N SER A 2 9.69 12.12 12.31
CA SER A 2 8.55 11.46 11.70
C SER A 2 7.24 12.02 12.23
N ASN A 3 7.18 12.21 13.54
CA ASN A 3 5.98 12.75 14.19
C ASN A 3 4.77 11.86 13.91
N LEU A 4 4.97 10.55 13.99
CA LEU A 4 3.91 9.58 13.75
C LEU A 4 3.59 8.81 15.02
N GLY A 5 2.72 7.81 14.90
CA GLY A 5 2.35 6.99 16.04
C GLY A 5 1.18 6.07 15.74
N MET A 6 0.05 6.66 15.35
CA MET A 6 -1.14 5.89 15.02
C MET A 6 -1.65 6.22 13.63
N TRP A 7 -1.52 5.26 12.71
CA TRP A 7 -1.97 5.46 11.34
C TRP A 7 -2.82 4.29 10.86
N LYS A 8 -3.87 4.59 10.11
CA LYS A 8 -4.76 3.56 9.60
C LYS A 8 -4.87 3.64 8.08
N ALA A 9 -4.68 2.50 7.42
CA ALA A 9 -4.76 2.44 5.96
C ALA A 9 -5.60 1.26 5.50
N SER A 10 -6.32 1.44 4.40
CA SER A 10 -7.18 0.39 3.87
C SER A 10 -7.61 0.72 2.44
N ILE A 11 -7.87 -0.32 1.65
CA ILE A 11 -8.29 -0.14 0.26
C ILE A 11 -9.80 -0.01 0.16
N THR A 12 -10.25 0.87 -0.72
CA THR A 12 -11.68 1.10 -0.91
C THR A 12 -12.14 0.60 -2.28
N SER A 13 -11.37 0.94 -3.31
CA SER A 13 -11.70 0.53 -4.68
C SER A 13 -10.43 0.23 -5.46
N GLY A 14 -10.61 -0.34 -6.66
CA GLY A 14 -9.47 -0.67 -7.49
C GLY A 14 -9.76 -0.49 -8.97
N GLU A 15 -8.75 -0.06 -9.72
CA GLU A 15 -8.90 0.16 -11.15
C GLU A 15 -7.58 -0.01 -11.89
N VAL A 16 -7.65 -0.15 -13.20
CA VAL A 16 -6.45 -0.33 -14.01
C VAL A 16 -6.18 0.90 -14.86
N THR A 17 -4.96 1.42 -14.78
CA THR A 17 -4.57 2.61 -15.54
C THR A 17 -3.87 2.21 -16.84
N GLU A 18 -3.47 3.22 -17.62
CA GLU A 18 -2.79 2.97 -18.88
C GLU A 18 -1.58 3.88 -19.03
N GLU A 19 -0.48 3.33 -19.53
CA GLU A 19 0.74 4.09 -19.72
C GLU A 19 1.65 3.41 -20.74
N ASN A 20 2.22 4.21 -21.64
CA ASN A 20 3.10 3.69 -22.68
C ASN A 20 2.44 2.54 -23.43
N GLY A 21 1.12 2.58 -23.51
CA GLY A 21 0.39 1.53 -24.21
C GLY A 21 0.31 0.25 -23.42
N GLU A 22 0.36 0.36 -22.09
CA GLU A 22 0.29 -0.80 -21.22
C GLU A 22 -0.66 -0.57 -20.06
N GLN A 23 -1.34 -1.63 -19.63
CA GLN A 23 -2.28 -1.53 -18.51
C GLN A 23 -1.68 -2.09 -17.24
N LEU A 24 -1.73 -1.31 -16.18
CA LEU A 24 -1.19 -1.73 -14.88
C LEU A 24 -2.26 -1.67 -13.79
N PRO A 25 -2.18 -2.59 -12.82
CA PRO A 25 -3.13 -2.65 -11.71
C PRO A 25 -2.97 -1.49 -10.74
N CYS A 26 -4.08 -0.91 -10.34
CA CYS A 26 -4.07 0.22 -9.41
C CYS A 26 -5.11 0.03 -8.30
N TYR A 27 -4.68 0.24 -7.06
CA TYR A 27 -5.58 0.09 -5.92
C TYR A 27 -5.56 1.33 -5.04
N PHE A 28 -6.72 1.95 -4.86
CA PHE A 28 -6.83 3.16 -4.05
C PHE A 28 -6.66 2.83 -2.57
N VAL A 29 -5.90 3.65 -1.87
CA VAL A 29 -5.67 3.45 -0.44
C VAL A 29 -6.04 4.70 0.36
N MET A 30 -6.90 4.51 1.36
CA MET A 30 -7.33 5.62 2.20
C MET A 30 -6.57 5.63 3.53
N VAL A 31 -5.97 6.76 3.86
CA VAL A 31 -5.21 6.91 5.09
C VAL A 31 -5.88 7.91 6.03
N SER A 32 -5.79 7.64 7.33
CA SER A 32 -6.38 8.51 8.34
C SER A 32 -5.46 8.66 9.54
N LEU A 33 -5.05 9.90 9.82
CA LEU A 33 -4.17 10.17 10.94
C LEU A 33 -4.87 11.00 12.01
N GLN A 34 -5.00 10.44 13.20
CA GLN A 34 -5.66 11.13 14.31
C GLN A 34 -4.64 11.83 15.21
N GLU A 35 -4.43 13.12 14.93
CA GLU A 35 -3.47 13.91 15.71
C GLU A 35 -4.07 14.30 17.05
N VAL A 36 -3.33 15.10 17.81
CA VAL A 36 -3.78 15.55 19.12
C VAL A 36 -5.19 16.13 19.05
N GLY A 37 -5.91 16.04 20.16
CA GLY A 37 -7.27 16.56 20.21
C GLY A 37 -7.37 17.98 19.66
N GLY A 38 -6.31 18.75 19.85
CA GLY A 38 -6.30 20.12 19.37
C GLY A 38 -6.52 20.21 17.87
N VAL A 39 -6.02 19.21 17.14
CA VAL A 39 -6.16 19.19 15.69
C VAL A 39 -7.18 18.14 15.25
N GLU A 40 -7.85 18.40 14.14
CA GLU A 40 -8.85 17.48 13.62
C GLU A 40 -8.19 16.34 12.83
N THR A 41 -8.77 15.14 12.94
CA THR A 41 -8.25 13.98 12.25
C THR A 41 -8.30 14.16 10.74
N LYS A 42 -7.21 13.82 10.06
CA LYS A 42 -7.13 13.94 8.61
C LYS A 42 -7.49 12.62 7.93
N ASN A 43 -8.00 12.72 6.71
CA ASN A 43 -8.39 11.53 5.95
C ASN A 43 -8.33 11.79 4.45
N TRP A 44 -7.59 10.96 3.73
CA TRP A 44 -7.46 11.11 2.29
C TRP A 44 -7.23 9.76 1.62
N THR A 45 -7.30 9.75 0.29
CA THR A 45 -7.11 8.51 -0.47
C THR A 45 -6.14 8.73 -1.63
N VAL A 46 -5.33 7.72 -1.91
CA VAL A 46 -4.37 7.79 -3.00
C VAL A 46 -4.18 6.44 -3.67
N PRO A 47 -4.06 6.45 -5.01
CA PRO A 47 -3.88 5.23 -5.80
C PRO A 47 -2.51 4.59 -5.58
N ARG A 48 -2.47 3.27 -5.56
CA ARG A 48 -1.22 2.54 -5.36
C ARG A 48 -1.13 1.35 -6.31
N ARG A 49 -0.02 1.27 -7.04
CA ARG A 49 0.19 0.17 -7.97
C ARG A 49 0.61 -1.10 -7.25
N LEU A 50 0.44 -2.24 -7.91
CA LEU A 50 0.81 -3.53 -7.33
C LEU A 50 2.29 -3.58 -6.99
N SER A 51 3.13 -3.27 -7.99
CA SER A 51 4.57 -3.29 -7.80
C SER A 51 4.97 -2.44 -6.59
N GLU A 52 4.35 -1.27 -6.45
CA GLU A 52 4.64 -0.37 -5.35
C GLU A 52 4.53 -1.11 -4.01
N PHE A 53 3.41 -1.82 -3.83
CA PHE A 53 3.18 -2.57 -2.60
C PHE A 53 4.37 -3.45 -2.27
N GLN A 54 4.97 -4.04 -3.31
CA GLN A 54 6.12 -4.92 -3.12
C GLN A 54 7.34 -4.14 -2.65
N ASN A 55 7.59 -3.00 -3.29
CA ASN A 55 8.73 -2.16 -2.94
C ASN A 55 8.71 -1.81 -1.45
N LEU A 56 7.53 -1.45 -0.95
CA LEU A 56 7.37 -1.09 0.46
C LEU A 56 7.64 -2.29 1.36
N HIS A 57 7.26 -3.48 0.89
CA HIS A 57 7.46 -4.71 1.65
C HIS A 57 8.94 -4.92 1.94
N ARG A 58 9.78 -4.63 0.96
CA ARG A 58 11.22 -4.79 1.11
C ARG A 58 11.78 -3.81 2.15
N LYS A 59 11.28 -2.58 2.12
CA LYS A 59 11.73 -1.56 3.05
C LYS A 59 11.25 -1.88 4.48
N LEU A 60 10.04 -2.42 4.57
CA LEU A 60 9.47 -2.78 5.88
C LEU A 60 10.11 -4.06 6.42
N SER A 61 10.41 -4.98 5.51
CA SER A 61 11.03 -6.26 5.91
C SER A 61 12.25 -6.02 6.78
N GLU A 62 13.09 -5.07 6.38
CA GLU A 62 14.30 -4.75 7.11
C GLU A 62 13.97 -4.44 8.58
N CYS A 63 12.80 -3.85 8.80
CA CYS A 63 12.37 -3.50 10.15
C CYS A 63 11.79 -4.70 10.87
N VAL A 64 11.12 -5.57 10.11
CA VAL A 64 10.51 -6.77 10.69
C VAL A 64 10.79 -7.99 9.83
N PRO A 65 11.47 -8.99 10.41
CA PRO A 65 11.81 -10.22 9.72
C PRO A 65 10.59 -11.10 9.44
N SER A 66 9.73 -11.24 10.44
CA SER A 66 8.52 -12.04 10.29
C SER A 66 7.75 -11.63 9.05
N LEU A 67 7.85 -10.37 8.68
CA LEU A 67 7.16 -9.86 7.50
C LEU A 67 7.44 -10.73 6.28
N LYS A 68 8.62 -11.32 6.24
CA LYS A 68 9.00 -12.19 5.13
C LYS A 68 7.97 -13.28 4.91
N LYS A 69 7.22 -13.62 5.96
CA LYS A 69 6.19 -14.64 5.88
C LYS A 69 5.05 -14.19 4.97
N VAL A 70 4.87 -12.89 4.86
CA VAL A 70 3.81 -12.34 4.01
C VAL A 70 4.19 -12.39 2.54
N GLN A 71 3.26 -12.86 1.71
CA GLN A 71 3.51 -12.97 0.27
C GLN A 71 2.54 -12.09 -0.51
N LEU A 72 3.07 -11.09 -1.21
CA LEU A 72 2.25 -10.19 -2.01
C LEU A 72 2.08 -10.72 -3.43
N PRO A 73 0.99 -10.29 -4.08
CA PRO A 73 0.69 -10.70 -5.46
C PRO A 73 1.67 -10.10 -6.47
N SER A 74 1.61 -10.59 -7.70
CA SER A 74 2.48 -10.11 -8.76
C SER A 74 1.76 -10.11 -10.11
N LEU A 75 2.41 -9.51 -11.11
CA LEU A 75 1.83 -9.45 -12.44
C LEU A 75 2.55 -10.40 -13.40
N SER A 76 2.09 -10.42 -14.65
CA SER A 76 2.70 -11.29 -15.66
C SER A 76 2.90 -10.54 -16.97
N LYS A 77 3.77 -11.07 -17.82
CA LYS A 77 4.05 -10.45 -19.12
C LYS A 77 3.20 -11.08 -20.21
N LEU A 78 1.97 -11.45 -19.87
CA LEU A 78 1.06 -12.06 -20.83
C LEU A 78 0.24 -11.00 -21.56
N PRO A 79 0.46 -10.88 -22.88
CA PRO A 79 -0.25 -9.91 -23.72
C PRO A 79 -1.73 -10.27 -23.88
N PHE A 80 -2.02 -11.55 -23.91
CA PHE A 80 -3.40 -12.03 -24.07
C PHE A 80 -4.15 -11.96 -22.75
N LYS A 81 -3.46 -12.30 -21.66
CA LYS A 81 -4.07 -12.27 -20.34
C LYS A 81 -3.91 -10.91 -19.69
N SER A 82 -4.89 -10.04 -19.88
CA SER A 82 -4.86 -8.69 -19.32
C SER A 82 -5.46 -8.68 -17.91
N ILE A 83 -5.02 -7.72 -17.11
CA ILE A 83 -5.51 -7.60 -15.73
C ILE A 83 -7.03 -7.57 -15.69
N ASP A 84 -7.61 -8.61 -15.09
CA ASP A 84 -9.06 -8.70 -14.98
C ASP A 84 -9.51 -8.62 -13.53
N GLN A 85 -10.82 -8.66 -13.30
CA GLN A 85 -11.37 -8.59 -11.95
C GLN A 85 -10.87 -9.76 -11.11
N LYS A 86 -10.78 -10.93 -11.72
CA LYS A 86 -10.32 -12.12 -11.01
C LYS A 86 -8.98 -11.86 -10.31
N PHE A 87 -8.10 -11.13 -10.98
CA PHE A 87 -6.79 -10.80 -10.42
C PHE A 87 -6.88 -9.60 -9.49
N MET A 88 -7.58 -8.56 -9.93
CA MET A 88 -7.73 -7.35 -9.14
C MET A 88 -8.29 -7.68 -7.76
N GLU A 89 -9.22 -8.63 -7.71
CA GLU A 89 -9.83 -9.04 -6.45
C GLU A 89 -8.89 -9.93 -5.64
N LYS A 90 -8.44 -11.02 -6.27
CA LYS A 90 -7.54 -11.96 -5.62
C LYS A 90 -6.33 -11.22 -5.03
N SER A 91 -5.88 -10.20 -5.73
CA SER A 91 -4.72 -9.41 -5.28
C SER A 91 -5.14 -8.38 -4.24
N LYS A 92 -6.30 -7.77 -4.46
CA LYS A 92 -6.82 -6.75 -3.55
C LYS A 92 -6.88 -7.29 -2.12
N ASN A 93 -7.35 -8.52 -1.97
CA ASN A 93 -7.46 -9.15 -0.66
C ASN A 93 -6.08 -9.28 -0.01
N GLN A 94 -5.06 -9.50 -0.83
CA GLN A 94 -3.70 -9.64 -0.32
C GLN A 94 -3.13 -8.28 0.09
N LEU A 95 -3.50 -7.24 -0.64
CA LEU A 95 -3.03 -5.89 -0.35
C LEU A 95 -3.76 -5.31 0.86
N ASN A 96 -5.07 -5.49 0.89
CA ASN A 96 -5.88 -4.98 1.99
C ASN A 96 -5.35 -5.47 3.33
N LYS A 97 -5.08 -6.77 3.41
CA LYS A 97 -4.57 -7.37 4.65
C LYS A 97 -3.08 -7.04 4.82
N PHE A 98 -2.37 -6.93 3.71
CA PHE A 98 -0.95 -6.62 3.74
C PHE A 98 -0.68 -5.38 4.60
N LEU A 99 -1.44 -4.33 4.35
CA LEU A 99 -1.29 -3.08 5.08
C LEU A 99 -1.50 -3.30 6.58
N GLN A 100 -2.53 -4.09 6.91
CA GLN A 100 -2.84 -4.39 8.29
C GLN A 100 -1.62 -4.92 9.04
N ASN A 101 -0.89 -5.82 8.38
CA ASN A 101 0.31 -6.41 8.97
C ASN A 101 1.35 -5.33 9.29
N LEU A 102 1.34 -4.26 8.50
CA LEU A 102 2.29 -3.16 8.70
C LEU A 102 1.91 -2.34 9.92
N LEU A 103 0.62 -2.01 10.04
CA LEU A 103 0.13 -1.22 11.17
C LEU A 103 -0.01 -2.08 12.41
N SER A 104 0.06 -3.41 12.23
CA SER A 104 -0.07 -4.34 13.33
C SER A 104 1.26 -4.47 14.08
N ASP A 105 2.36 -4.16 13.40
CA ASP A 105 3.68 -4.24 14.00
C ASP A 105 4.15 -2.86 14.45
N GLU A 106 4.50 -2.74 15.72
CA GLU A 106 4.97 -1.48 16.28
C GLU A 106 6.24 -1.01 15.58
N ARG A 107 7.08 -1.97 15.19
CA ARG A 107 8.33 -1.66 14.51
C ARG A 107 8.06 -0.94 13.19
N LEU A 108 7.11 -1.45 12.42
CA LEU A 108 6.77 -0.86 11.13
C LEU A 108 5.95 0.41 11.33
N CYS A 109 5.13 0.43 12.37
CA CYS A 109 4.30 1.58 12.67
C CYS A 109 5.12 2.87 12.66
N GLN A 110 6.32 2.80 13.24
CA GLN A 110 7.21 3.96 13.29
C GLN A 110 8.10 4.02 12.07
N SER A 111 8.19 2.91 11.34
CA SER A 111 9.02 2.83 10.15
C SER A 111 8.58 3.86 9.12
N GLU A 112 9.48 4.79 8.80
CA GLU A 112 9.18 5.83 7.82
C GLU A 112 8.64 5.24 6.53
N ALA A 113 9.10 4.03 6.20
CA ALA A 113 8.66 3.35 5.00
C ALA A 113 7.14 3.33 4.89
N LEU A 114 6.47 3.17 6.03
CA LEU A 114 5.02 3.14 6.07
C LEU A 114 4.44 4.51 5.76
N TYR A 115 4.77 5.49 6.58
CA TYR A 115 4.28 6.85 6.40
C TYR A 115 4.48 7.31 4.96
N ALA A 116 5.54 6.83 4.33
CA ALA A 116 5.85 7.18 2.96
C ALA A 116 4.84 6.58 1.99
N PHE A 117 4.67 5.27 2.06
CA PHE A 117 3.73 4.56 1.20
C PHE A 117 2.30 5.02 1.47
N LEU A 118 2.00 5.26 2.73
CA LEU A 118 0.67 5.70 3.13
C LEU A 118 0.41 7.14 2.70
N SER A 119 1.49 7.92 2.57
CA SER A 119 1.38 9.31 2.17
C SER A 119 1.22 9.43 0.66
N PRO A 120 0.68 10.57 0.20
CA PRO A 120 0.46 10.83 -1.21
C PRO A 120 1.77 11.03 -1.98
N SER A 121 2.49 9.93 -2.20
CA SER A 121 3.77 9.99 -2.92
C SER A 121 3.75 9.06 -4.12
N PRO A 122 3.47 9.63 -5.31
CA PRO A 122 3.43 8.87 -6.56
C PRO A 122 4.80 8.38 -7.00
N ASP A 123 5.84 9.07 -6.55
CA ASP A 123 7.21 8.71 -6.90
C ASP A 123 7.81 7.78 -5.83
N TYR A 124 6.95 7.21 -5.00
CA TYR A 124 7.38 6.30 -3.95
C TYR A 124 8.25 5.18 -4.52
N LEU A 125 9.25 4.76 -3.76
CA LEU A 125 10.14 3.69 -4.18
C LEU A 125 9.92 2.44 -3.35
N GLY A 1 11.01 16.44 13.48
CA GLY A 1 10.24 15.34 14.01
C GLY A 1 9.34 14.69 12.98
N SER A 2 8.83 13.51 13.30
CA SER A 2 7.96 12.78 12.37
C SER A 2 6.49 13.07 12.68
N ASN A 3 6.17 13.21 13.96
CA ASN A 3 4.81 13.48 14.38
C ASN A 3 3.88 12.34 14.02
N LEU A 4 4.37 11.11 14.16
CA LEU A 4 3.59 9.93 13.84
C LEU A 4 3.32 9.10 15.09
N GLY A 5 2.56 8.02 14.93
CA GLY A 5 2.24 7.16 16.06
C GLY A 5 1.04 6.27 15.79
N MET A 6 -0.06 6.88 15.34
CA MET A 6 -1.27 6.14 15.05
C MET A 6 -1.75 6.43 13.63
N TRP A 7 -1.64 5.43 12.76
CA TRP A 7 -2.08 5.58 11.37
C TRP A 7 -2.89 4.38 10.92
N LYS A 8 -3.86 4.62 10.04
CA LYS A 8 -4.71 3.55 9.53
C LYS A 8 -4.81 3.62 8.02
N ALA A 9 -4.59 2.48 7.37
CA ALA A 9 -4.66 2.40 5.90
C ALA A 9 -5.50 1.21 5.45
N SER A 10 -6.23 1.39 4.35
CA SER A 10 -7.07 0.33 3.82
C SER A 10 -7.51 0.66 2.40
N ILE A 11 -7.72 -0.39 1.61
CA ILE A 11 -8.15 -0.22 0.21
C ILE A 11 -9.67 -0.05 0.13
N THR A 12 -10.10 0.84 -0.75
CA THR A 12 -11.53 1.09 -0.94
C THR A 12 -12.01 0.57 -2.30
N SER A 13 -11.25 0.88 -3.34
CA SER A 13 -11.59 0.45 -4.69
C SER A 13 -10.34 0.10 -5.49
N GLY A 14 -10.54 -0.40 -6.71
CA GLY A 14 -9.42 -0.78 -7.55
C GLY A 14 -9.72 -0.61 -9.02
N GLU A 15 -8.72 -0.23 -9.79
CA GLU A 15 -8.88 -0.03 -11.23
C GLU A 15 -7.55 -0.19 -11.96
N VAL A 16 -7.63 -0.38 -13.28
CA VAL A 16 -6.43 -0.56 -14.09
C VAL A 16 -6.18 0.66 -14.97
N THR A 17 -4.98 1.23 -14.87
CA THR A 17 -4.62 2.41 -15.64
C THR A 17 -3.86 2.01 -16.92
N GLU A 18 -3.50 3.00 -17.72
CA GLU A 18 -2.78 2.75 -18.96
C GLU A 18 -1.62 3.74 -19.12
N GLU A 19 -0.47 3.21 -19.53
CA GLU A 19 0.72 4.05 -19.72
C GLU A 19 1.71 3.37 -20.64
N ASN A 20 2.11 4.07 -21.69
CA ASN A 20 3.07 3.54 -22.66
C ASN A 20 2.48 2.33 -23.40
N GLY A 21 1.16 2.35 -23.56
CA GLY A 21 0.50 1.25 -24.26
C GLY A 21 0.45 -0.02 -23.43
N GLU A 22 0.46 0.14 -22.10
CA GLU A 22 0.43 -1.00 -21.20
C GLU A 22 -0.55 -0.76 -20.06
N GLN A 23 -1.19 -1.83 -19.59
CA GLN A 23 -2.15 -1.74 -18.51
C GLN A 23 -1.55 -2.24 -17.20
N LEU A 24 -1.63 -1.42 -16.16
CA LEU A 24 -1.09 -1.79 -14.85
C LEU A 24 -2.17 -1.74 -13.78
N PRO A 25 -2.08 -2.65 -12.80
CA PRO A 25 -3.04 -2.72 -11.70
C PRO A 25 -2.91 -1.54 -10.74
N CYS A 26 -4.05 -0.96 -10.37
CA CYS A 26 -4.06 0.19 -9.46
C CYS A 26 -5.08 -0.02 -8.34
N TYR A 27 -4.64 0.18 -7.11
CA TYR A 27 -5.51 0.01 -5.95
C TYR A 27 -5.50 1.26 -5.07
N PHE A 28 -6.66 1.90 -4.93
CA PHE A 28 -6.79 3.10 -4.12
C PHE A 28 -6.69 2.77 -2.63
N VAL A 29 -5.92 3.55 -1.90
CA VAL A 29 -5.74 3.34 -0.47
C VAL A 29 -6.09 4.61 0.32
N MET A 30 -6.91 4.45 1.35
CA MET A 30 -7.31 5.57 2.19
C MET A 30 -6.54 5.58 3.50
N VAL A 31 -5.98 6.73 3.84
CA VAL A 31 -5.21 6.88 5.08
C VAL A 31 -5.93 7.77 6.06
N SER A 32 -5.75 7.49 7.35
CA SER A 32 -6.39 8.28 8.41
C SER A 32 -5.40 8.59 9.53
N LEU A 33 -5.24 9.87 9.83
CA LEU A 33 -4.34 10.30 10.88
C LEU A 33 -5.10 10.89 12.06
N GLN A 34 -5.06 10.19 13.19
CA GLN A 34 -5.75 10.64 14.40
C GLN A 34 -4.77 11.17 15.42
N GLU A 35 -4.54 12.48 15.41
CA GLU A 35 -3.61 13.11 16.35
C GLU A 35 -4.33 13.52 17.63
N VAL A 36 -3.60 14.19 18.51
CA VAL A 36 -4.17 14.65 19.78
C VAL A 36 -5.48 15.39 19.56
N GLY A 37 -6.33 15.40 20.59
CA GLY A 37 -7.61 16.08 20.49
C GLY A 37 -7.47 17.48 19.92
N GLY A 38 -6.35 18.13 20.22
CA GLY A 38 -6.12 19.48 19.72
C GLY A 38 -6.22 19.58 18.22
N VAL A 39 -5.81 18.51 17.53
CA VAL A 39 -5.86 18.48 16.07
C VAL A 39 -7.01 17.62 15.58
N GLU A 40 -7.52 17.94 14.39
CA GLU A 40 -8.63 17.20 13.80
C GLU A 40 -8.11 16.04 12.96
N THR A 41 -8.70 14.86 13.15
CA THR A 41 -8.29 13.68 12.40
C THR A 41 -8.48 13.89 10.90
N LYS A 42 -7.38 13.78 10.15
CA LYS A 42 -7.42 13.95 8.70
C LYS A 42 -7.60 12.61 8.00
N ASN A 43 -8.04 12.66 6.75
CA ASN A 43 -8.25 11.45 5.95
C ASN A 43 -8.18 11.75 4.46
N TRP A 44 -7.59 10.85 3.71
CA TRP A 44 -7.46 11.01 2.26
C TRP A 44 -7.24 9.67 1.57
N THR A 45 -7.34 9.68 0.25
CA THR A 45 -7.15 8.46 -0.53
C THR A 45 -6.13 8.66 -1.65
N VAL A 46 -5.34 7.64 -1.93
CA VAL A 46 -4.32 7.71 -2.97
C VAL A 46 -4.14 6.37 -3.67
N PRO A 47 -3.99 6.40 -5.00
CA PRO A 47 -3.81 5.18 -5.80
C PRO A 47 -2.45 4.53 -5.56
N ARG A 48 -2.44 3.20 -5.52
CA ARG A 48 -1.21 2.45 -5.29
C ARG A 48 -1.09 1.29 -6.26
N ARG A 49 0.04 1.21 -6.96
CA ARG A 49 0.27 0.14 -7.93
C ARG A 49 0.81 -1.11 -7.23
N LEU A 50 0.64 -2.26 -7.88
CA LEU A 50 1.12 -3.53 -7.32
C LEU A 50 2.60 -3.44 -6.98
N SER A 51 3.40 -3.00 -7.94
CA SER A 51 4.85 -2.88 -7.73
C SER A 51 5.15 -2.08 -6.47
N GLU A 52 4.47 -0.95 -6.33
CA GLU A 52 4.67 -0.09 -5.16
C GLU A 52 4.54 -0.88 -3.86
N PHE A 53 3.45 -1.65 -3.75
CA PHE A 53 3.21 -2.45 -2.56
C PHE A 53 4.39 -3.37 -2.27
N GLN A 54 4.92 -3.99 -3.32
CA GLN A 54 6.05 -4.90 -3.18
C GLN A 54 7.29 -4.14 -2.69
N ASN A 55 7.49 -2.94 -3.20
CA ASN A 55 8.63 -2.11 -2.82
C ASN A 55 8.60 -1.81 -1.31
N LEU A 56 7.46 -1.32 -0.84
CA LEU A 56 7.30 -0.98 0.57
C LEU A 56 7.51 -2.22 1.44
N HIS A 57 7.08 -3.38 0.96
CA HIS A 57 7.22 -4.63 1.69
C HIS A 57 8.69 -4.90 2.01
N ARG A 58 9.50 -5.07 0.96
CA ARG A 58 10.92 -5.33 1.12
C ARG A 58 11.56 -4.32 2.07
N LYS A 59 11.30 -3.05 1.83
CA LYS A 59 11.84 -1.98 2.66
C LYS A 59 11.55 -2.23 4.13
N LEU A 60 10.38 -2.80 4.40
CA LEU A 60 9.96 -3.09 5.77
C LEU A 60 10.58 -4.40 6.26
N SER A 61 10.64 -5.38 5.36
CA SER A 61 11.20 -6.69 5.71
C SER A 61 12.59 -6.53 6.33
N GLU A 62 13.34 -5.55 5.84
CA GLU A 62 14.68 -5.30 6.35
C GLU A 62 14.65 -4.94 7.83
N CYS A 63 13.60 -4.22 8.23
CA CYS A 63 13.44 -3.81 9.63
C CYS A 63 12.82 -4.92 10.46
N VAL A 64 11.92 -5.68 9.84
CA VAL A 64 11.26 -6.79 10.52
C VAL A 64 11.21 -8.04 9.63
N PRO A 65 11.82 -9.13 10.13
CA PRO A 65 11.86 -10.41 9.41
C PRO A 65 10.49 -11.08 9.33
N SER A 66 9.69 -10.91 10.38
CA SER A 66 8.36 -11.50 10.42
C SER A 66 7.56 -11.14 9.17
N LEU A 67 7.76 -9.91 8.69
CA LEU A 67 7.05 -9.46 7.49
C LEU A 67 7.43 -10.30 6.28
N LYS A 68 8.67 -10.78 6.25
CA LYS A 68 9.15 -11.60 5.15
C LYS A 68 8.24 -12.80 4.93
N LYS A 69 7.53 -13.21 5.98
CA LYS A 69 6.63 -14.34 5.91
C LYS A 69 5.44 -14.02 5.01
N VAL A 70 5.11 -12.74 4.91
CA VAL A 70 3.98 -12.30 4.08
C VAL A 70 4.33 -12.40 2.60
N GLN A 71 3.36 -12.85 1.80
CA GLN A 71 3.56 -13.01 0.36
C GLN A 71 2.56 -12.15 -0.41
N LEU A 72 3.07 -11.16 -1.13
CA LEU A 72 2.23 -10.28 -1.92
C LEU A 72 2.05 -10.81 -3.34
N PRO A 73 0.95 -10.39 -3.99
CA PRO A 73 0.63 -10.82 -5.35
C PRO A 73 1.60 -10.22 -6.38
N SER A 74 1.53 -10.73 -7.60
CA SER A 74 2.40 -10.26 -8.68
C SER A 74 1.76 -10.49 -10.04
N LEU A 75 2.44 -10.06 -11.09
CA LEU A 75 1.94 -10.23 -12.45
C LEU A 75 3.09 -10.33 -13.45
N SER A 76 2.77 -10.77 -14.66
CA SER A 76 3.78 -10.91 -15.71
C SER A 76 3.63 -9.82 -16.76
N LYS A 77 4.70 -9.57 -17.51
CA LYS A 77 4.69 -8.56 -18.55
C LYS A 77 4.37 -9.17 -19.91
N LEU A 78 3.52 -10.19 -19.91
CA LEU A 78 3.13 -10.87 -21.14
C LEU A 78 1.89 -10.21 -21.74
N PRO A 79 1.74 -10.36 -23.07
CA PRO A 79 0.60 -9.79 -23.80
C PRO A 79 -0.71 -10.49 -23.48
N PHE A 80 -0.62 -11.79 -23.20
CA PHE A 80 -1.80 -12.59 -22.87
C PHE A 80 -2.14 -12.47 -21.39
N LYS A 81 -1.11 -12.39 -20.55
CA LYS A 81 -1.28 -12.28 -19.12
C LYS A 81 -1.73 -10.87 -18.73
N SER A 82 -2.95 -10.52 -19.09
CA SER A 82 -3.50 -9.20 -18.78
C SER A 82 -4.17 -9.19 -17.41
N ILE A 83 -4.45 -7.99 -16.91
CA ILE A 83 -5.09 -7.84 -15.61
C ILE A 83 -6.61 -7.94 -15.73
N ASP A 84 -7.17 -9.00 -15.17
CA ASP A 84 -8.61 -9.21 -15.21
C ASP A 84 -9.24 -8.98 -13.84
N GLN A 85 -10.57 -8.87 -13.81
CA GLN A 85 -11.28 -8.64 -12.56
C GLN A 85 -10.94 -9.71 -11.53
N LYS A 86 -10.77 -10.94 -12.00
CA LYS A 86 -10.43 -12.06 -11.12
C LYS A 86 -9.20 -11.74 -10.28
N PHE A 87 -8.22 -11.10 -10.90
CA PHE A 87 -6.98 -10.74 -10.22
C PHE A 87 -7.18 -9.48 -9.38
N MET A 88 -7.90 -8.51 -9.93
CA MET A 88 -8.16 -7.25 -9.24
C MET A 88 -8.72 -7.51 -7.84
N GLU A 89 -9.53 -8.55 -7.72
CA GLU A 89 -10.13 -8.91 -6.43
C GLU A 89 -9.21 -9.82 -5.64
N LYS A 90 -8.74 -10.88 -6.27
CA LYS A 90 -7.84 -11.83 -5.62
C LYS A 90 -6.66 -11.10 -4.97
N SER A 91 -6.00 -10.24 -5.74
CA SER A 91 -4.85 -9.50 -5.23
C SER A 91 -5.29 -8.49 -4.17
N LYS A 92 -6.42 -7.83 -4.42
CA LYS A 92 -6.95 -6.84 -3.49
C LYS A 92 -7.03 -7.41 -2.07
N ASN A 93 -7.44 -8.68 -1.98
CA ASN A 93 -7.56 -9.34 -0.69
C ASN A 93 -6.20 -9.43 0.02
N GLN A 94 -5.15 -9.60 -0.77
CA GLN A 94 -3.80 -9.70 -0.23
C GLN A 94 -3.27 -8.32 0.16
N LEU A 95 -3.63 -7.31 -0.61
CA LEU A 95 -3.20 -5.94 -0.34
C LEU A 95 -3.93 -5.36 0.86
N ASN A 96 -5.25 -5.51 0.88
CA ASN A 96 -6.06 -5.01 1.99
C ASN A 96 -5.52 -5.49 3.32
N LYS A 97 -5.24 -6.78 3.42
CA LYS A 97 -4.72 -7.37 4.64
C LYS A 97 -3.24 -7.03 4.82
N PHE A 98 -2.52 -6.93 3.70
CA PHE A 98 -1.10 -6.61 3.75
C PHE A 98 -0.85 -5.34 4.56
N LEU A 99 -1.63 -4.30 4.29
CA LEU A 99 -1.50 -3.04 5.00
C LEU A 99 -1.71 -3.23 6.50
N GLN A 100 -2.70 -4.04 6.86
CA GLN A 100 -2.99 -4.31 8.26
C GLN A 100 -1.76 -4.81 8.99
N ASN A 101 -1.03 -5.73 8.35
CA ASN A 101 0.17 -6.30 8.94
C ASN A 101 1.19 -5.21 9.26
N LEU A 102 1.19 -4.16 8.44
CA LEU A 102 2.12 -3.05 8.62
C LEU A 102 1.73 -2.21 9.84
N LEU A 103 0.45 -1.89 9.94
CA LEU A 103 -0.05 -1.10 11.06
C LEU A 103 -0.19 -1.96 12.32
N SER A 104 -0.03 -3.27 12.15
CA SER A 104 -0.14 -4.19 13.27
C SER A 104 1.20 -4.35 13.99
N ASP A 105 2.28 -4.06 13.26
CA ASP A 105 3.62 -4.17 13.82
C ASP A 105 4.07 -2.84 14.43
N GLU A 106 4.38 -2.85 15.72
CA GLU A 106 4.81 -1.64 16.42
C GLU A 106 6.06 -1.06 15.76
N ARG A 107 6.92 -1.94 15.25
CA ARG A 107 8.16 -1.51 14.60
C ARG A 107 7.85 -0.77 13.31
N LEU A 108 6.97 -1.35 12.48
CA LEU A 108 6.60 -0.75 11.22
C LEU A 108 5.76 0.51 11.44
N CYS A 109 4.95 0.50 12.48
CA CYS A 109 4.11 1.65 12.82
C CYS A 109 4.92 2.94 12.84
N GLN A 110 6.15 2.84 13.31
CA GLN A 110 7.03 4.00 13.40
C GLN A 110 7.97 4.07 12.20
N SER A 111 8.08 2.95 11.48
CA SER A 111 8.95 2.87 10.31
C SER A 111 8.54 3.91 9.27
N GLU A 112 9.46 4.81 8.95
CA GLU A 112 9.20 5.85 7.96
C GLU A 112 8.64 5.26 6.67
N ALA A 113 9.09 4.05 6.35
CA ALA A 113 8.63 3.36 5.14
C ALA A 113 7.11 3.35 5.05
N LEU A 114 6.47 3.27 6.21
CA LEU A 114 5.00 3.25 6.27
C LEU A 114 4.43 4.65 6.05
N TYR A 115 4.77 5.57 6.93
CA TYR A 115 4.29 6.95 6.84
C TYR A 115 4.51 7.50 5.43
N ALA A 116 5.62 7.10 4.80
CA ALA A 116 5.93 7.54 3.46
C ALA A 116 4.99 6.94 2.43
N PHE A 117 4.63 5.68 2.63
CA PHE A 117 3.73 4.97 1.72
C PHE A 117 2.29 5.44 1.93
N LEU A 118 1.94 5.73 3.18
CA LEU A 118 0.59 6.18 3.51
C LEU A 118 0.36 7.61 3.02
N SER A 119 1.45 8.38 2.92
CA SER A 119 1.36 9.77 2.47
C SER A 119 1.14 9.83 0.97
N PRO A 120 0.52 10.93 0.51
CA PRO A 120 0.22 11.15 -0.91
C PRO A 120 1.49 11.40 -1.73
N SER A 121 2.25 10.34 -1.97
CA SER A 121 3.49 10.45 -2.74
C SER A 121 3.47 9.51 -3.94
N PRO A 122 3.14 10.06 -5.11
CA PRO A 122 3.07 9.28 -6.36
C PRO A 122 4.45 8.85 -6.84
N ASP A 123 5.48 9.56 -6.41
CA ASP A 123 6.86 9.25 -6.80
C ASP A 123 7.51 8.32 -5.77
N TYR A 124 6.68 7.72 -4.92
CA TYR A 124 7.18 6.81 -3.89
C TYR A 124 8.04 5.71 -4.50
N LEU A 125 9.01 5.23 -3.73
CA LEU A 125 9.90 4.18 -4.19
C LEU A 125 9.64 2.87 -3.45
#